data_7MS2
#
_entry.id   7MS2
#
_cell.length_a   63.840
_cell.length_b   148.060
_cell.length_c   198.640
_cell.angle_alpha   90.000
_cell.angle_beta   90.000
_cell.angle_gamma   90.000
#
_symmetry.space_group_name_H-M   'P 21 21 21'
#
loop_
_entity.id
_entity.type
_entity.pdbx_description
1 polymer 'Thermostable beta-glucosidase B'
2 non-polymer GLYCEROL
3 non-polymer BETA-MERCAPTOETHANOL
4 non-polymer 'CHLORIDE ION'
5 water water
#
_entity_poly.entity_id   1
_entity_poly.type   'polypeptide(L)'
_entity_poly.pdbx_seq_one_letter_code
;MAVDIKKIIKQMTLEEKAGLCSGLDFWHTKPVERLGIPSIMMTDGPHGLRKQREDAEIADINNSVPATCFPSAAGLACSW
DRELVERVGAALGEECQAENVSILLGPGANIKRSPLCGRNFEYFSEDPYLSSELAASHIKGVQSQGVGACLKHFAANNQE
HRRMTVDTIVDERTLREIYFASFENAVKKARPWVVMCAYNKLNGEYCSENRYLLTEVLKNEWMHDGFVVSDWGAVNDRVS
GLDAGLDLEMPTSHGITDKKIVEAVKSGKLSENILNRAVERILKVIFMALENKKENAQYDKDAHHRLARQAAAESMVLLK
NEDDVLPLKKSGTIALIGAFVKKPRYQGSGSSHITPTRLDDIYEEIKKAGGDKVNLVYSEGYRLENDGIDEELINEAKKA
ASSSDVAVVFAGLPDEYESEGFDRTHMSIPENQNRLIEAVAEVQSNIVVVLLNGSPVEMPWIDKVKSVLEAYLGGQALGG
ALADVLFGEVNPSGKLAETFPVKLSHNPSYLNFPGEDDRVEYKEGLFVGYRYYDTKGIEPLFPFGHGLSYTKFEYSDISV
DKKDVSDNSIINVSVKVKNVGKMAGKEIVQLYVKDVKSSVRRPEKELKGFEKVFLNPGEEKTVTFTLDKRAFAYYNTQIK
DWHVESGEFLILIGRSSRDIVLKESVRVNSTVKIRKRFTVNSAVEDVMSDSSAAAVLGPVLKEITDALQIDMDNAHDMMA
ANIKNMPLRSLVGY(SEP)QGRLSEEMLEELVDKINNVE
;
_entity_poly.pdbx_strand_id   A,B
#
loop_
_chem_comp.id
_chem_comp.type
_chem_comp.name
_chem_comp.formula
BME non-polymer BETA-MERCAPTOETHANOL 'C2 H6 O S'
CL non-polymer 'CHLORIDE ION' 'Cl -1'
GOL non-polymer GLYCEROL 'C3 H8 O3'
#
# COMPACT_ATOMS: atom_id res chain seq x y z
N MET A 1 -16.81 7.06 -49.58
CA MET A 1 -15.72 6.08 -49.66
C MET A 1 -16.13 4.75 -49.04
N ALA A 2 -16.93 4.82 -47.98
CA ALA A 2 -17.35 3.61 -47.28
C ALA A 2 -18.22 2.71 -48.16
N VAL A 3 -18.98 3.30 -49.07
CA VAL A 3 -19.76 2.49 -50.01
C VAL A 3 -18.84 1.71 -50.94
N ASP A 4 -17.69 2.29 -51.30
CA ASP A 4 -16.72 1.55 -52.10
C ASP A 4 -16.00 0.49 -51.27
N ILE A 5 -15.87 0.70 -49.97
CA ILE A 5 -15.22 -0.29 -49.11
C ILE A 5 -16.06 -1.56 -49.05
N LYS A 6 -17.38 -1.41 -48.85
CA LYS A 6 -18.25 -2.58 -48.81
C LYS A 6 -18.25 -3.32 -50.14
N LYS A 7 -18.14 -2.59 -51.25
CA LYS A 7 -18.09 -3.24 -52.56
C LYS A 7 -16.81 -4.04 -52.75
N ILE A 8 -15.70 -3.61 -52.15
CA ILE A 8 -14.45 -4.34 -52.29
C ILE A 8 -14.48 -5.62 -51.48
N ILE A 9 -15.03 -5.57 -50.27
CA ILE A 9 -15.07 -6.76 -49.42
C ILE A 9 -15.96 -7.83 -50.04
N LYS A 10 -17.01 -7.43 -50.76
CA LYS A 10 -17.84 -8.41 -51.45
C LYS A 10 -17.05 -9.14 -52.54
N GLN A 11 -16.04 -8.50 -53.12
CA GLN A 11 -15.24 -9.08 -54.17
C GLN A 11 -14.06 -9.89 -53.65
N MET A 12 -13.74 -9.78 -52.36
CA MET A 12 -12.61 -10.52 -51.80
C MET A 12 -13.00 -11.94 -51.49
N THR A 13 -12.06 -12.86 -51.69
CA THR A 13 -12.26 -14.25 -51.27
C THR A 13 -12.04 -14.36 -49.76
N LEU A 14 -12.44 -15.51 -49.21
CA LEU A 14 -12.24 -15.74 -47.79
C LEU A 14 -10.75 -15.75 -47.44
N GLU A 15 -9.93 -16.35 -48.31
CA GLU A 15 -8.49 -16.36 -48.08
C GLU A 15 -7.89 -14.95 -48.14
N GLU A 16 -8.43 -14.09 -49.00
CA GLU A 16 -7.90 -12.73 -49.08
C GLU A 16 -8.27 -11.90 -47.86
N LYS A 17 -9.48 -12.08 -47.33
CA LYS A 17 -9.89 -11.35 -46.14
C LYS A 17 -9.09 -11.81 -44.91
N ALA A 18 -8.85 -13.11 -44.78
CA ALA A 18 -8.10 -13.61 -43.63
C ALA A 18 -6.63 -13.22 -43.70
N GLY A 19 -6.08 -13.11 -44.92
CA GLY A 19 -4.70 -12.68 -45.05
C GLY A 19 -4.50 -11.21 -44.74
N LEU A 20 -5.53 -10.40 -44.96
CA LEU A 20 -5.42 -8.97 -44.67
C LEU A 20 -5.35 -8.70 -43.18
N CYS A 21 -5.96 -9.57 -42.36
CA CYS A 21 -5.96 -9.42 -40.92
C CYS A 21 -4.63 -9.82 -40.29
N SER A 22 -3.63 -10.13 -41.09
CA SER A 22 -2.30 -10.46 -40.60
C SER A 22 -1.27 -9.75 -41.48
N GLY A 23 -0.08 -9.57 -40.92
CA GLY A 23 0.95 -8.83 -41.62
C GLY A 23 1.49 -9.58 -42.82
N LEU A 24 2.13 -8.82 -43.72
CA LEU A 24 2.87 -9.40 -44.83
C LEU A 24 4.29 -9.77 -44.41
N ASP A 25 4.95 -8.88 -43.67
CA ASP A 25 6.28 -9.14 -43.13
C ASP A 25 6.37 -8.55 -41.73
N PHE A 26 7.49 -7.90 -41.41
CA PHE A 26 7.63 -7.31 -40.08
C PHE A 26 6.95 -5.95 -39.97
N TRP A 27 6.78 -5.24 -41.09
CA TRP A 27 6.27 -3.88 -41.05
C TRP A 27 5.15 -3.58 -42.02
N HIS A 28 4.81 -4.48 -42.94
CA HIS A 28 3.86 -4.19 -44.01
C HIS A 28 2.63 -5.06 -43.91
N THR A 29 1.51 -4.53 -44.40
CA THR A 29 0.28 -5.30 -44.56
C THR A 29 0.28 -6.01 -45.91
N LYS A 30 -0.54 -7.05 -46.00
CA LYS A 30 -0.62 -7.81 -47.24
C LYS A 30 -1.34 -7.00 -48.31
N PRO A 31 -0.81 -6.92 -49.53
CA PRO A 31 -1.54 -6.28 -50.62
C PRO A 31 -2.55 -7.23 -51.23
N VAL A 32 -3.52 -6.66 -51.92
CA VAL A 32 -4.47 -7.40 -52.75
C VAL A 32 -4.39 -6.78 -54.13
N GLU A 33 -3.41 -7.24 -54.93
CA GLU A 33 -3.17 -6.64 -56.23
C GLU A 33 -4.35 -6.80 -57.18
N ARG A 34 -5.19 -7.82 -56.97
CA ARG A 34 -6.37 -8.00 -57.83
C ARG A 34 -7.28 -6.79 -57.77
N LEU A 35 -7.50 -6.25 -56.58
CA LEU A 35 -8.50 -5.21 -56.34
C LEU A 35 -7.88 -3.85 -56.08
N GLY A 36 -6.60 -3.68 -56.36
CA GLY A 36 -5.97 -2.38 -56.15
C GLY A 36 -5.76 -2.01 -54.69
N ILE A 37 -5.82 -2.98 -53.78
CA ILE A 37 -5.56 -2.70 -52.37
C ILE A 37 -4.04 -2.70 -52.16
N PRO A 38 -3.43 -1.56 -51.89
CA PRO A 38 -1.98 -1.51 -51.75
C PRO A 38 -1.53 -1.96 -50.37
N SER A 39 -0.22 -2.15 -50.24
CA SER A 39 0.41 -2.51 -48.98
C SER A 39 0.99 -1.26 -48.33
N ILE A 40 0.71 -1.07 -47.05
CA ILE A 40 1.19 0.08 -46.30
C ILE A 40 2.19 -0.39 -45.25
N MET A 41 3.06 0.52 -44.85
CA MET A 41 4.11 0.22 -43.89
C MET A 41 3.88 0.97 -42.58
N MET A 42 4.13 0.29 -41.48
CA MET A 42 4.08 0.88 -40.15
C MET A 42 5.42 0.62 -39.45
N THR A 43 5.88 1.60 -38.68
CA THR A 43 7.12 1.43 -37.94
C THR A 43 7.18 2.42 -36.78
N ASP A 44 8.15 2.18 -35.91
CA ASP A 44 8.41 3.02 -34.75
C ASP A 44 9.00 4.36 -35.19
N GLY A 45 8.88 5.39 -34.32
CA GLY A 45 8.30 5.28 -33.00
C GLY A 45 7.84 6.57 -32.37
N PRO A 46 7.71 6.57 -31.03
CA PRO A 46 7.00 7.67 -30.36
C PRO A 46 7.69 9.03 -30.46
N HIS A 47 9.02 9.08 -30.39
CA HIS A 47 9.74 10.35 -30.36
C HIS A 47 10.70 10.49 -31.53
N GLY A 48 10.50 9.71 -32.59
CA GLY A 48 11.36 9.76 -33.76
C GLY A 48 11.09 8.57 -34.66
N LEU A 49 11.37 8.71 -35.95
CA LEU A 49 11.14 7.62 -36.90
C LEU A 49 12.32 6.65 -36.88
N ARG A 50 12.02 5.36 -36.76
CA ARG A 50 13.01 4.30 -36.85
C ARG A 50 12.55 3.33 -37.94
N LYS A 51 12.88 3.64 -39.18
CA LYS A 51 12.62 2.76 -40.31
C LYS A 51 13.88 1.95 -40.58
N GLN A 52 13.76 0.63 -40.46
CA GLN A 52 14.91 -0.24 -40.65
C GLN A 52 15.34 -0.23 -42.11
N ARG A 53 16.65 -0.25 -42.34
CA ARG A 53 17.14 -0.23 -43.71
C ARG A 53 16.92 -1.58 -44.38
N GLU A 54 17.04 -1.58 -45.71
CA GLU A 54 16.76 -2.76 -46.50
C GLU A 54 17.74 -3.89 -46.22
N ASP A 55 19.03 -3.59 -46.19
CA ASP A 55 20.05 -4.62 -45.96
C ASP A 55 20.45 -4.66 -44.48
N ALA A 56 19.46 -4.99 -43.64
CA ALA A 56 19.69 -5.06 -42.20
C ALA A 56 18.95 -6.26 -41.62
N GLU A 57 19.60 -6.96 -40.69
CA GLU A 57 18.96 -8.06 -40.00
C GLU A 57 17.83 -7.57 -39.11
N ILE A 58 16.86 -8.46 -38.85
CA ILE A 58 15.67 -8.05 -38.11
C ILE A 58 16.02 -7.68 -36.66
N ALA A 59 17.05 -8.31 -36.09
CA ALA A 59 17.42 -7.97 -34.71
C ALA A 59 18.31 -6.74 -34.63
N ASP A 60 18.77 -6.21 -35.77
CA ASP A 60 19.57 -4.99 -35.77
C ASP A 60 18.62 -3.81 -35.58
N ILE A 61 18.33 -3.51 -34.32
CA ILE A 61 17.29 -2.54 -34.00
C ILE A 61 17.70 -1.13 -34.41
N ASN A 62 18.97 -0.78 -34.22
CA ASN A 62 19.41 0.59 -34.40
C ASN A 62 19.84 0.91 -35.82
N ASN A 63 20.03 -0.10 -36.68
CA ASN A 63 20.47 0.13 -38.06
C ASN A 63 19.28 0.63 -38.86
N SER A 64 19.07 1.94 -38.84
CA SER A 64 17.86 2.53 -39.41
C SER A 64 18.22 3.76 -40.24
N VAL A 65 17.25 4.21 -41.01
CA VAL A 65 17.37 5.44 -41.80
C VAL A 65 17.49 6.63 -40.86
N PRO A 66 18.43 7.55 -41.07
CA PRO A 66 18.53 8.71 -40.18
C PRO A 66 17.26 9.53 -40.16
N ALA A 67 16.86 9.95 -38.96
CA ALA A 67 15.69 10.78 -38.76
C ALA A 67 15.89 11.58 -37.48
N THR A 68 15.06 12.60 -37.30
CA THR A 68 15.20 13.46 -36.13
C THR A 68 14.83 12.71 -34.86
N CYS A 69 15.71 12.78 -33.86
CA CYS A 69 15.45 12.22 -32.54
C CYS A 69 14.97 13.37 -31.66
N PHE A 70 13.67 13.41 -31.41
CA PHE A 70 13.08 14.43 -30.56
C PHE A 70 13.24 14.04 -29.10
N PRO A 71 13.01 14.96 -28.16
CA PRO A 71 12.94 14.57 -26.76
C PRO A 71 11.90 13.48 -26.55
N SER A 72 12.27 12.47 -25.77
CA SER A 72 11.33 11.38 -25.48
C SER A 72 10.16 11.92 -24.65
N ALA A 73 9.12 11.09 -24.53
CA ALA A 73 7.87 11.52 -23.91
C ALA A 73 8.06 11.97 -22.47
N ALA A 74 8.92 11.26 -21.71
CA ALA A 74 9.07 11.56 -20.30
C ALA A 74 9.50 13.01 -20.08
N GLY A 75 10.40 13.51 -20.93
CA GLY A 75 10.82 14.88 -20.84
C GLY A 75 9.89 15.83 -21.56
N LEU A 76 9.45 15.45 -22.76
CA LEU A 76 8.55 16.30 -23.53
C LEU A 76 7.26 16.57 -22.78
N ALA A 77 6.78 15.60 -22.00
CA ALA A 77 5.56 15.81 -21.22
C ALA A 77 5.74 16.92 -20.19
N CYS A 78 6.97 17.14 -19.73
CA CYS A 78 7.22 18.22 -18.77
C CYS A 78 6.98 19.60 -19.36
N SER A 79 6.80 19.71 -20.68
CA SER A 79 6.41 20.98 -21.26
C SER A 79 5.00 21.37 -20.84
N TRP A 80 4.14 20.38 -20.58
CA TRP A 80 2.70 20.61 -20.34
C TRP A 80 2.10 21.44 -21.46
N ASP A 81 2.68 21.34 -22.66
CA ASP A 81 2.37 22.21 -23.79
C ASP A 81 1.72 21.36 -24.88
N ARG A 82 0.39 21.38 -24.94
CA ARG A 82 -0.32 20.63 -25.96
C ARG A 82 0.10 21.06 -27.36
N GLU A 83 0.32 22.37 -27.56
CA GLU A 83 0.70 22.86 -28.87
C GLU A 83 2.09 22.36 -29.27
N LEU A 84 3.05 22.47 -28.35
CA LEU A 84 4.41 22.00 -28.65
C LEU A 84 4.42 20.52 -29.00
N VAL A 85 3.64 19.71 -28.27
CA VAL A 85 3.61 18.28 -28.55
C VAL A 85 2.95 18.01 -29.90
N GLU A 86 1.92 18.78 -30.25
CA GLU A 86 1.29 18.58 -31.55
C GLU A 86 2.24 18.95 -32.69
N ARG A 87 3.03 20.01 -32.50
CA ARG A 87 4.01 20.38 -33.52
C ARG A 87 5.06 19.30 -33.70
N VAL A 88 5.52 18.70 -32.60
CA VAL A 88 6.44 17.57 -32.70
C VAL A 88 5.77 16.41 -33.42
N GLY A 89 4.49 16.17 -33.11
CA GLY A 89 3.75 15.14 -33.84
C GLY A 89 3.68 15.42 -35.33
N ALA A 90 3.44 16.69 -35.70
CA ALA A 90 3.38 17.03 -37.11
C ALA A 90 4.74 16.87 -37.78
N ALA A 91 5.82 17.18 -37.07
CA ALA A 91 7.15 16.93 -37.62
C ALA A 91 7.39 15.45 -37.84
N LEU A 92 6.91 14.61 -36.92
CA LEU A 92 7.01 13.17 -37.12
C LEU A 92 6.21 12.73 -38.34
N GLY A 93 5.02 13.32 -38.53
CA GLY A 93 4.23 12.97 -39.70
C GLY A 93 4.90 13.37 -41.00
N GLU A 94 5.52 14.55 -41.02
CA GLU A 94 6.24 14.99 -42.21
C GLU A 94 7.34 14.02 -42.57
N GLU A 95 8.07 13.51 -41.57
CA GLU A 95 9.16 12.57 -41.85
C GLU A 95 8.63 11.21 -42.29
N CYS A 96 7.47 10.79 -41.78
CA CYS A 96 6.85 9.57 -42.27
C CYS A 96 6.47 9.69 -43.74
N GLN A 97 5.86 10.82 -44.12
CA GLN A 97 5.50 11.04 -45.51
C GLN A 97 6.72 11.01 -46.41
N ALA A 98 7.83 11.58 -45.94
CA ALA A 98 9.06 11.60 -46.73
C ALA A 98 9.64 10.20 -46.89
N GLU A 99 9.48 9.33 -45.90
CA GLU A 99 10.04 7.99 -45.95
C GLU A 99 8.98 6.93 -46.28
N ASN A 100 7.82 7.35 -46.79
CA ASN A 100 6.77 6.43 -47.24
C ASN A 100 6.30 5.52 -46.12
N VAL A 101 6.14 6.08 -44.92
CA VAL A 101 5.56 5.38 -43.78
C VAL A 101 4.13 5.86 -43.60
N SER A 102 3.19 4.91 -43.54
CA SER A 102 1.78 5.26 -43.46
C SER A 102 1.27 5.33 -42.03
N ILE A 103 1.90 4.61 -41.10
CA ILE A 103 1.45 4.54 -39.72
C ILE A 103 2.68 4.60 -38.82
N LEU A 104 2.70 5.56 -37.90
CA LEU A 104 3.75 5.65 -36.90
C LEU A 104 3.31 4.91 -35.65
N LEU A 105 4.17 4.00 -35.16
CA LEU A 105 3.84 3.20 -33.97
C LEU A 105 4.06 4.06 -32.72
N GLY A 106 3.20 5.07 -32.59
CA GLY A 106 3.23 5.97 -31.45
C GLY A 106 1.98 6.83 -31.42
N PRO A 107 1.74 7.51 -30.29
CA PRO A 107 2.62 7.58 -29.11
C PRO A 107 2.36 6.49 -28.08
N GLY A 108 3.31 6.33 -27.16
CA GLY A 108 3.09 5.50 -25.99
C GLY A 108 2.44 6.34 -24.90
N ALA A 109 1.41 5.76 -24.25
CA ALA A 109 0.63 6.52 -23.28
C ALA A 109 0.33 5.72 -22.03
N ASN A 110 1.11 4.68 -21.72
CA ASN A 110 0.88 3.89 -20.53
C ASN A 110 1.16 4.71 -19.27
N ILE A 111 0.45 4.38 -18.19
CA ILE A 111 0.61 5.11 -16.94
C ILE A 111 1.92 4.71 -16.28
N LYS A 112 2.59 5.68 -15.66
CA LYS A 112 3.81 5.43 -14.89
C LYS A 112 3.39 5.02 -13.48
N ARG A 113 3.22 3.72 -13.29
CA ARG A 113 2.86 3.19 -11.97
C ARG A 113 4.08 3.10 -11.07
N SER A 114 5.19 2.58 -11.60
CA SER A 114 6.45 2.51 -10.87
C SER A 114 7.51 3.31 -11.60
N PRO A 115 8.41 3.99 -10.87
CA PRO A 115 9.53 4.66 -11.54
C PRO A 115 10.50 3.69 -12.20
N LEU A 116 10.48 2.42 -11.83
CA LEU A 116 11.46 1.46 -12.34
C LEU A 116 11.11 0.92 -13.72
N CYS A 117 9.89 1.13 -14.20
CA CYS A 117 9.49 0.59 -15.49
C CYS A 117 10.48 1.00 -16.57
N GLY A 118 10.92 0.02 -17.36
CA GLY A 118 11.99 0.27 -18.31
C GLY A 118 11.64 1.30 -19.36
N ARG A 119 10.39 1.36 -19.77
CA ARG A 119 9.96 2.23 -20.85
C ARG A 119 9.36 3.55 -20.37
N ASN A 120 9.57 3.91 -19.10
CA ASN A 120 9.06 5.18 -18.59
C ASN A 120 9.53 6.36 -19.45
N PHE A 121 10.71 6.23 -20.06
CA PHE A 121 11.26 7.34 -20.83
C PHE A 121 10.40 7.69 -22.04
N GLU A 122 9.70 6.71 -22.61
CA GLU A 122 8.85 6.96 -23.77
C GLU A 122 7.36 6.98 -23.43
N TYR A 123 7.02 7.21 -22.16
CA TYR A 123 5.66 7.41 -21.71
C TYR A 123 5.52 8.83 -21.16
N PHE A 124 4.27 9.28 -21.04
CA PHE A 124 4.01 10.70 -20.76
C PHE A 124 3.98 11.02 -19.26
N SER A 125 3.07 10.42 -18.51
CA SER A 125 2.88 10.87 -17.13
C SER A 125 2.29 9.75 -16.29
N GLU A 126 2.33 9.97 -14.98
CA GLU A 126 1.63 9.15 -13.99
C GLU A 126 0.18 9.58 -13.83
N ASP A 127 -0.24 10.65 -14.48
CA ASP A 127 -1.58 11.21 -14.34
C ASP A 127 -2.37 10.98 -15.61
N PRO A 128 -3.58 10.42 -15.53
CA PRO A 128 -4.33 10.11 -16.76
C PRO A 128 -4.79 11.34 -17.52
N TYR A 129 -4.97 12.48 -16.84
CA TYR A 129 -5.38 13.68 -17.56
C TYR A 129 -4.22 14.27 -18.34
N LEU A 130 -3.05 14.42 -17.69
CA LEU A 130 -1.88 14.92 -18.38
C LEU A 130 -1.44 13.96 -19.48
N SER A 131 -1.54 12.66 -19.23
CA SER A 131 -1.14 11.68 -20.25
C SER A 131 -2.07 11.73 -21.45
N SER A 132 -3.37 11.72 -21.22
CA SER A 132 -4.32 11.68 -22.34
C SER A 132 -4.25 12.96 -23.17
N GLU A 133 -4.13 14.12 -22.50
CA GLU A 133 -4.08 15.38 -23.22
C GLU A 133 -2.87 15.46 -24.14
N LEU A 134 -1.69 15.06 -23.64
CA LEU A 134 -0.49 15.13 -24.45
C LEU A 134 -0.45 14.02 -25.49
N ALA A 135 -1.00 12.85 -25.19
CA ALA A 135 -1.11 11.80 -26.20
C ALA A 135 -2.04 12.23 -27.32
N ALA A 136 -3.16 12.87 -26.97
CA ALA A 136 -4.07 13.38 -27.99
C ALA A 136 -3.39 14.43 -28.87
N SER A 137 -2.60 15.32 -28.25
CA SER A 137 -1.87 16.31 -29.02
C SER A 137 -0.89 15.65 -29.99
N HIS A 138 -0.19 14.62 -29.51
CA HIS A 138 0.77 13.91 -30.35
C HIS A 138 0.08 13.28 -31.56
N ILE A 139 -1.09 12.66 -31.34
CA ILE A 139 -1.82 12.02 -32.43
C ILE A 139 -2.32 13.05 -33.43
N LYS A 140 -2.92 14.14 -32.93
CA LYS A 140 -3.40 15.19 -33.83
C LYS A 140 -2.29 15.69 -34.75
N GLY A 141 -1.10 15.88 -34.20
CA GLY A 141 0.01 16.37 -35.03
C GLY A 141 0.41 15.37 -36.09
N VAL A 142 0.62 14.11 -35.68
CA VAL A 142 1.03 13.08 -36.64
C VAL A 142 0.01 12.95 -37.76
N GLN A 143 -1.27 12.86 -37.40
CA GLN A 143 -2.31 12.62 -38.39
C GLN A 143 -2.70 13.88 -39.16
N SER A 144 -2.27 15.06 -38.70
CA SER A 144 -2.47 16.26 -39.49
C SER A 144 -1.68 16.23 -40.78
N GLN A 145 -0.64 15.40 -40.85
CA GLN A 145 0.19 15.28 -42.04
C GLN A 145 -0.27 14.17 -42.98
N GLY A 146 -1.41 13.54 -42.71
CA GLY A 146 -1.95 12.52 -43.58
C GLY A 146 -1.45 11.12 -43.33
N VAL A 147 -0.79 10.87 -42.20
CA VAL A 147 -0.34 9.54 -41.84
C VAL A 147 -0.97 9.17 -40.50
N GLY A 148 -0.99 7.87 -40.22
CA GLY A 148 -1.65 7.39 -39.03
C GLY A 148 -0.73 7.33 -37.82
N ALA A 149 -1.34 7.51 -36.66
CA ALA A 149 -0.68 7.28 -35.39
C ALA A 149 -1.23 5.98 -34.81
N CYS A 150 -0.42 5.32 -33.99
CA CYS A 150 -0.80 4.08 -33.34
C CYS A 150 -0.65 4.26 -31.84
N LEU A 151 -1.76 4.46 -31.14
CA LEU A 151 -1.73 4.57 -29.69
C LEU A 151 -1.40 3.22 -29.07
N LYS A 152 -0.51 3.23 -28.08
CA LYS A 152 0.00 2.01 -27.45
C LYS A 152 0.43 2.35 -26.04
N HIS A 153 0.46 1.34 -25.15
CA HIS A 153 0.01 -0.03 -25.39
C HIS A 153 -1.21 -0.31 -24.50
N PHE A 154 -2.29 -0.75 -25.12
CA PHE A 154 -3.60 -0.86 -24.49
C PHE A 154 -3.79 -2.29 -23.99
N ALA A 155 -3.81 -2.50 -22.68
CA ALA A 155 -3.62 -1.47 -21.65
C ALA A 155 -2.94 -2.07 -20.42
N ALA A 156 -2.54 -1.21 -19.48
CA ALA A 156 -1.92 -1.64 -18.23
C ALA A 156 -0.60 -2.37 -18.46
N ASN A 157 0.16 -1.90 -19.45
CA ASN A 157 1.51 -2.40 -19.74
C ASN A 157 2.51 -1.54 -18.96
N ASN A 158 2.51 -1.73 -17.63
CA ASN A 158 3.20 -0.85 -16.72
C ASN A 158 4.47 -1.46 -16.14
N GLN A 159 4.98 -2.53 -16.74
CA GLN A 159 6.25 -3.11 -16.34
C GLN A 159 6.77 -3.95 -17.50
N GLU A 160 8.09 -3.98 -17.65
CA GLU A 160 8.70 -4.78 -18.70
C GLU A 160 8.98 -6.20 -18.28
N HIS A 161 9.16 -6.44 -16.97
CA HIS A 161 9.45 -7.77 -16.49
C HIS A 161 8.26 -8.69 -16.73
N ARG A 162 8.50 -9.78 -17.48
CA ARG A 162 7.46 -10.75 -17.80
C ARG A 162 6.27 -10.12 -18.52
N ARG A 163 6.53 -9.07 -19.30
CA ARG A 163 5.43 -8.35 -19.93
C ARG A 163 4.66 -9.19 -20.94
N MET A 164 5.23 -10.31 -21.37
CA MET A 164 4.59 -11.17 -22.36
C MET A 164 3.80 -12.33 -21.75
N THR A 165 3.87 -12.51 -20.43
CA THR A 165 3.14 -13.59 -19.77
C THR A 165 2.48 -13.18 -18.46
N VAL A 166 2.75 -12.01 -17.91
CA VAL A 166 2.26 -11.67 -16.57
C VAL A 166 0.76 -11.45 -16.60
N ASP A 167 0.08 -11.92 -15.56
CA ASP A 167 -1.34 -11.67 -15.35
C ASP A 167 -1.47 -10.41 -14.50
N THR A 168 -1.91 -9.32 -15.12
CA THR A 168 -2.06 -8.04 -14.42
C THR A 168 -3.45 -7.98 -13.79
N ILE A 169 -3.48 -7.88 -12.47
CA ILE A 169 -4.72 -7.94 -11.69
C ILE A 169 -5.04 -6.51 -11.24
N VAL A 170 -6.06 -5.91 -11.84
CA VAL A 170 -6.46 -4.54 -11.56
C VAL A 170 -7.97 -4.50 -11.38
N ASP A 171 -8.43 -3.86 -10.30
CA ASP A 171 -9.86 -3.72 -10.09
C ASP A 171 -10.45 -2.77 -11.13
N GLU A 172 -11.77 -2.89 -11.31
CA GLU A 172 -12.45 -2.15 -12.37
C GLU A 172 -12.33 -0.65 -12.18
N ARG A 173 -12.58 -0.15 -10.97
CA ARG A 173 -12.55 1.29 -10.75
C ARG A 173 -11.17 1.87 -11.02
N THR A 174 -10.12 1.18 -10.58
CA THR A 174 -8.76 1.65 -10.86
C THR A 174 -8.51 1.74 -12.36
N LEU A 175 -8.97 0.73 -13.10
CA LEU A 175 -8.83 0.76 -14.56
C LEU A 175 -9.52 1.98 -15.15
N ARG A 176 -10.79 2.19 -14.79
CA ARG A 176 -11.57 3.24 -15.42
C ARG A 176 -11.01 4.62 -15.11
N GLU A 177 -10.49 4.80 -13.89
CA GLU A 177 -10.05 6.11 -13.44
C GLU A 177 -8.59 6.41 -13.75
N ILE A 178 -7.75 5.39 -13.92
CA ILE A 178 -6.32 5.61 -14.07
C ILE A 178 -5.81 5.10 -15.41
N TYR A 179 -5.90 3.79 -15.63
CA TYR A 179 -5.20 3.19 -16.77
C TYR A 179 -5.99 3.33 -18.06
N PHE A 180 -7.28 2.99 -18.04
CA PHE A 180 -8.13 3.29 -19.19
C PHE A 180 -8.18 4.79 -19.44
N ALA A 181 -8.20 5.58 -18.36
CA ALA A 181 -8.36 7.03 -18.47
C ALA A 181 -7.20 7.67 -19.21
N SER A 182 -6.00 7.09 -19.12
CA SER A 182 -4.86 7.64 -19.86
C SER A 182 -5.09 7.54 -21.37
N PHE A 183 -5.80 6.51 -21.81
CA PHE A 183 -6.07 6.31 -23.23
C PHE A 183 -7.39 6.91 -23.69
N GLU A 184 -8.34 7.11 -22.77
CA GLU A 184 -9.71 7.41 -23.15
C GLU A 184 -9.80 8.65 -24.04
N ASN A 185 -9.38 9.80 -23.51
CA ASN A 185 -9.54 11.05 -24.26
C ASN A 185 -8.58 11.15 -25.44
N ALA A 186 -7.47 10.41 -25.42
CA ALA A 186 -6.62 10.35 -26.60
C ALA A 186 -7.37 9.72 -27.77
N VAL A 187 -8.16 8.69 -27.50
CA VAL A 187 -9.00 8.09 -28.53
C VAL A 187 -10.13 9.05 -28.92
N LYS A 188 -10.77 9.66 -27.93
CA LYS A 188 -11.96 10.47 -28.20
C LYS A 188 -11.63 11.81 -28.83
N LYS A 189 -10.57 12.47 -28.38
CA LYS A 189 -10.25 13.80 -28.88
C LYS A 189 -9.36 13.80 -30.11
N ALA A 190 -8.55 12.76 -30.30
CA ALA A 190 -7.62 12.72 -31.41
C ALA A 190 -7.94 11.67 -32.46
N ARG A 191 -8.77 10.68 -32.13
CA ARG A 191 -9.23 9.65 -33.06
C ARG A 191 -8.07 9.03 -33.84
N PRO A 192 -7.17 8.30 -33.17
CA PRO A 192 -6.04 7.70 -33.89
C PRO A 192 -6.49 6.60 -34.82
N TRP A 193 -5.78 6.46 -35.94
CA TRP A 193 -6.16 5.44 -36.91
C TRP A 193 -6.00 4.04 -36.35
N VAL A 194 -5.03 3.83 -35.45
CA VAL A 194 -4.73 2.50 -34.93
C VAL A 194 -4.51 2.59 -33.42
N VAL A 195 -4.87 1.51 -32.72
CA VAL A 195 -4.52 1.31 -31.33
C VAL A 195 -3.82 -0.04 -31.22
N MET A 196 -2.71 -0.08 -30.48
CA MET A 196 -1.94 -1.31 -30.31
C MET A 196 -2.24 -1.93 -28.95
N CYS A 197 -2.58 -3.22 -28.95
CA CYS A 197 -2.80 -3.92 -27.70
C CYS A 197 -1.46 -4.25 -27.03
N ALA A 198 -1.52 -4.51 -25.74
CA ALA A 198 -0.31 -4.77 -24.97
C ALA A 198 0.04 -6.26 -24.97
N TYR A 199 1.26 -6.56 -24.55
CA TYR A 199 1.70 -7.95 -24.47
C TYR A 199 1.05 -8.69 -23.29
N ASN A 200 0.75 -7.98 -22.21
CA ASN A 200 0.41 -8.62 -20.95
C ASN A 200 -1.05 -9.06 -20.93
N LYS A 201 -1.38 -9.86 -19.91
CA LYS A 201 -2.76 -10.19 -19.59
C LYS A 201 -3.35 -9.12 -18.70
N LEU A 202 -4.65 -8.88 -18.86
CA LEU A 202 -5.41 -8.00 -17.99
C LEU A 202 -6.56 -8.82 -17.39
N ASN A 203 -6.43 -9.16 -16.12
CA ASN A 203 -7.46 -9.91 -15.38
C ASN A 203 -7.80 -11.22 -16.08
N GLY A 204 -6.75 -12.00 -16.38
CA GLY A 204 -6.89 -13.36 -16.86
C GLY A 204 -6.81 -13.53 -18.36
N GLU A 205 -6.95 -12.47 -19.14
CA GLU A 205 -6.94 -12.58 -20.59
C GLU A 205 -5.89 -11.66 -21.20
N TYR A 206 -5.13 -12.20 -22.14
CA TYR A 206 -4.23 -11.38 -22.95
C TYR A 206 -5.00 -10.23 -23.58
N CYS A 207 -4.36 -9.07 -23.66
CA CYS A 207 -5.02 -7.92 -24.26
C CYS A 207 -5.36 -8.17 -25.72
N SER A 208 -4.59 -9.01 -26.41
CA SER A 208 -4.84 -9.29 -27.82
C SER A 208 -6.10 -10.11 -28.05
N GLU A 209 -6.65 -10.73 -27.00
CA GLU A 209 -7.90 -11.48 -27.11
C GLU A 209 -8.83 -11.14 -25.94
N ASN A 210 -8.79 -9.89 -25.48
CA ASN A 210 -9.60 -9.41 -24.35
C ASN A 210 -10.79 -8.65 -24.91
N ARG A 211 -11.94 -9.33 -25.02
CA ARG A 211 -13.08 -8.71 -25.69
C ARG A 211 -13.62 -7.52 -24.91
N TYR A 212 -13.60 -7.60 -23.57
CA TYR A 212 -14.00 -6.45 -22.77
C TYR A 212 -13.11 -5.24 -23.07
N LEU A 213 -11.81 -5.49 -23.25
CA LEU A 213 -10.87 -4.39 -23.47
C LEU A 213 -11.03 -3.81 -24.88
N LEU A 214 -10.95 -4.66 -25.91
CA LEU A 214 -10.87 -4.17 -27.28
C LEU A 214 -12.24 -3.81 -27.83
N THR A 215 -13.27 -4.61 -27.55
CA THR A 215 -14.58 -4.39 -28.13
C THR A 215 -15.50 -3.56 -27.24
N GLU A 216 -15.65 -3.98 -25.97
CA GLU A 216 -16.63 -3.33 -25.10
C GLU A 216 -16.21 -1.91 -24.74
N VAL A 217 -14.93 -1.71 -24.44
CA VAL A 217 -14.45 -0.40 -24.01
C VAL A 217 -13.99 0.43 -25.19
N LEU A 218 -13.06 -0.10 -25.97
CA LEU A 218 -12.40 0.71 -27.00
C LEU A 218 -13.34 0.95 -28.18
N LYS A 219 -13.87 -0.12 -28.76
CA LYS A 219 -14.61 0.01 -30.02
C LYS A 219 -16.06 0.43 -29.80
N ASN A 220 -16.71 -0.10 -28.77
CA ASN A 220 -18.13 0.18 -28.56
C ASN A 220 -18.35 1.42 -27.71
N GLU A 221 -17.73 1.48 -26.53
CA GLU A 221 -17.96 2.61 -25.64
C GLU A 221 -17.27 3.87 -26.14
N TRP A 222 -15.97 3.78 -26.42
CA TRP A 222 -15.21 4.94 -26.88
C TRP A 222 -15.38 5.18 -28.37
N MET A 223 -15.96 4.24 -29.10
CA MET A 223 -16.25 4.40 -30.53
C MET A 223 -14.97 4.61 -31.34
N HIS A 224 -14.02 3.69 -31.17
CA HIS A 224 -12.80 3.70 -31.97
C HIS A 224 -13.10 3.15 -33.36
N ASP A 225 -12.96 4.00 -34.37
CA ASP A 225 -13.34 3.64 -35.73
C ASP A 225 -12.19 3.04 -36.53
N GLY A 226 -10.95 3.24 -36.11
CA GLY A 226 -9.83 2.59 -36.78
C GLY A 226 -9.78 1.11 -36.47
N PHE A 227 -8.63 0.48 -36.68
CA PHE A 227 -8.48 -0.93 -36.33
C PHE A 227 -7.51 -1.08 -35.16
N VAL A 228 -7.46 -2.29 -34.63
CA VAL A 228 -6.59 -2.63 -33.52
C VAL A 228 -5.51 -3.57 -34.03
N VAL A 229 -4.26 -3.25 -33.72
CA VAL A 229 -3.12 -4.07 -34.10
C VAL A 229 -2.56 -4.69 -32.84
N SER A 230 -2.01 -5.89 -32.98
CA SER A 230 -1.35 -6.52 -31.85
C SER A 230 0.04 -5.95 -31.67
N ASP A 231 0.57 -6.09 -30.47
CA ASP A 231 2.00 -5.91 -30.32
C ASP A 231 2.70 -7.07 -31.02
N TRP A 232 3.99 -6.88 -31.29
CA TRP A 232 4.71 -7.80 -32.17
C TRP A 232 4.83 -9.17 -31.54
N GLY A 233 4.04 -10.12 -32.04
CA GLY A 233 3.99 -11.45 -31.49
C GLY A 233 3.04 -11.61 -30.32
N ALA A 234 2.18 -10.64 -30.07
CA ALA A 234 1.28 -10.68 -28.92
C ALA A 234 0.02 -11.50 -29.17
N VAL A 235 -0.19 -11.97 -30.41
CA VAL A 235 -1.35 -12.80 -30.69
C VAL A 235 -1.14 -14.19 -30.07
N ASN A 236 -2.17 -14.69 -29.42
CA ASN A 236 -2.15 -16.04 -28.86
C ASN A 236 -3.07 -16.93 -29.68
N ASP A 237 -4.37 -16.86 -29.40
CA ASP A 237 -5.39 -17.54 -30.20
C ASP A 237 -5.93 -16.51 -31.19
N ARG A 238 -5.57 -16.66 -32.46
CA ARG A 238 -5.94 -15.65 -33.45
C ARG A 238 -7.45 -15.57 -33.62
N VAL A 239 -8.13 -16.71 -33.70
CA VAL A 239 -9.57 -16.69 -33.91
C VAL A 239 -10.27 -16.04 -32.72
N SER A 240 -9.89 -16.45 -31.52
CA SER A 240 -10.41 -15.78 -30.32
C SER A 240 -10.08 -14.29 -30.34
N GLY A 241 -8.87 -13.96 -30.80
CA GLY A 241 -8.49 -12.55 -30.87
C GLY A 241 -9.31 -11.76 -31.87
N LEU A 242 -9.57 -12.34 -33.05
CA LEU A 242 -10.38 -11.65 -34.05
C LEU A 242 -11.79 -11.38 -33.53
N ASP A 243 -12.38 -12.37 -32.84
CA ASP A 243 -13.70 -12.17 -32.26
C ASP A 243 -13.66 -11.15 -31.13
N ALA A 244 -12.54 -11.06 -30.42
CA ALA A 244 -12.42 -10.11 -29.31
C ALA A 244 -12.25 -8.68 -29.79
N GLY A 245 -11.71 -8.48 -31.00
CA GLY A 245 -11.58 -7.14 -31.53
C GLY A 245 -10.20 -6.83 -32.07
N LEU A 246 -9.30 -7.82 -32.08
CA LEU A 246 -7.96 -7.64 -32.61
C LEU A 246 -8.00 -7.83 -34.13
N ASP A 247 -7.84 -6.73 -34.87
CA ASP A 247 -8.05 -6.74 -36.32
C ASP A 247 -6.81 -7.20 -37.08
N LEU A 248 -5.65 -6.64 -36.78
CA LEU A 248 -4.44 -6.89 -37.54
C LEU A 248 -3.40 -7.54 -36.63
N GLU A 249 -2.96 -8.74 -37.00
CA GLU A 249 -1.86 -9.40 -36.31
C GLU A 249 -0.55 -8.99 -36.93
N MET A 250 0.38 -8.51 -36.09
CA MET A 250 1.73 -8.19 -36.51
C MET A 250 2.72 -8.81 -35.55
N PRO A 251 3.88 -9.28 -36.05
CA PRO A 251 4.21 -9.30 -37.47
C PRO A 251 3.55 -10.47 -38.19
N THR A 252 3.99 -10.77 -39.41
CA THR A 252 3.43 -11.90 -40.13
C THR A 252 3.72 -13.20 -39.40
N SER A 253 2.78 -14.14 -39.51
CA SER A 253 2.99 -15.51 -39.06
C SER A 253 3.09 -16.47 -40.23
N HIS A 254 3.23 -15.95 -41.46
CA HIS A 254 3.39 -16.74 -42.67
C HIS A 254 2.18 -17.62 -42.93
N GLY A 255 0.99 -17.09 -42.66
CA GLY A 255 -0.24 -17.76 -43.02
C GLY A 255 -0.73 -18.81 -42.04
N ILE A 256 0.02 -19.07 -40.97
CA ILE A 256 -0.40 -20.09 -40.01
C ILE A 256 -1.72 -19.69 -39.36
N THR A 257 -1.79 -18.48 -38.83
CA THR A 257 -3.02 -18.00 -38.21
C THR A 257 -4.06 -17.62 -39.25
N ASP A 258 -3.62 -17.23 -40.46
CA ASP A 258 -4.56 -16.94 -41.53
C ASP A 258 -5.39 -18.17 -41.88
N LYS A 259 -4.74 -19.34 -41.95
CA LYS A 259 -5.46 -20.58 -42.22
C LYS A 259 -6.42 -20.92 -41.08
N LYS A 260 -6.07 -20.55 -39.85
CA LYS A 260 -6.97 -20.80 -38.73
C LYS A 260 -8.23 -19.96 -38.83
N ILE A 261 -8.12 -18.75 -39.40
CA ILE A 261 -9.30 -17.90 -39.58
C ILE A 261 -10.22 -18.49 -40.63
N VAL A 262 -9.65 -18.93 -41.76
CA VAL A 262 -10.45 -19.49 -42.84
C VAL A 262 -11.17 -20.76 -42.39
N GLU A 263 -10.45 -21.64 -41.70
CA GLU A 263 -11.04 -22.90 -41.26
C GLU A 263 -12.13 -22.68 -40.23
N ALA A 264 -11.95 -21.69 -39.35
CA ALA A 264 -12.96 -21.42 -38.33
C ALA A 264 -14.22 -20.81 -38.94
N VAL A 265 -14.07 -20.06 -40.04
CA VAL A 265 -15.24 -19.51 -40.71
C VAL A 265 -16.01 -20.61 -41.43
N LYS A 266 -15.28 -21.46 -42.16
CA LYS A 266 -15.93 -22.55 -42.88
C LYS A 266 -16.48 -23.61 -41.93
N SER A 267 -15.89 -23.77 -40.75
CA SER A 267 -16.42 -24.69 -39.77
C SER A 267 -17.70 -24.17 -39.12
N GLY A 268 -17.90 -22.86 -39.10
CA GLY A 268 -19.04 -22.27 -38.43
C GLY A 268 -18.77 -21.77 -37.03
N LYS A 269 -17.55 -21.94 -36.52
CA LYS A 269 -17.22 -21.42 -35.20
C LYS A 269 -17.06 -19.91 -35.21
N LEU A 270 -16.63 -19.34 -36.34
CA LEU A 270 -16.37 -17.92 -36.47
C LEU A 270 -17.30 -17.34 -37.54
N SER A 271 -18.08 -16.33 -37.15
CA SER A 271 -18.96 -15.67 -38.10
C SER A 271 -18.15 -14.88 -39.12
N GLU A 272 -18.61 -14.88 -40.37
CA GLU A 272 -17.93 -14.11 -41.39
C GLU A 272 -18.11 -12.62 -41.21
N ASN A 273 -19.18 -12.20 -40.52
CA ASN A 273 -19.37 -10.78 -40.24
C ASN A 273 -18.29 -10.24 -39.33
N ILE A 274 -17.77 -11.06 -38.41
CA ILE A 274 -16.65 -10.65 -37.58
C ILE A 274 -15.43 -10.37 -38.45
N LEU A 275 -15.17 -11.24 -39.43
CA LEU A 275 -14.03 -11.04 -40.32
C LEU A 275 -14.24 -9.81 -41.20
N ASN A 276 -15.44 -9.65 -41.75
CA ASN A 276 -15.70 -8.52 -42.64
C ASN A 276 -15.57 -7.19 -41.90
N ARG A 277 -15.97 -7.15 -40.62
CA ARG A 277 -15.85 -5.92 -39.86
C ARG A 277 -14.40 -5.55 -39.61
N ALA A 278 -13.55 -6.55 -39.35
CA ALA A 278 -12.12 -6.28 -39.16
C ALA A 278 -11.47 -5.86 -40.46
N VAL A 279 -11.79 -6.54 -41.56
CA VAL A 279 -11.26 -6.15 -42.87
C VAL A 279 -11.70 -4.73 -43.20
N GLU A 280 -12.96 -4.38 -42.88
CA GLU A 280 -13.45 -3.04 -43.18
C GLU A 280 -12.71 -1.98 -42.38
N ARG A 281 -12.39 -2.28 -41.11
CA ARG A 281 -11.62 -1.33 -40.30
C ARG A 281 -10.21 -1.14 -40.88
N ILE A 282 -9.59 -2.24 -41.33
CA ILE A 282 -8.25 -2.17 -41.87
C ILE A 282 -8.26 -1.44 -43.22
N LEU A 283 -9.22 -1.77 -44.09
CA LEU A 283 -9.27 -1.16 -45.41
C LEU A 283 -9.54 0.34 -45.30
N LYS A 284 -10.38 0.74 -44.35
CA LYS A 284 -10.66 2.17 -44.17
C LYS A 284 -9.37 2.94 -43.91
N VAL A 285 -8.46 2.38 -43.10
CA VAL A 285 -7.20 3.05 -42.82
C VAL A 285 -6.27 2.97 -44.01
N ILE A 286 -6.24 1.82 -44.69
CA ILE A 286 -5.35 1.65 -45.84
C ILE A 286 -5.66 2.69 -46.91
N PHE A 287 -6.94 2.84 -47.26
CA PHE A 287 -7.33 3.78 -48.29
C PHE A 287 -7.31 5.22 -47.80
N MET A 288 -7.44 5.45 -46.50
CA MET A 288 -7.28 6.81 -45.98
C MET A 288 -5.82 7.24 -46.04
N ALA A 289 -4.88 6.31 -45.89
CA ALA A 289 -3.47 6.63 -46.08
C ALA A 289 -3.16 6.87 -47.55
N LEU A 290 -3.72 6.04 -48.44
CA LEU A 290 -3.50 6.24 -49.87
C LEU A 290 -4.08 7.57 -50.33
N GLU A 291 -5.24 7.94 -49.80
CA GLU A 291 -5.87 9.21 -50.17
C GLU A 291 -5.03 10.40 -49.76
N ASN A 292 -4.31 10.30 -48.64
CA ASN A 292 -3.51 11.39 -48.11
C ASN A 292 -2.02 11.23 -48.40
N LYS A 293 -1.65 10.28 -49.26
CA LYS A 293 -0.25 10.09 -49.61
C LYS A 293 0.26 11.31 -50.38
N LYS A 294 1.39 11.86 -49.92
CA LYS A 294 2.03 12.98 -50.59
C LYS A 294 3.22 12.46 -51.39
N GLU A 295 3.17 12.62 -52.70
CA GLU A 295 4.20 12.10 -53.57
C GLU A 295 5.45 12.98 -53.50
N ASN A 296 6.62 12.31 -53.42
CA ASN A 296 7.91 13.00 -53.36
C ASN A 296 7.95 13.97 -52.19
N ALA A 297 7.48 13.50 -51.03
CA ALA A 297 7.48 14.33 -49.84
C ALA A 297 8.90 14.53 -49.33
N GLN A 298 9.19 15.74 -48.86
CA GLN A 298 10.46 16.10 -48.27
C GLN A 298 10.24 16.85 -46.97
N TYR A 299 11.22 16.79 -46.06
CA TYR A 299 11.19 17.62 -44.88
C TYR A 299 12.53 18.33 -44.73
N ASP A 300 12.50 19.44 -43.98
CA ASP A 300 13.70 20.26 -43.73
C ASP A 300 14.38 19.70 -42.49
N LYS A 301 15.48 18.97 -42.69
CA LYS A 301 16.16 18.33 -41.57
C LYS A 301 16.72 19.36 -40.59
N ASP A 302 17.09 20.54 -41.08
CA ASP A 302 17.57 21.58 -40.19
C ASP A 302 16.43 22.22 -39.41
N ALA A 303 15.26 22.39 -40.04
CA ALA A 303 14.13 22.97 -39.35
C ALA A 303 13.60 22.02 -38.27
N HIS A 304 13.65 20.71 -38.54
CA HIS A 304 13.26 19.75 -37.50
C HIS A 304 14.30 19.68 -36.39
N HIS A 305 15.57 19.96 -36.71
CA HIS A 305 16.60 20.00 -35.68
C HIS A 305 16.37 21.17 -34.74
N ARG A 306 16.01 22.34 -35.29
CA ARG A 306 15.70 23.49 -34.46
C ARG A 306 14.43 23.26 -33.64
N LEU A 307 13.45 22.54 -34.19
CA LEU A 307 12.27 22.22 -33.42
C LEU A 307 12.61 21.32 -32.25
N ALA A 308 13.45 20.30 -32.49
CA ALA A 308 13.91 19.44 -31.40
C ALA A 308 14.66 20.25 -30.35
N ARG A 309 15.38 21.29 -30.77
CA ARG A 309 16.05 22.16 -29.82
C ARG A 309 15.04 22.95 -29.00
N GLN A 310 13.99 23.47 -29.65
CA GLN A 310 12.95 24.19 -28.91
C GLN A 310 12.17 23.26 -28.01
N ALA A 311 11.83 22.06 -28.49
CA ALA A 311 11.07 21.11 -27.68
C ALA A 311 11.83 20.73 -26.42
N ALA A 312 13.14 20.54 -26.54
CA ALA A 312 13.94 20.21 -25.37
C ALA A 312 14.07 21.41 -24.44
N ALA A 313 14.31 22.60 -24.99
CA ALA A 313 14.52 23.78 -24.16
C ALA A 313 13.26 24.19 -23.41
N GLU A 314 12.08 23.90 -23.97
CA GLU A 314 10.83 24.26 -23.32
C GLU A 314 10.25 23.15 -22.45
N SER A 315 10.94 22.02 -22.32
CA SER A 315 10.49 20.94 -21.47
C SER A 315 11.50 20.56 -20.38
N MET A 316 12.67 21.19 -20.37
CA MET A 316 13.61 21.00 -19.29
C MET A 316 13.05 21.57 -17.99
N VAL A 317 13.30 20.89 -16.88
CA VAL A 317 12.71 21.23 -15.59
C VAL A 317 13.80 21.75 -14.66
N LEU A 318 13.66 23.00 -14.23
CA LEU A 318 14.52 23.57 -13.20
C LEU A 318 14.00 23.13 -11.85
N LEU A 319 14.59 22.05 -11.30
CA LEU A 319 14.12 21.51 -10.03
C LEU A 319 14.56 22.36 -8.85
N LYS A 320 15.78 22.87 -8.89
CA LYS A 320 16.34 23.66 -7.81
C LYS A 320 17.23 24.73 -8.40
N ASN A 321 17.24 25.90 -7.75
CA ASN A 321 18.06 27.01 -8.21
C ASN A 321 18.39 27.93 -7.05
N GLU A 322 19.16 27.43 -6.09
CA GLU A 322 19.49 28.19 -4.89
C GLU A 322 20.40 29.36 -5.25
N ASP A 323 20.10 30.53 -4.70
CA ASP A 323 20.86 31.76 -4.90
C ASP A 323 20.90 32.20 -6.36
N ASP A 324 19.98 31.69 -7.18
CA ASP A 324 19.85 32.09 -8.58
C ASP A 324 21.17 31.91 -9.32
N VAL A 325 21.82 30.76 -9.11
CA VAL A 325 23.04 30.46 -9.86
C VAL A 325 22.74 30.37 -11.35
N LEU A 326 21.58 29.81 -11.70
CA LEU A 326 21.15 29.90 -13.09
C LEU A 326 20.24 31.11 -13.28
N PRO A 327 20.33 31.83 -14.41
CA PRO A 327 21.22 31.54 -15.54
C PRO A 327 22.68 31.92 -15.27
N LEU A 328 23.60 31.19 -15.86
CA LEU A 328 25.02 31.46 -15.67
C LEU A 328 25.39 32.83 -16.25
N LYS A 329 26.33 33.49 -15.59
CA LYS A 329 26.85 34.75 -16.12
C LYS A 329 27.77 34.46 -17.30
N LYS A 330 27.74 35.33 -18.30
CA LYS A 330 28.61 35.20 -19.46
C LYS A 330 29.95 35.91 -19.20
N SER A 331 30.63 35.44 -18.16
CA SER A 331 31.90 36.00 -17.74
C SER A 331 32.58 35.02 -16.81
N GLY A 332 33.83 35.33 -16.47
CA GLY A 332 34.56 34.48 -15.54
C GLY A 332 34.89 33.12 -16.14
N THR A 333 35.04 32.14 -15.26
CA THR A 333 35.39 30.78 -15.64
C THR A 333 34.26 29.84 -15.27
N ILE A 334 33.89 28.96 -16.21
CA ILE A 334 32.84 27.96 -16.01
C ILE A 334 33.45 26.59 -16.24
N ALA A 335 33.21 25.67 -15.32
CA ALA A 335 33.76 24.32 -15.38
C ALA A 335 32.64 23.35 -15.73
N LEU A 336 32.84 22.59 -16.81
CA LEU A 336 31.93 21.51 -17.19
C LEU A 336 32.60 20.18 -16.84
N ILE A 337 31.94 19.40 -15.97
CA ILE A 337 32.49 18.15 -15.47
C ILE A 337 31.50 17.03 -15.75
N GLY A 338 32.02 15.89 -16.21
CA GLY A 338 31.21 14.70 -16.41
C GLY A 338 31.44 14.02 -17.75
N ALA A 339 31.38 12.68 -17.74
CA ALA A 339 31.49 11.94 -18.99
C ALA A 339 30.34 12.26 -19.94
N PHE A 340 29.18 12.68 -19.39
CA PHE A 340 28.04 13.05 -20.22
C PHE A 340 28.26 14.35 -20.98
N VAL A 341 29.35 15.07 -20.73
CA VAL A 341 29.65 16.24 -21.56
C VAL A 341 30.00 15.81 -22.98
N LYS A 342 30.88 14.81 -23.10
CA LYS A 342 31.34 14.33 -24.41
C LYS A 342 30.44 13.23 -24.96
N LYS A 343 29.97 12.32 -24.11
CA LYS A 343 29.08 11.23 -24.51
C LYS A 343 27.75 11.40 -23.75
N PRO A 344 26.93 12.36 -24.15
CA PRO A 344 25.71 12.65 -23.40
C PRO A 344 24.64 11.59 -23.60
N ARG A 345 23.76 11.50 -22.61
CA ARG A 345 22.58 10.66 -22.68
C ARG A 345 21.42 11.51 -23.19
N TYR A 346 20.87 11.14 -24.34
CA TYR A 346 19.84 11.94 -24.98
C TYR A 346 18.61 11.15 -25.45
N GLN A 347 18.66 9.82 -25.45
CA GLN A 347 17.50 9.01 -25.80
C GLN A 347 17.60 7.68 -25.08
N GLY A 348 16.56 6.86 -25.21
CA GLY A 348 16.50 5.56 -24.60
C GLY A 348 17.00 4.47 -25.52
N SER A 349 16.67 3.22 -25.16
CA SER A 349 17.05 2.06 -25.92
C SER A 349 15.83 1.19 -26.17
N GLY A 350 15.86 0.44 -27.27
CA GLY A 350 14.76 -0.42 -27.63
C GLY A 350 14.27 -0.12 -29.03
N SER A 351 13.05 -0.56 -29.32
CA SER A 351 12.48 -0.36 -30.66
C SER A 351 12.27 1.11 -31.00
N SER A 352 12.35 2.00 -30.02
CA SER A 352 12.20 3.44 -30.27
C SER A 352 13.52 4.14 -30.53
N HIS A 353 14.63 3.39 -30.60
CA HIS A 353 15.94 4.02 -30.77
C HIS A 353 16.06 4.64 -32.15
N ILE A 354 16.61 5.85 -32.20
CA ILE A 354 16.67 6.63 -33.42
C ILE A 354 18.13 6.82 -33.84
N THR A 355 18.38 6.72 -35.15
CA THR A 355 19.62 7.14 -35.75
C THR A 355 19.49 8.62 -36.11
N PRO A 356 20.08 9.53 -35.34
CA PRO A 356 19.82 10.96 -35.56
C PRO A 356 20.53 11.52 -36.78
N THR A 357 19.86 12.48 -37.43
CA THR A 357 20.46 13.19 -38.56
C THR A 357 21.61 14.09 -38.13
N ARG A 358 21.63 14.50 -36.87
CA ARG A 358 22.65 15.36 -36.30
C ARG A 358 22.76 15.01 -34.82
N LEU A 359 23.76 15.60 -34.15
CA LEU A 359 23.86 15.47 -32.71
C LEU A 359 24.68 16.64 -32.19
N ASP A 360 24.07 17.49 -31.38
CA ASP A 360 24.77 18.65 -30.85
C ASP A 360 25.85 18.22 -29.86
N ASP A 361 26.94 18.97 -29.86
CA ASP A 361 28.03 18.78 -28.91
C ASP A 361 27.83 19.76 -27.76
N ILE A 362 27.73 19.22 -26.54
CA ILE A 362 27.42 20.05 -25.37
C ILE A 362 28.49 21.11 -25.17
N TYR A 363 29.76 20.70 -25.23
CA TYR A 363 30.85 21.64 -24.95
C TYR A 363 30.86 22.79 -25.96
N GLU A 364 30.69 22.49 -27.24
CA GLU A 364 30.76 23.53 -28.26
C GLU A 364 29.55 24.46 -28.19
N GLU A 365 28.35 23.90 -27.96
CA GLU A 365 27.17 24.75 -27.88
C GLU A 365 27.25 25.69 -26.69
N ILE A 366 27.78 25.21 -25.56
CA ILE A 366 27.94 26.06 -24.40
C ILE A 366 29.02 27.10 -24.65
N LYS A 367 30.14 26.68 -25.22
CA LYS A 367 31.20 27.64 -25.59
C LYS A 367 30.66 28.68 -26.56
N LYS A 368 29.84 28.25 -27.53
CA LYS A 368 29.26 29.20 -28.48
C LYS A 368 28.36 30.21 -27.78
N ALA A 369 27.51 29.74 -26.86
CA ALA A 369 26.66 30.64 -26.11
C ALA A 369 27.43 31.44 -25.06
N GLY A 370 28.57 30.92 -24.59
CA GLY A 370 29.33 31.63 -23.58
C GLY A 370 30.04 32.85 -24.15
N GLY A 371 30.78 32.66 -25.24
CA GLY A 371 31.43 33.74 -25.92
C GLY A 371 32.90 33.86 -25.57
N ASP A 372 33.49 34.99 -25.99
CA ASP A 372 34.91 35.22 -25.79
C ASP A 372 35.23 35.51 -24.32
N LYS A 373 34.33 36.18 -23.61
CA LYS A 373 34.60 36.60 -22.25
C LYS A 373 34.53 35.46 -21.24
N VAL A 374 34.09 34.28 -21.65
CA VAL A 374 33.98 33.11 -20.77
C VAL A 374 35.17 32.20 -21.01
N ASN A 375 35.80 31.76 -19.92
CA ASN A 375 36.83 30.73 -19.97
C ASN A 375 36.18 29.40 -19.64
N LEU A 376 36.19 28.47 -20.60
CA LEU A 376 35.51 27.19 -20.46
C LEU A 376 36.54 26.09 -20.18
N VAL A 377 36.33 25.36 -19.10
CA VAL A 377 37.22 24.27 -18.68
C VAL A 377 36.41 23.00 -18.58
N TYR A 378 37.00 21.89 -19.02
CA TYR A 378 36.36 20.58 -18.97
C TYR A 378 37.19 19.62 -18.13
N SER A 379 36.51 18.77 -17.37
CA SER A 379 37.16 17.71 -16.61
C SER A 379 36.26 16.47 -16.66
N GLU A 380 36.87 15.31 -16.89
CA GLU A 380 36.09 14.10 -17.12
C GLU A 380 35.30 13.71 -15.88
N GLY A 381 35.95 13.70 -14.71
CA GLY A 381 35.24 13.49 -13.46
C GLY A 381 34.96 12.04 -13.11
N TYR A 382 34.25 11.35 -13.99
CA TYR A 382 33.93 9.94 -13.82
C TYR A 382 33.94 9.27 -15.18
N ARG A 383 34.05 7.94 -15.18
CA ARG A 383 34.08 7.17 -16.40
C ARG A 383 32.89 6.23 -16.45
N LEU A 384 32.19 6.21 -17.60
CA LEU A 384 31.09 5.29 -17.81
C LEU A 384 31.57 3.89 -18.17
N GLU A 385 32.81 3.75 -18.64
CA GLU A 385 33.31 2.47 -19.10
C GLU A 385 33.49 1.48 -17.96
N ASN A 386 33.84 1.98 -16.77
CA ASN A 386 34.05 1.14 -15.60
C ASN A 386 33.28 1.73 -14.43
N ASP A 387 32.43 0.91 -13.80
CA ASP A 387 31.72 1.33 -12.60
C ASP A 387 32.60 1.12 -11.36
N GLY A 388 33.73 1.82 -11.37
CA GLY A 388 34.65 1.76 -10.26
C GLY A 388 34.97 3.15 -9.73
N ILE A 389 36.06 3.27 -8.98
CA ILE A 389 36.48 4.54 -8.40
C ILE A 389 37.86 4.89 -8.96
N ASP A 390 38.02 6.15 -9.37
CA ASP A 390 39.28 6.66 -9.90
C ASP A 390 39.53 8.01 -9.22
N GLU A 391 40.37 8.01 -8.18
CA GLU A 391 40.62 9.24 -7.45
C GLU A 391 41.39 10.27 -8.26
N GLU A 392 42.11 9.85 -9.30
CA GLU A 392 42.77 10.82 -10.15
C GLU A 392 41.76 11.70 -10.87
N LEU A 393 40.69 11.08 -11.39
CA LEU A 393 39.62 11.85 -12.02
C LEU A 393 38.93 12.77 -11.03
N ILE A 394 38.68 12.26 -9.82
CA ILE A 394 38.02 13.07 -8.80
C ILE A 394 38.92 14.24 -8.37
N ASN A 395 40.22 13.97 -8.20
CA ASN A 395 41.13 15.04 -7.80
C ASN A 395 41.28 16.07 -8.90
N GLU A 396 41.39 15.64 -10.16
CA GLU A 396 41.45 16.59 -11.26
C GLU A 396 40.15 17.37 -11.39
N ALA A 397 39.00 16.74 -11.11
CA ALA A 397 37.73 17.44 -11.20
C ALA A 397 37.56 18.46 -10.09
N LYS A 398 38.10 18.17 -8.90
CA LYS A 398 38.02 19.12 -7.80
C LYS A 398 38.88 20.35 -8.08
N LYS A 399 40.08 20.14 -8.64
CA LYS A 399 40.95 21.27 -8.97
C LYS A 399 40.32 22.15 -10.05
N ALA A 400 39.66 21.53 -11.03
CA ALA A 400 38.98 22.30 -12.06
C ALA A 400 37.79 23.07 -11.48
N ALA A 401 37.10 22.49 -10.50
CA ALA A 401 35.96 23.17 -9.90
C ALA A 401 36.40 24.33 -9.02
N SER A 402 37.51 24.18 -8.30
CA SER A 402 37.95 25.24 -7.40
C SER A 402 38.40 26.47 -8.17
N SER A 403 39.11 26.30 -9.28
CA SER A 403 39.60 27.44 -10.04
C SER A 403 38.48 28.21 -10.73
N SER A 404 37.35 27.57 -10.99
CA SER A 404 36.25 28.19 -11.71
C SER A 404 35.33 28.96 -10.76
N ASP A 405 34.55 29.86 -11.34
CA ASP A 405 33.53 30.57 -10.57
C ASP A 405 32.29 29.70 -10.34
N VAL A 406 31.96 28.84 -11.30
CA VAL A 406 30.82 27.94 -11.19
C VAL A 406 31.19 26.60 -11.81
N ALA A 407 30.66 25.53 -11.23
CA ALA A 407 30.90 24.18 -11.71
C ALA A 407 29.56 23.56 -12.12
N VAL A 408 29.54 22.95 -13.30
CA VAL A 408 28.35 22.28 -13.81
C VAL A 408 28.68 20.81 -14.04
N VAL A 409 28.00 19.94 -13.30
CA VAL A 409 28.24 18.50 -13.38
C VAL A 409 27.11 17.86 -14.18
N PHE A 410 27.47 17.07 -15.18
CA PHE A 410 26.50 16.37 -16.02
C PHE A 410 26.48 14.90 -15.60
N ALA A 411 25.37 14.49 -14.97
CA ALA A 411 25.22 13.15 -14.41
C ALA A 411 23.87 12.59 -14.82
N GLY A 412 23.61 11.35 -14.44
CA GLY A 412 22.34 10.72 -14.75
C GLY A 412 22.51 9.23 -14.93
N LEU A 413 21.60 8.64 -15.71
CA LEU A 413 21.54 7.20 -15.91
C LEU A 413 22.26 6.82 -17.20
N PRO A 414 23.20 5.88 -17.15
CA PRO A 414 23.87 5.43 -18.38
C PRO A 414 22.87 4.77 -19.34
N ASP A 415 23.34 4.55 -20.56
CA ASP A 415 22.46 4.03 -21.61
C ASP A 415 21.88 2.68 -21.24
N GLU A 416 22.68 1.83 -20.59
CA GLU A 416 22.27 0.47 -20.28
C GLU A 416 21.13 0.42 -19.27
N TYR A 417 20.92 1.48 -18.49
CA TYR A 417 19.96 1.42 -17.39
C TYR A 417 18.52 1.39 -17.90
N GLU A 418 18.22 2.11 -18.97
CA GLU A 418 16.85 2.27 -19.44
C GLU A 418 16.71 1.70 -20.83
N SER A 419 15.71 0.84 -21.02
CA SER A 419 15.45 0.24 -22.32
C SER A 419 14.09 -0.43 -22.30
N GLU A 420 13.54 -0.63 -23.48
CA GLU A 420 12.44 -1.57 -23.65
C GLU A 420 12.95 -2.98 -23.33
N GLY A 421 12.08 -3.80 -22.74
CA GLY A 421 12.36 -5.20 -22.52
C GLY A 421 12.64 -5.57 -21.07
N PHE A 422 13.18 -4.64 -20.29
CA PHE A 422 13.48 -4.91 -18.89
C PHE A 422 13.31 -3.63 -18.09
N ASP A 423 13.05 -3.78 -16.80
CA ASP A 423 12.89 -2.67 -15.89
C ASP A 423 14.21 -2.35 -15.18
N ARG A 424 14.25 -1.19 -14.54
CA ARG A 424 15.34 -0.87 -13.63
C ARG A 424 15.16 -1.66 -12.32
N THR A 425 16.26 -1.92 -11.64
CA THR A 425 16.20 -2.60 -10.35
C THR A 425 16.35 -1.64 -9.17
N HIS A 426 17.01 -0.50 -9.36
CA HIS A 426 17.05 0.53 -8.34
C HIS A 426 16.82 1.89 -9.00
N MET A 427 16.84 2.94 -8.19
CA MET A 427 16.44 4.28 -8.63
C MET A 427 17.53 5.31 -8.40
N SER A 428 18.78 4.87 -8.35
CA SER A 428 19.89 5.74 -7.99
C SER A 428 20.89 5.87 -9.14
N ILE A 429 21.61 6.99 -9.12
CA ILE A 429 22.67 7.31 -10.07
C ILE A 429 23.85 6.41 -9.74
N PRO A 430 24.70 6.04 -10.72
CA PRO A 430 25.89 5.26 -10.38
C PRO A 430 26.68 5.94 -9.28
N GLU A 431 27.30 5.12 -8.41
CA GLU A 431 27.94 5.66 -7.22
C GLU A 431 29.13 6.54 -7.57
N ASN A 432 29.86 6.21 -8.63
CA ASN A 432 31.00 7.05 -9.03
C ASN A 432 30.55 8.43 -9.47
N GLN A 433 29.32 8.57 -9.96
CA GLN A 433 28.80 9.89 -10.25
C GLN A 433 28.36 10.62 -8.99
N ASN A 434 27.81 9.89 -8.02
CA ASN A 434 27.43 10.52 -6.76
C ASN A 434 28.66 10.97 -5.98
N ARG A 435 29.71 10.16 -5.98
CA ARG A 435 30.95 10.56 -5.31
C ARG A 435 31.52 11.83 -5.93
N LEU A 436 31.37 11.97 -7.25
CA LEU A 436 31.90 13.15 -7.93
C LEU A 436 31.15 14.41 -7.53
N ILE A 437 29.81 14.36 -7.57
CA ILE A 437 29.02 15.54 -7.22
C ILE A 437 29.31 15.99 -5.80
N GLU A 438 29.37 15.04 -4.86
CA GLU A 438 29.69 15.39 -3.48
C GLU A 438 31.10 15.93 -3.36
N ALA A 439 32.03 15.41 -4.15
CA ALA A 439 33.40 15.89 -4.11
C ALA A 439 33.50 17.30 -4.69
N VAL A 440 32.81 17.56 -5.80
CA VAL A 440 32.83 18.88 -6.39
C VAL A 440 32.12 19.89 -5.49
N ALA A 441 31.02 19.47 -4.85
CA ALA A 441 30.31 20.36 -3.94
C ALA A 441 31.14 20.73 -2.72
N GLU A 442 32.13 19.90 -2.36
CA GLU A 442 32.99 20.21 -1.22
C GLU A 442 33.90 21.40 -1.52
N VAL A 443 34.46 21.43 -2.74
CA VAL A 443 35.46 22.45 -3.09
C VAL A 443 34.87 23.61 -3.87
N GLN A 444 33.65 23.48 -4.40
CA GLN A 444 33.00 24.56 -5.15
C GLN A 444 31.54 24.61 -4.73
N SER A 445 31.20 25.61 -3.90
CA SER A 445 29.85 25.71 -3.36
C SER A 445 28.84 26.03 -4.44
N ASN A 446 29.25 26.74 -5.49
CA ASN A 446 28.36 27.10 -6.60
C ASN A 446 28.43 25.98 -7.63
N ILE A 447 27.62 24.94 -7.41
CA ILE A 447 27.63 23.74 -8.24
C ILE A 447 26.25 23.52 -8.81
N VAL A 448 26.19 23.28 -10.13
CA VAL A 448 24.95 23.00 -10.84
C VAL A 448 25.03 21.57 -11.36
N VAL A 449 23.96 20.80 -11.17
CA VAL A 449 23.89 19.41 -11.60
C VAL A 449 22.88 19.31 -12.72
N VAL A 450 23.33 18.91 -13.91
CA VAL A 450 22.47 18.62 -15.04
C VAL A 450 22.24 17.11 -15.08
N LEU A 451 20.98 16.69 -15.05
CA LEU A 451 20.61 15.28 -15.00
C LEU A 451 20.12 14.82 -16.36
N LEU A 452 20.71 13.75 -16.87
CA LEU A 452 20.29 13.13 -18.12
C LEU A 452 19.81 11.72 -17.80
N ASN A 453 18.51 11.48 -17.95
CA ASN A 453 17.88 10.26 -17.46
C ASN A 453 16.44 10.23 -17.95
N GLY A 454 15.91 9.03 -18.15
CA GLY A 454 14.55 8.90 -18.63
C GLY A 454 13.48 8.73 -17.58
N SER A 455 13.88 8.59 -16.32
CA SER A 455 12.95 8.24 -15.24
C SER A 455 13.50 8.78 -13.94
N PRO A 456 12.68 8.87 -12.89
CA PRO A 456 13.13 9.52 -11.65
C PRO A 456 14.37 8.85 -11.06
N VAL A 457 15.17 9.66 -10.36
CA VAL A 457 16.39 9.22 -9.73
C VAL A 457 16.47 9.81 -8.33
N GLU A 458 17.14 9.09 -7.43
CA GLU A 458 17.40 9.58 -6.09
C GLU A 458 18.55 10.57 -6.10
N MET A 459 18.45 11.62 -5.27
CA MET A 459 19.46 12.67 -5.21
C MET A 459 19.88 12.87 -3.76
N PRO A 460 20.71 11.96 -3.24
CA PRO A 460 21.15 12.10 -1.83
C PRO A 460 21.96 13.36 -1.58
N TRP A 461 22.54 13.96 -2.62
CA TRP A 461 23.36 15.15 -2.50
C TRP A 461 22.57 16.44 -2.69
N ILE A 462 21.24 16.37 -2.68
CA ILE A 462 20.40 17.49 -3.10
C ILE A 462 20.66 18.73 -2.25
N ASP A 463 21.00 18.56 -0.97
CA ASP A 463 21.24 19.70 -0.10
C ASP A 463 22.63 20.30 -0.29
N LYS A 464 23.55 19.57 -0.92
CA LYS A 464 24.90 20.07 -1.15
C LYS A 464 25.04 20.85 -2.45
N VAL A 465 24.01 20.85 -3.30
CA VAL A 465 24.08 21.50 -4.60
C VAL A 465 23.11 22.68 -4.62
N LYS A 466 23.43 23.67 -5.44
CA LYS A 466 22.61 24.87 -5.55
C LYS A 466 21.54 24.75 -6.63
N SER A 467 21.89 24.21 -7.79
CA SER A 467 20.97 24.10 -8.92
C SER A 467 20.96 22.68 -9.45
N VAL A 468 19.77 22.18 -9.76
CA VAL A 468 19.59 20.87 -10.40
C VAL A 468 18.72 21.08 -11.63
N LEU A 469 19.26 20.74 -12.80
CA LEU A 469 18.57 20.91 -14.07
C LEU A 469 18.23 19.53 -14.63
N GLU A 470 16.93 19.23 -14.68
CA GLU A 470 16.45 17.93 -15.17
C GLU A 470 16.10 18.08 -16.64
N ALA A 471 16.95 17.53 -17.51
CA ALA A 471 16.75 17.60 -18.95
C ALA A 471 16.13 16.35 -19.53
N TYR A 472 15.97 15.30 -18.72
CA TYR A 472 15.41 14.02 -19.16
C TYR A 472 16.26 13.52 -20.34
N LEU A 473 15.63 13.02 -21.41
CA LEU A 473 16.33 12.60 -22.62
C LEU A 473 15.94 13.59 -23.71
N GLY A 474 16.77 14.62 -23.89
CA GLY A 474 16.42 15.78 -24.68
C GLY A 474 16.53 15.65 -26.17
N GLY A 475 16.92 14.50 -26.69
CA GLY A 475 17.00 14.33 -28.13
C GLY A 475 18.33 14.78 -28.70
N GLN A 476 18.37 14.82 -30.04
CA GLN A 476 19.63 15.06 -30.74
C GLN A 476 20.10 16.50 -30.65
N ALA A 477 19.23 17.43 -30.27
CA ALA A 477 19.61 18.82 -30.08
C ALA A 477 19.72 19.18 -28.61
N LEU A 478 20.02 18.18 -27.77
CA LEU A 478 20.16 18.41 -26.34
C LEU A 478 21.24 19.46 -26.05
N GLY A 479 22.35 19.41 -26.78
CA GLY A 479 23.44 20.33 -26.51
C GLY A 479 23.04 21.78 -26.68
N GLY A 480 22.39 22.09 -27.81
CA GLY A 480 21.93 23.45 -28.01
C GLY A 480 20.91 23.88 -26.97
N ALA A 481 19.95 23.01 -26.67
CA ALA A 481 18.94 23.34 -25.66
C ALA A 481 19.57 23.58 -24.29
N LEU A 482 20.58 22.77 -23.94
CA LEU A 482 21.30 22.99 -22.69
C LEU A 482 21.98 24.34 -22.68
N ALA A 483 22.64 24.71 -23.77
CA ALA A 483 23.31 26.01 -23.85
C ALA A 483 22.29 27.15 -23.77
N ASP A 484 21.12 26.97 -24.38
CA ASP A 484 20.10 28.01 -24.38
C ASP A 484 19.58 28.27 -22.97
N VAL A 485 19.31 27.21 -22.20
CA VAL A 485 18.69 27.39 -20.89
C VAL A 485 19.72 27.79 -19.85
N LEU A 486 20.93 27.23 -19.92
CA LEU A 486 21.93 27.49 -18.90
C LEU A 486 22.32 28.97 -18.88
N PHE A 487 22.38 29.60 -20.05
CA PHE A 487 22.77 31.00 -20.14
C PHE A 487 21.58 31.95 -20.22
N GLY A 488 20.35 31.43 -20.15
CA GLY A 488 19.19 32.28 -20.11
C GLY A 488 18.66 32.73 -21.45
N GLU A 489 19.22 32.23 -22.56
CA GLU A 489 18.60 32.50 -23.85
C GLU A 489 17.19 31.95 -23.92
N VAL A 490 16.91 30.89 -23.14
CA VAL A 490 15.57 30.33 -22.98
C VAL A 490 15.26 30.29 -21.50
N ASN A 491 14.13 30.87 -21.11
CA ASN A 491 13.68 30.82 -19.72
C ASN A 491 13.03 29.47 -19.47
N PRO A 492 13.61 28.62 -18.63
CA PRO A 492 13.07 27.27 -18.45
C PRO A 492 11.65 27.31 -17.92
N SER A 493 10.81 26.44 -18.50
CA SER A 493 9.39 26.43 -18.14
C SER A 493 8.85 25.02 -17.93
N GLY A 494 9.70 24.00 -17.84
CA GLY A 494 9.23 22.64 -17.68
C GLY A 494 8.87 22.32 -16.23
N LYS A 495 7.80 21.54 -16.06
CA LYS A 495 7.38 21.08 -14.75
C LYS A 495 7.11 19.58 -14.82
N LEU A 496 7.51 18.88 -13.76
CA LEU A 496 7.51 17.42 -13.74
C LEU A 496 6.14 16.84 -14.08
N ALA A 497 6.14 15.80 -14.91
CA ALA A 497 4.95 15.04 -15.22
C ALA A 497 4.84 13.77 -14.37
N GLU A 498 5.73 13.58 -13.40
CA GLU A 498 5.71 12.42 -12.54
C GLU A 498 6.42 12.78 -11.23
N THR A 499 6.08 12.03 -10.18
CA THR A 499 6.61 12.30 -8.85
C THR A 499 8.03 11.76 -8.72
N PHE A 500 8.90 12.57 -8.13
CA PHE A 500 10.26 12.17 -7.80
C PHE A 500 10.31 11.82 -6.32
N PRO A 501 10.24 10.55 -5.94
CA PRO A 501 10.28 10.20 -4.52
C PRO A 501 11.69 10.34 -3.95
N VAL A 502 11.75 10.50 -2.62
CA VAL A 502 13.05 10.51 -1.95
C VAL A 502 13.71 9.14 -2.05
N LYS A 503 12.95 8.09 -1.77
CA LYS A 503 13.43 6.72 -1.83
C LYS A 503 12.52 5.90 -2.74
N LEU A 504 13.12 4.93 -3.44
CA LEU A 504 12.32 4.01 -4.25
C LEU A 504 11.24 3.34 -3.42
N SER A 505 11.60 2.90 -2.21
CA SER A 505 10.65 2.17 -1.36
C SER A 505 9.44 3.00 -0.98
N HIS A 506 9.49 4.32 -1.11
CA HIS A 506 8.34 5.16 -0.81
C HIS A 506 7.23 4.98 -1.83
N ASN A 507 7.56 4.61 -3.07
CA ASN A 507 6.61 4.70 -4.15
C ASN A 507 5.48 3.68 -3.96
N PRO A 508 4.26 4.02 -4.42
CA PRO A 508 3.09 3.20 -4.07
C PRO A 508 3.17 1.75 -4.53
N SER A 509 3.82 1.46 -5.65
CA SER A 509 3.87 0.12 -6.19
C SER A 509 4.95 -0.75 -5.57
N TYR A 510 5.74 -0.21 -4.64
CA TYR A 510 6.98 -0.86 -4.23
C TYR A 510 6.75 -2.28 -3.73
N LEU A 511 5.70 -2.48 -2.93
CA LEU A 511 5.44 -3.80 -2.36
C LEU A 511 4.83 -4.77 -3.36
N ASN A 512 4.48 -4.31 -4.55
CA ASN A 512 3.81 -5.12 -5.56
C ASN A 512 4.38 -4.84 -6.95
N PHE A 513 5.70 -4.95 -7.07
CA PHE A 513 6.39 -4.72 -8.34
C PHE A 513 7.70 -5.52 -8.32
N PRO A 514 7.96 -6.35 -9.33
CA PRO A 514 7.10 -6.62 -10.49
C PRO A 514 6.22 -7.85 -10.32
N GLY A 515 5.85 -8.16 -9.09
CA GLY A 515 4.98 -9.29 -8.84
C GLY A 515 5.75 -10.60 -8.76
N GLU A 516 4.98 -11.69 -8.69
CA GLU A 516 5.52 -13.03 -8.52
C GLU A 516 4.70 -14.02 -9.35
N ASP A 517 5.39 -15.03 -9.90
CA ASP A 517 4.75 -16.18 -10.53
C ASP A 517 3.80 -15.77 -11.65
N ASP A 518 4.31 -14.97 -12.60
CA ASP A 518 3.53 -14.49 -13.74
C ASP A 518 2.25 -13.80 -13.27
N ARG A 519 2.37 -13.01 -12.20
CA ARG A 519 1.21 -12.35 -11.63
C ARG A 519 1.65 -11.10 -10.90
N VAL A 520 0.97 -9.98 -11.15
CA VAL A 520 1.18 -8.75 -10.40
C VAL A 520 -0.18 -8.11 -10.12
N GLU A 521 -0.37 -7.65 -8.89
CA GLU A 521 -1.65 -7.09 -8.44
C GLU A 521 -1.45 -5.63 -8.06
N TYR A 522 -2.24 -4.74 -8.68
CA TYR A 522 -2.16 -3.31 -8.39
C TYR A 522 -2.93 -3.02 -7.10
N LYS A 523 -2.35 -3.48 -5.98
CA LYS A 523 -3.04 -3.35 -4.71
C LYS A 523 -3.08 -1.91 -4.19
N GLU A 524 -2.31 -0.99 -4.78
CA GLU A 524 -2.45 0.42 -4.42
C GLU A 524 -3.68 1.06 -5.05
N GLY A 525 -4.26 0.43 -6.07
CA GLY A 525 -5.51 0.90 -6.64
C GLY A 525 -5.36 2.26 -7.29
N LEU A 526 -6.28 3.18 -6.96
CA LEU A 526 -6.26 4.53 -7.51
C LEU A 526 -4.98 5.26 -7.16
N PHE A 527 -4.37 4.94 -6.02
CA PHE A 527 -3.35 5.78 -5.41
C PHE A 527 -2.00 5.54 -6.08
N VAL A 528 -1.92 6.06 -7.32
CA VAL A 528 -0.72 6.01 -8.13
C VAL A 528 -0.17 7.43 -8.24
N GLY A 529 1.15 7.55 -8.23
CA GLY A 529 1.77 8.86 -8.41
C GLY A 529 1.43 9.78 -7.25
N TYR A 530 1.23 11.06 -7.57
CA TYR A 530 0.97 12.05 -6.53
C TYR A 530 -0.29 11.76 -5.74
N ARG A 531 -1.24 11.01 -6.32
CA ARG A 531 -2.42 10.58 -5.57
C ARG A 531 -2.02 9.82 -4.32
N TYR A 532 -0.92 9.06 -4.38
CA TYR A 532 -0.47 8.32 -3.22
C TYR A 532 0.21 9.26 -2.22
N TYR A 533 1.18 10.04 -2.69
CA TYR A 533 1.96 10.87 -1.77
C TYR A 533 1.09 11.92 -1.08
N ASP A 534 0.10 12.46 -1.79
CA ASP A 534 -0.79 13.45 -1.19
C ASP A 534 -1.65 12.81 -0.10
N THR A 535 -2.29 11.68 -0.40
CA THR A 535 -3.20 11.06 0.55
C THR A 535 -2.45 10.45 1.72
N LYS A 536 -1.27 9.88 1.47
CA LYS A 536 -0.47 9.27 2.53
C LYS A 536 0.29 10.29 3.34
N GLY A 537 0.41 11.52 2.88
CA GLY A 537 1.21 12.51 3.58
C GLY A 537 2.69 12.25 3.52
N ILE A 538 3.18 11.67 2.42
CA ILE A 538 4.59 11.36 2.23
C ILE A 538 5.19 12.42 1.31
N GLU A 539 6.26 13.06 1.78
CA GLU A 539 6.87 14.15 1.02
C GLU A 539 7.81 13.60 -0.05
N PRO A 540 7.54 13.83 -1.33
CA PRO A 540 8.49 13.42 -2.37
C PRO A 540 9.71 14.32 -2.39
N LEU A 541 10.73 13.87 -3.13
CA LEU A 541 11.89 14.73 -3.37
C LEU A 541 11.49 15.98 -4.15
N PHE A 542 10.78 15.79 -5.26
CA PHE A 542 10.20 16.87 -6.02
C PHE A 542 8.83 16.37 -6.46
N PRO A 543 7.77 17.12 -6.18
CA PRO A 543 6.41 16.61 -6.42
C PRO A 543 6.02 16.70 -7.89
N PHE A 544 4.91 16.03 -8.21
CA PHE A 544 4.28 16.14 -9.51
C PHE A 544 3.95 17.60 -9.81
N GLY A 545 4.30 18.04 -11.02
CA GLY A 545 4.03 19.40 -11.42
C GLY A 545 5.01 20.44 -10.91
N HIS A 546 6.15 20.03 -10.36
CA HIS A 546 7.12 20.96 -9.83
C HIS A 546 8.07 21.43 -10.92
N GLY A 547 8.32 22.73 -10.97
CA GLY A 547 9.26 23.32 -11.91
C GLY A 547 9.44 24.80 -11.64
N LEU A 548 10.68 25.28 -11.67
CA LEU A 548 10.99 26.67 -11.37
C LEU A 548 11.18 27.46 -12.67
N SER A 549 11.40 28.76 -12.49
CA SER A 549 11.63 29.66 -13.60
C SER A 549 12.61 30.74 -13.16
N TYR A 550 13.27 31.37 -14.14
CA TYR A 550 14.16 32.49 -13.84
C TYR A 550 13.39 33.75 -13.47
N THR A 551 12.06 33.71 -13.51
CA THR A 551 11.19 34.80 -13.12
C THR A 551 10.13 34.27 -12.16
N LYS A 552 9.32 35.19 -11.62
CA LYS A 552 8.30 34.84 -10.65
C LYS A 552 6.92 35.18 -11.20
N PHE A 553 5.95 34.32 -10.92
CA PHE A 553 4.58 34.48 -11.38
C PHE A 553 3.64 34.54 -10.19
N GLU A 554 2.80 35.57 -10.14
CA GLU A 554 1.86 35.79 -9.05
C GLU A 554 0.45 35.50 -9.53
N TYR A 555 -0.25 34.60 -8.83
CA TYR A 555 -1.63 34.29 -9.12
C TYR A 555 -2.55 35.17 -8.28
N SER A 556 -3.68 35.54 -8.87
CA SER A 556 -4.62 36.42 -8.19
C SER A 556 -5.98 36.32 -8.86
N ASP A 557 -7.01 36.73 -8.11
CA ASP A 557 -8.37 36.87 -8.63
C ASP A 557 -8.87 35.58 -9.27
N ILE A 558 -9.01 34.56 -8.42
CA ILE A 558 -9.62 33.32 -8.86
C ILE A 558 -11.12 33.52 -9.03
N SER A 559 -11.63 33.20 -10.21
CA SER A 559 -13.04 33.35 -10.53
C SER A 559 -13.66 32.00 -10.84
N VAL A 560 -14.96 31.90 -10.61
CA VAL A 560 -15.74 30.72 -10.96
C VAL A 560 -17.05 31.17 -11.59
N ASP A 561 -17.48 30.45 -12.63
CA ASP A 561 -18.73 30.78 -13.31
C ASP A 561 -19.91 30.62 -12.37
N LYS A 562 -20.07 29.43 -11.81
CA LYS A 562 -21.20 29.09 -10.96
C LYS A 562 -20.69 28.55 -9.63
N LYS A 563 -21.57 28.51 -8.63
CA LYS A 563 -21.24 27.96 -7.33
C LYS A 563 -22.07 26.73 -6.96
N ASP A 564 -23.27 26.59 -7.51
CA ASP A 564 -24.11 25.41 -7.34
C ASP A 564 -24.38 24.83 -8.72
N VAL A 565 -23.93 23.60 -8.95
CA VAL A 565 -23.95 23.02 -10.29
C VAL A 565 -24.43 21.57 -10.20
N SER A 566 -25.03 21.10 -11.30
CA SER A 566 -25.54 19.74 -11.41
C SER A 566 -24.58 18.86 -12.21
N ASP A 567 -24.96 17.59 -12.39
CA ASP A 567 -24.13 16.67 -13.16
C ASP A 567 -24.01 17.12 -14.61
N ASN A 568 -25.13 17.52 -15.21
CA ASN A 568 -25.14 17.91 -16.62
C ASN A 568 -24.74 19.37 -16.84
N SER A 569 -24.24 20.04 -15.81
CA SER A 569 -23.84 21.44 -15.91
C SER A 569 -22.35 21.54 -16.19
N ILE A 570 -21.87 22.77 -16.35
CA ILE A 570 -20.47 23.06 -16.67
C ILE A 570 -20.05 24.30 -15.91
N ILE A 571 -18.87 24.26 -15.31
CA ILE A 571 -18.33 25.38 -14.55
C ILE A 571 -17.15 25.96 -15.32
N ASN A 572 -17.01 27.27 -15.28
CA ASN A 572 -15.89 27.99 -15.91
C ASN A 572 -15.05 28.63 -14.83
N VAL A 573 -13.76 28.32 -14.82
CA VAL A 573 -12.83 28.80 -13.80
C VAL A 573 -11.89 29.80 -14.46
N SER A 574 -11.59 30.89 -13.76
CA SER A 574 -10.73 31.94 -14.27
C SER A 574 -9.70 32.30 -13.21
N VAL A 575 -8.49 32.62 -13.66
CA VAL A 575 -7.43 33.11 -12.78
C VAL A 575 -6.56 34.07 -13.56
N LYS A 576 -6.01 35.06 -12.87
CA LYS A 576 -5.12 36.03 -13.47
C LYS A 576 -3.69 35.69 -13.04
N VAL A 577 -2.80 35.54 -14.02
CA VAL A 577 -1.41 35.24 -13.77
C VAL A 577 -0.58 36.41 -14.28
N LYS A 578 0.33 36.90 -13.42
CA LYS A 578 1.14 38.06 -13.73
C LYS A 578 2.61 37.74 -13.52
N ASN A 579 3.43 38.06 -14.52
CA ASN A 579 4.89 37.93 -14.40
C ASN A 579 5.40 39.11 -13.60
N VAL A 580 5.78 38.86 -12.33
CA VAL A 580 6.24 39.92 -11.44
C VAL A 580 7.77 40.00 -11.42
N GLY A 581 8.45 39.36 -12.36
CA GLY A 581 9.89 39.39 -12.44
C GLY A 581 10.40 40.31 -13.53
N LYS A 582 11.69 40.18 -13.83
CA LYS A 582 12.36 41.01 -14.82
C LYS A 582 12.57 40.32 -16.15
N MET A 583 12.30 39.02 -16.24
CA MET A 583 12.57 38.23 -17.44
C MET A 583 11.29 37.58 -17.92
N ALA A 584 11.08 37.58 -19.24
CA ALA A 584 9.91 36.94 -19.81
C ALA A 584 10.02 35.42 -19.67
N GLY A 585 8.86 34.76 -19.62
CA GLY A 585 8.84 33.32 -19.48
C GLY A 585 7.43 32.79 -19.55
N LYS A 586 7.34 31.47 -19.64
CA LYS A 586 6.07 30.75 -19.67
C LYS A 586 5.81 30.07 -18.33
N GLU A 587 4.56 30.13 -17.88
CA GLU A 587 4.15 29.51 -16.63
C GLU A 587 3.08 28.47 -16.92
N ILE A 588 3.23 27.29 -16.31
CA ILE A 588 2.26 26.21 -16.41
C ILE A 588 1.26 26.36 -15.26
N VAL A 589 0.04 26.75 -15.57
CA VAL A 589 -1.03 26.86 -14.57
C VAL A 589 -1.68 25.49 -14.42
N GLN A 590 -1.84 25.04 -13.18
CA GLN A 590 -2.36 23.71 -12.88
C GLN A 590 -3.63 23.83 -12.05
N LEU A 591 -4.66 23.10 -12.44
CA LEU A 591 -5.94 23.09 -11.73
C LEU A 591 -6.21 21.69 -11.20
N TYR A 592 -6.46 21.59 -9.90
CA TYR A 592 -6.78 20.33 -9.25
C TYR A 592 -8.17 20.41 -8.64
N VAL A 593 -8.83 19.25 -8.54
CA VAL A 593 -10.15 19.14 -7.95
C VAL A 593 -10.06 18.25 -6.72
N LYS A 594 -10.58 18.74 -5.60
CA LYS A 594 -10.58 18.00 -4.34
C LYS A 594 -12.02 17.74 -3.91
N ASP A 595 -12.31 16.48 -3.59
CA ASP A 595 -13.60 16.07 -3.05
C ASP A 595 -13.47 16.02 -1.53
N VAL A 596 -14.06 17.00 -0.85
CA VAL A 596 -13.81 17.15 0.59
C VAL A 596 -14.47 16.03 1.38
N LYS A 597 -15.56 15.46 0.87
CA LYS A 597 -16.26 14.40 1.57
C LYS A 597 -16.96 13.52 0.56
N SER A 598 -16.70 12.21 0.64
CA SER A 598 -17.33 11.25 -0.26
C SER A 598 -17.36 9.89 0.42
N SER A 599 -18.41 9.12 0.12
CA SER A 599 -18.53 7.79 0.70
C SER A 599 -17.42 6.87 0.21
N VAL A 600 -16.99 7.04 -1.02
CA VAL A 600 -15.90 6.24 -1.59
C VAL A 600 -14.58 6.93 -1.28
N ARG A 601 -13.53 6.13 -1.16
CA ARG A 601 -12.18 6.66 -0.95
C ARG A 601 -11.65 7.22 -2.25
N ARG A 602 -11.24 8.47 -2.24
CA ARG A 602 -10.66 9.14 -3.40
C ARG A 602 -9.38 9.84 -2.98
N PRO A 603 -8.47 10.10 -3.92
CA PRO A 603 -7.23 10.81 -3.58
C PRO A 603 -7.52 12.19 -3.03
N GLU A 604 -6.49 12.78 -2.41
CA GLU A 604 -6.64 14.12 -1.86
C GLU A 604 -7.08 15.12 -2.93
N LYS A 605 -6.46 15.06 -4.10
CA LYS A 605 -6.86 15.90 -5.22
C LYS A 605 -6.40 15.25 -6.51
N GLU A 606 -7.06 15.64 -7.61
CA GLU A 606 -6.76 15.10 -8.93
C GLU A 606 -6.68 16.23 -9.94
N LEU A 607 -5.66 16.17 -10.80
CA LEU A 607 -5.50 17.19 -11.83
C LEU A 607 -6.62 17.11 -12.85
N LYS A 608 -7.25 18.25 -13.13
CA LYS A 608 -8.35 18.31 -14.08
C LYS A 608 -8.20 19.44 -15.10
N GLY A 609 -7.06 20.10 -15.15
CA GLY A 609 -6.84 21.16 -16.12
C GLY A 609 -5.46 21.78 -16.04
N PHE A 610 -4.91 22.16 -17.19
CA PHE A 610 -3.60 22.80 -17.23
C PHE A 610 -3.48 23.64 -18.49
N GLU A 611 -2.87 24.82 -18.35
CA GLU A 611 -2.57 25.69 -19.48
C GLU A 611 -1.21 26.33 -19.26
N LYS A 612 -0.57 26.72 -20.36
CA LYS A 612 0.74 27.36 -20.35
C LYS A 612 0.61 28.72 -21.02
N VAL A 613 0.99 29.78 -20.29
CA VAL A 613 0.86 31.15 -20.78
C VAL A 613 2.23 31.80 -20.80
N PHE A 614 2.45 32.63 -21.82
CA PHE A 614 3.67 33.43 -21.96
C PHE A 614 3.41 34.83 -21.43
N LEU A 615 4.31 35.33 -20.59
CA LEU A 615 4.13 36.62 -19.95
C LEU A 615 5.42 37.42 -20.02
N ASN A 616 5.37 38.59 -20.64
CA ASN A 616 6.47 39.53 -20.58
C ASN A 616 6.58 40.11 -19.18
N PRO A 617 7.72 40.70 -18.83
CA PRO A 617 7.87 41.29 -17.49
C PRO A 617 6.76 42.28 -17.17
N GLY A 618 6.09 42.05 -16.04
CA GLY A 618 4.98 42.87 -15.62
C GLY A 618 3.65 42.53 -16.27
N GLU A 619 3.63 41.63 -17.25
CA GLU A 619 2.40 41.35 -17.97
C GLU A 619 1.49 40.42 -17.18
N GLU A 620 0.19 40.65 -17.29
CA GLU A 620 -0.83 39.85 -16.62
C GLU A 620 -1.88 39.43 -17.64
N LYS A 621 -2.21 38.14 -17.66
CA LYS A 621 -3.26 37.64 -18.55
C LYS A 621 -4.15 36.68 -17.77
N THR A 622 -5.38 36.54 -18.24
CA THR A 622 -6.37 35.69 -17.60
C THR A 622 -6.36 34.31 -18.26
N VAL A 623 -6.29 33.26 -17.45
CA VAL A 623 -6.31 31.88 -17.90
C VAL A 623 -7.65 31.28 -17.53
N THR A 624 -8.24 30.52 -18.46
CA THR A 624 -9.57 29.96 -18.27
C THR A 624 -9.52 28.44 -18.31
N PHE A 625 -10.40 27.84 -17.51
CA PHE A 625 -10.58 26.40 -17.45
C PHE A 625 -12.06 26.08 -17.47
N THR A 626 -12.41 24.95 -18.09
CA THR A 626 -13.78 24.45 -18.09
C THR A 626 -13.81 23.12 -17.34
N LEU A 627 -14.79 22.96 -16.47
CA LEU A 627 -14.89 21.79 -15.60
C LEU A 627 -16.09 20.96 -16.00
N ASP A 628 -15.83 19.74 -16.47
CA ASP A 628 -16.85 18.81 -16.92
C ASP A 628 -17.48 18.13 -15.72
N LYS A 629 -18.47 17.25 -15.97
CA LYS A 629 -18.90 16.32 -14.95
C LYS A 629 -17.75 15.38 -14.57
N ARG A 630 -16.95 14.98 -15.55
CA ARG A 630 -15.85 14.07 -15.29
C ARG A 630 -14.78 14.68 -14.40
N ALA A 631 -14.78 16.01 -14.23
CA ALA A 631 -13.85 16.64 -13.31
C ALA A 631 -14.22 16.35 -11.85
N PHE A 632 -15.46 15.95 -11.59
CA PHE A 632 -15.91 15.66 -10.23
C PHE A 632 -16.35 14.21 -10.02
N ALA A 633 -16.41 13.41 -11.06
CA ALA A 633 -16.99 12.07 -10.98
C ALA A 633 -15.93 11.01 -10.72
N TYR A 634 -16.30 10.04 -9.90
CA TYR A 634 -15.59 8.77 -9.77
C TYR A 634 -16.34 7.71 -10.57
N TYR A 635 -15.69 6.57 -10.80
CA TYR A 635 -16.34 5.49 -11.52
C TYR A 635 -17.08 4.60 -10.51
N ASN A 636 -18.39 4.48 -10.68
CA ASN A 636 -19.23 3.67 -9.81
C ASN A 636 -19.44 2.32 -10.47
N THR A 637 -18.92 1.27 -9.83
CA THR A 637 -18.97 -0.06 -10.44
C THR A 637 -20.37 -0.67 -10.37
N GLN A 638 -21.17 -0.29 -9.38
CA GLN A 638 -22.52 -0.84 -9.28
C GLN A 638 -23.38 -0.43 -10.48
N ILE A 639 -23.47 0.88 -10.74
CA ILE A 639 -24.20 1.36 -11.91
C ILE A 639 -23.37 1.31 -13.18
N LYS A 640 -22.10 0.90 -13.09
CA LYS A 640 -21.20 0.78 -14.24
C LYS A 640 -21.14 2.10 -15.03
N ASP A 641 -21.02 3.21 -14.30
CA ASP A 641 -21.01 4.52 -14.93
C ASP A 641 -20.35 5.51 -13.98
N TRP A 642 -19.89 6.63 -14.54
CA TRP A 642 -19.31 7.70 -13.74
C TRP A 642 -20.39 8.37 -12.89
N HIS A 643 -20.09 8.55 -11.61
CA HIS A 643 -21.05 9.07 -10.64
C HIS A 643 -20.44 10.22 -9.87
N VAL A 644 -21.26 11.22 -9.58
CA VAL A 644 -20.87 12.37 -8.77
C VAL A 644 -21.65 12.31 -7.48
N GLU A 645 -20.95 12.07 -6.37
CA GLU A 645 -21.59 12.11 -5.07
C GLU A 645 -21.74 13.55 -4.63
N SER A 646 -22.97 13.94 -4.30
CA SER A 646 -23.25 15.31 -3.92
C SER A 646 -22.37 15.73 -2.75
N GLY A 647 -21.72 16.89 -2.90
CA GLY A 647 -20.86 17.39 -1.85
C GLY A 647 -20.12 18.62 -2.33
N GLU A 648 -19.21 19.09 -1.47
CA GLU A 648 -18.41 20.26 -1.75
C GLU A 648 -17.14 19.85 -2.47
N PHE A 649 -16.76 20.64 -3.47
CA PHE A 649 -15.54 20.38 -4.23
C PHE A 649 -14.69 21.64 -4.25
N LEU A 650 -13.39 21.47 -4.02
CA LEU A 650 -12.45 22.58 -4.03
C LEU A 650 -11.72 22.62 -5.35
N ILE A 651 -11.66 23.79 -5.96
CA ILE A 651 -10.91 24.02 -7.20
C ILE A 651 -9.57 24.61 -6.80
N LEU A 652 -8.52 23.79 -6.87
CA LEU A 652 -7.19 24.19 -6.43
C LEU A 652 -6.36 24.56 -7.65
N ILE A 653 -5.93 25.82 -7.70
CA ILE A 653 -5.08 26.32 -8.77
C ILE A 653 -3.74 26.71 -8.17
N GLY A 654 -2.65 26.19 -8.75
CA GLY A 654 -1.33 26.44 -8.21
C GLY A 654 -0.25 26.21 -9.22
N ARG A 655 0.98 26.43 -8.79
CA ARG A 655 2.18 26.25 -9.61
C ARG A 655 2.71 24.83 -9.58
N SER A 656 2.20 23.98 -8.70
CA SER A 656 2.55 22.56 -8.63
C SER A 656 1.50 21.89 -7.76
N SER A 657 1.57 20.56 -7.70
CA SER A 657 0.63 19.83 -6.86
C SER A 657 0.82 20.14 -5.38
N ARG A 658 1.94 20.75 -5.00
CA ARG A 658 2.19 21.15 -3.62
C ARG A 658 2.49 22.65 -3.51
N ASP A 659 2.04 23.43 -4.49
CA ASP A 659 2.18 24.88 -4.46
C ASP A 659 0.84 25.49 -4.91
N ILE A 660 -0.22 25.15 -4.18
CA ILE A 660 -1.54 25.70 -4.46
C ILE A 660 -1.59 27.14 -3.96
N VAL A 661 -2.02 28.05 -4.83
CA VAL A 661 -2.03 29.46 -4.51
C VAL A 661 -3.42 30.03 -4.37
N LEU A 662 -4.41 29.52 -5.11
CA LEU A 662 -5.78 29.99 -5.03
C LEU A 662 -6.73 28.80 -4.97
N LYS A 663 -7.85 28.99 -4.27
CA LYS A 663 -8.85 27.94 -4.13
C LYS A 663 -10.24 28.55 -4.17
N GLU A 664 -11.20 27.74 -4.60
CA GLU A 664 -12.60 28.15 -4.60
C GLU A 664 -13.49 26.94 -4.39
N SER A 665 -14.56 27.12 -3.62
CA SER A 665 -15.51 26.06 -3.30
C SER A 665 -16.70 26.10 -4.26
N VAL A 666 -17.12 24.91 -4.70
CA VAL A 666 -18.31 24.75 -5.53
C VAL A 666 -19.07 23.55 -4.99
N ARG A 667 -20.38 23.56 -5.19
CA ARG A 667 -21.24 22.46 -4.77
C ARG A 667 -21.85 21.82 -6.01
N VAL A 668 -21.52 20.55 -6.26
CA VAL A 668 -22.02 19.80 -7.40
C VAL A 668 -23.01 18.76 -6.88
N ASN A 669 -24.17 18.67 -7.52
CA ASN A 669 -25.23 17.77 -7.11
C ASN A 669 -25.58 16.82 -8.25
N SER A 670 -26.26 15.73 -7.90
CA SER A 670 -26.66 14.71 -8.86
C SER A 670 -28.11 14.32 -8.63
N THR A 671 -28.81 14.03 -9.73
CA THR A 671 -30.13 13.41 -9.65
C THR A 671 -30.06 11.89 -9.65
N VAL A 672 -28.89 11.32 -9.91
CA VAL A 672 -28.70 9.87 -9.87
C VAL A 672 -28.61 9.41 -8.43
N LYS A 673 -29.38 8.39 -8.08
CA LYS A 673 -29.39 7.82 -6.74
C LYS A 673 -29.15 6.31 -6.84
N ILE A 674 -28.18 5.82 -6.08
CA ILE A 674 -27.85 4.41 -6.09
C ILE A 674 -28.78 3.67 -5.14
N ARG A 675 -29.37 2.59 -5.64
CA ARG A 675 -30.30 1.77 -4.85
C ARG A 675 -29.51 0.67 -4.16
N LYS A 676 -29.56 0.64 -2.83
CA LYS A 676 -28.89 -0.39 -2.04
C LYS A 676 -29.85 -1.52 -1.74
N ARG A 677 -29.39 -2.75 -1.96
CA ARG A 677 -30.18 -3.94 -1.67
C ARG A 677 -29.82 -4.46 -0.28
N PHE A 678 -30.85 -4.60 0.57
CA PHE A 678 -30.66 -5.04 1.94
C PHE A 678 -31.08 -6.51 2.10
N THR A 679 -30.44 -7.19 3.04
CA THR A 679 -30.75 -8.58 3.39
C THR A 679 -30.94 -8.68 4.90
N VAL A 680 -31.15 -9.92 5.37
CA VAL A 680 -31.24 -10.16 6.81
C VAL A 680 -29.90 -10.00 7.51
N ASN A 681 -28.80 -9.93 6.76
CA ASN A 681 -27.48 -9.69 7.32
C ASN A 681 -27.02 -8.25 7.14
N SER A 682 -27.93 -7.35 6.80
CA SER A 682 -27.56 -5.95 6.59
C SER A 682 -27.52 -5.21 7.92
N ALA A 683 -26.55 -4.29 8.04
CA ALA A 683 -26.40 -3.52 9.27
C ALA A 683 -27.60 -2.60 9.48
N VAL A 684 -27.98 -2.44 10.75
CA VAL A 684 -29.13 -1.61 11.10
C VAL A 684 -28.88 -0.16 10.68
N GLU A 685 -27.67 0.35 10.91
CA GLU A 685 -27.37 1.74 10.57
C GLU A 685 -27.42 1.97 9.06
N ASP A 686 -27.02 0.98 8.27
CA ASP A 686 -27.05 1.15 6.82
C ASP A 686 -28.48 1.22 6.30
N VAL A 687 -29.40 0.46 6.89
CA VAL A 687 -30.79 0.51 6.47
C VAL A 687 -31.45 1.81 6.91
N MET A 688 -31.07 2.35 8.08
CA MET A 688 -31.62 3.61 8.55
C MET A 688 -31.09 4.81 7.79
N SER A 689 -30.14 4.61 6.87
CA SER A 689 -29.64 5.71 6.05
C SER A 689 -30.55 6.03 4.88
N ASP A 690 -31.36 5.06 4.43
CA ASP A 690 -32.34 5.29 3.37
C ASP A 690 -33.66 5.68 4.02
N SER A 691 -34.07 6.93 3.82
CA SER A 691 -35.27 7.43 4.49
C SER A 691 -36.51 6.61 4.13
N SER A 692 -36.54 6.04 2.92
CA SER A 692 -37.63 5.14 2.57
C SER A 692 -37.58 3.88 3.41
N ALA A 693 -36.42 3.23 3.47
CA ALA A 693 -36.27 2.03 4.28
C ALA A 693 -36.30 2.36 5.78
N ALA A 694 -35.80 3.53 6.16
CA ALA A 694 -35.82 3.92 7.57
C ALA A 694 -37.25 4.05 8.08
N ALA A 695 -38.19 4.46 7.22
CA ALA A 695 -39.58 4.54 7.64
C ALA A 695 -40.15 3.17 7.98
N VAL A 696 -39.62 2.11 7.36
CA VAL A 696 -40.10 0.76 7.66
C VAL A 696 -39.48 0.23 8.95
N LEU A 697 -38.17 0.44 9.14
CA LEU A 697 -37.47 -0.17 10.26
C LEU A 697 -37.39 0.75 11.48
N GLY A 698 -37.48 2.06 11.29
CA GLY A 698 -37.38 3.02 12.36
C GLY A 698 -38.30 2.74 13.53
N PRO A 699 -39.62 2.70 13.27
CA PRO A 699 -40.56 2.41 14.37
C PRO A 699 -40.27 1.10 15.07
N VAL A 700 -39.98 0.04 14.32
CA VAL A 700 -39.71 -1.27 14.92
C VAL A 700 -38.46 -1.19 15.80
N LEU A 701 -37.41 -0.51 15.32
CA LEU A 701 -36.18 -0.40 16.10
C LEU A 701 -36.40 0.45 17.36
N LYS A 702 -37.29 1.44 17.29
CA LYS A 702 -37.53 2.30 18.43
C LYS A 702 -38.07 1.50 19.62
N GLU A 703 -38.90 0.49 19.35
CA GLU A 703 -39.41 -0.34 20.43
C GLU A 703 -38.29 -1.10 21.14
N ILE A 704 -37.34 -1.63 20.39
CA ILE A 704 -36.25 -2.40 20.99
C ILE A 704 -35.21 -1.48 21.62
N THR A 705 -34.92 -0.33 21.00
CA THR A 705 -33.87 0.54 21.52
C THR A 705 -34.27 1.14 22.87
N ASP A 706 -35.54 1.48 23.05
CA ASP A 706 -35.99 2.00 24.34
C ASP A 706 -36.12 0.89 25.37
N ALA A 707 -36.52 -0.30 24.95
CA ALA A 707 -36.61 -1.42 25.87
C ALA A 707 -35.25 -1.80 26.43
N LEU A 708 -34.19 -1.53 25.66
CA LEU A 708 -32.82 -1.77 26.12
C LEU A 708 -32.19 -0.53 26.73
N GLN A 709 -32.93 0.59 26.77
CA GLN A 709 -32.48 1.82 27.41
C GLN A 709 -31.18 2.33 26.80
N ILE A 710 -31.06 2.21 25.49
CA ILE A 710 -29.84 2.58 24.75
C ILE A 710 -30.05 3.92 24.08
N ASP A 711 -29.09 4.82 24.26
CA ASP A 711 -29.07 6.10 23.55
C ASP A 711 -28.43 5.91 22.18
N MET A 712 -29.11 6.35 21.13
CA MET A 712 -28.63 6.17 19.77
C MET A 712 -28.03 7.44 19.17
N ASP A 713 -28.06 8.56 19.89
CA ASP A 713 -27.34 9.76 19.49
C ASP A 713 -26.02 9.92 20.24
N ASN A 714 -25.67 8.96 21.08
CA ASN A 714 -24.37 8.92 21.75
C ASN A 714 -23.41 8.17 20.83
N ALA A 715 -22.59 8.92 20.09
CA ALA A 715 -21.67 8.33 19.13
C ALA A 715 -20.43 7.71 19.79
N HIS A 716 -20.33 7.76 21.12
CA HIS A 716 -19.19 7.21 21.83
C HIS A 716 -19.64 6.22 22.89
N ASP A 717 -20.66 5.43 22.60
CA ASP A 717 -21.15 4.40 23.49
C ASP A 717 -21.12 3.05 22.79
N MET A 718 -20.72 2.01 23.53
CA MET A 718 -20.55 0.69 22.93
C MET A 718 -21.90 0.11 22.48
N MET A 719 -22.90 0.15 23.36
CA MET A 719 -24.18 -0.47 23.02
C MET A 719 -24.86 0.26 21.88
N ALA A 720 -24.72 1.58 21.80
CA ALA A 720 -25.20 2.30 20.63
C ALA A 720 -24.52 1.82 19.36
N ALA A 721 -23.21 1.56 19.44
CA ALA A 721 -22.50 1.05 18.28
C ALA A 721 -22.84 -0.39 17.98
N ASN A 722 -23.25 -1.17 19.00
CA ASN A 722 -23.70 -2.53 18.75
C ASN A 722 -25.02 -2.55 18.01
N ILE A 723 -25.92 -1.61 18.34
CA ILE A 723 -27.20 -1.54 17.63
C ILE A 723 -26.98 -1.13 16.19
N LYS A 724 -26.01 -0.25 15.94
CA LYS A 724 -25.74 0.20 14.58
C LYS A 724 -25.13 -0.92 13.74
N ASN A 725 -24.20 -1.69 14.32
CA ASN A 725 -23.55 -2.77 13.61
C ASN A 725 -24.42 -4.02 13.48
N MET A 726 -25.52 -4.11 14.23
CA MET A 726 -26.29 -5.34 14.25
C MET A 726 -26.84 -5.67 12.86
N PRO A 727 -26.80 -6.94 12.45
CA PRO A 727 -27.59 -7.34 11.29
C PRO A 727 -29.06 -7.40 11.67
N LEU A 728 -29.92 -7.27 10.66
CA LEU A 728 -31.35 -7.24 10.91
C LEU A 728 -31.84 -8.53 11.57
N ARG A 729 -31.19 -9.66 11.29
CA ARG A 729 -31.63 -10.92 11.88
C ARG A 729 -31.51 -10.90 13.39
N SER A 730 -30.52 -10.18 13.92
CA SER A 730 -30.37 -10.08 15.37
C SER A 730 -31.50 -9.28 16.02
N LEU A 731 -32.17 -8.42 15.26
CA LEU A 731 -33.30 -7.66 15.80
C LEU A 731 -34.45 -8.59 16.19
N VAL A 732 -34.70 -9.63 15.39
CA VAL A 732 -35.74 -10.60 15.70
C VAL A 732 -35.43 -11.32 17.01
N GLY A 733 -34.16 -11.53 17.30
CA GLY A 733 -33.76 -12.13 18.56
C GLY A 733 -34.15 -11.33 19.78
N TYR A 734 -34.45 -10.04 19.61
CA TYR A 734 -34.92 -9.23 20.72
C TYR A 734 -36.45 -9.29 20.83
N SEP A 735 -37.14 -8.90 19.76
CA SEP A 735 -38.60 -9.02 19.72
CB SEP A 735 -39.25 -8.06 20.71
OG SEP A 735 -40.65 -8.30 20.83
C SEP A 735 -39.18 -8.76 18.33
O SEP A 735 -39.46 -7.62 17.97
P SEP A 735 -40.95 -9.44 21.92
O1P SEP A 735 -40.43 -10.87 21.40
O2P SEP A 735 -42.53 -9.52 22.21
O3P SEP A 735 -40.18 -9.08 23.29
N GLN A 736 -39.36 -9.82 17.55
CA GLN A 736 -40.00 -9.74 16.24
C GLN A 736 -40.34 -11.13 15.70
N GLY A 737 -40.85 -11.16 14.47
CA GLY A 737 -41.18 -12.40 13.79
C GLY A 737 -40.24 -12.61 12.62
N ARG A 738 -39.68 -13.82 12.53
CA ARG A 738 -38.72 -14.12 11.48
C ARG A 738 -39.32 -13.87 10.10
N LEU A 739 -40.57 -14.30 9.90
CA LEU A 739 -41.24 -14.04 8.63
C LEU A 739 -41.54 -12.55 8.47
N SER A 740 -41.92 -11.88 9.56
CA SER A 740 -42.17 -10.44 9.51
C SER A 740 -40.93 -9.68 9.08
N GLU A 741 -39.74 -10.12 9.53
CA GLU A 741 -38.51 -9.48 9.12
C GLU A 741 -38.29 -9.62 7.62
N GLU A 742 -38.58 -10.81 7.07
CA GLU A 742 -38.42 -11.02 5.63
C GLU A 742 -39.35 -10.13 4.83
N MET A 743 -40.56 -9.89 5.35
CA MET A 743 -41.48 -8.96 4.68
C MET A 743 -40.96 -7.52 4.78
N LEU A 744 -40.38 -7.15 5.93
CA LEU A 744 -39.83 -5.81 6.06
C LEU A 744 -38.65 -5.60 5.13
N GLU A 745 -37.83 -6.64 4.93
CA GLU A 745 -36.72 -6.53 4.00
C GLU A 745 -37.21 -6.39 2.56
N GLU A 746 -38.27 -7.10 2.21
CA GLU A 746 -38.85 -6.98 0.86
C GLU A 746 -39.40 -5.57 0.63
N LEU A 747 -40.09 -5.02 1.63
CA LEU A 747 -40.64 -3.67 1.51
C LEU A 747 -39.52 -2.62 1.45
N VAL A 748 -38.41 -2.87 2.13
CA VAL A 748 -37.30 -1.91 2.13
C VAL A 748 -36.68 -1.83 0.74
N ASP A 749 -36.50 -2.98 0.09
CA ASP A 749 -35.95 -2.98 -1.27
C ASP A 749 -36.95 -2.40 -2.26
N LYS A 750 -38.24 -2.68 -2.07
CA LYS A 750 -39.27 -2.16 -2.95
C LYS A 750 -39.47 -0.66 -2.71
N VAL B 3 -13.45 -41.60 28.84
CA VAL B 3 -14.23 -42.82 28.76
C VAL B 3 -15.54 -42.67 29.53
N ASP B 4 -15.48 -41.95 30.65
CA ASP B 4 -16.71 -41.66 31.39
C ASP B 4 -17.54 -40.59 30.68
N ILE B 5 -16.89 -39.71 29.92
CA ILE B 5 -17.62 -38.68 29.17
C ILE B 5 -18.49 -39.31 28.10
N LYS B 6 -17.93 -40.24 27.32
CA LYS B 6 -18.70 -40.91 26.27
C LYS B 6 -19.87 -41.69 26.86
N LYS B 7 -19.69 -42.28 28.05
CA LYS B 7 -20.78 -43.00 28.68
C LYS B 7 -21.90 -42.05 29.11
N ILE B 8 -21.55 -40.79 29.42
CA ILE B 8 -22.56 -39.81 29.79
C ILE B 8 -23.35 -39.37 28.56
N ILE B 9 -22.67 -39.21 27.41
CA ILE B 9 -23.34 -38.78 26.19
C ILE B 9 -24.36 -39.81 25.74
N LYS B 10 -24.10 -41.09 25.99
CA LYS B 10 -25.06 -42.13 25.65
C LYS B 10 -26.35 -41.99 26.45
N GLN B 11 -26.28 -41.44 27.66
CA GLN B 11 -27.44 -41.28 28.53
C GLN B 11 -28.22 -40.00 28.25
N MET B 12 -27.67 -39.07 27.48
CA MET B 12 -28.35 -37.81 27.22
C MET B 12 -29.38 -37.97 26.11
N THR B 13 -30.50 -37.26 26.25
CA THR B 13 -31.50 -37.22 25.19
C THR B 13 -31.05 -36.25 24.09
N LEU B 14 -31.75 -36.32 22.95
CA LEU B 14 -31.42 -35.43 21.84
C LEU B 14 -31.64 -33.97 22.21
N GLU B 15 -32.74 -33.69 22.91
CA GLU B 15 -33.00 -32.31 23.34
C GLU B 15 -31.93 -31.81 24.29
N GLU B 16 -31.40 -32.68 25.14
CA GLU B 16 -30.37 -32.29 26.09
C GLU B 16 -29.04 -32.04 25.38
N LYS B 17 -28.72 -32.83 24.35
CA LYS B 17 -27.48 -32.60 23.62
C LYS B 17 -27.50 -31.27 22.89
N ALA B 18 -28.64 -30.93 22.28
CA ALA B 18 -28.75 -29.66 21.56
C ALA B 18 -28.79 -28.47 22.52
N GLY B 19 -29.35 -28.67 23.71
CA GLY B 19 -29.39 -27.60 24.70
C GLY B 19 -28.02 -27.30 25.30
N LEU B 20 -27.14 -28.30 25.36
CA LEU B 20 -25.81 -28.07 25.91
C LEU B 20 -24.96 -27.22 24.98
N CYS B 21 -25.21 -27.29 23.67
CA CYS B 21 -24.46 -26.52 22.69
C CYS B 21 -24.89 -25.06 22.63
N SER B 22 -25.80 -24.63 23.50
CA SER B 22 -26.23 -23.25 23.58
C SER B 22 -26.30 -22.85 25.05
N GLY B 23 -26.22 -21.53 25.28
CA GLY B 23 -26.16 -21.04 26.64
C GLY B 23 -27.47 -21.21 27.38
N LEU B 24 -27.36 -21.16 28.71
CA LEU B 24 -28.55 -21.12 29.58
C LEU B 24 -29.04 -19.70 29.75
N ASP B 25 -28.12 -18.77 29.97
CA ASP B 25 -28.45 -17.35 30.06
C ASP B 25 -27.36 -16.54 29.36
N PHE B 26 -26.96 -15.42 29.95
CA PHE B 26 -25.94 -14.60 29.33
C PHE B 26 -24.52 -15.10 29.60
N TRP B 27 -24.31 -15.81 30.71
CA TRP B 27 -22.96 -16.21 31.12
C TRP B 27 -22.82 -17.68 31.46
N HIS B 28 -23.90 -18.45 31.53
CA HIS B 28 -23.85 -19.82 32.05
C HIS B 28 -24.23 -20.82 30.96
N THR B 29 -23.69 -22.03 31.11
CA THR B 29 -24.10 -23.16 30.30
C THR B 29 -25.29 -23.86 30.94
N LYS B 30 -26.03 -24.61 30.13
CA LYS B 30 -27.21 -25.31 30.63
C LYS B 30 -26.78 -26.48 31.50
N PRO B 31 -27.35 -26.65 32.69
CA PRO B 31 -27.09 -27.84 33.49
C PRO B 31 -27.94 -29.03 33.04
N VAL B 32 -27.46 -30.22 33.37
CA VAL B 32 -28.22 -31.45 33.18
C VAL B 32 -28.24 -32.16 34.54
N GLU B 33 -29.20 -31.79 35.39
CA GLU B 33 -29.25 -32.34 36.74
C GLU B 33 -29.50 -33.84 36.75
N ARG B 34 -30.12 -34.37 35.69
CA ARG B 34 -30.37 -35.81 35.61
C ARG B 34 -29.08 -36.61 35.67
N LEU B 35 -28.04 -36.15 34.97
CA LEU B 35 -26.80 -36.89 34.83
C LEU B 35 -25.66 -36.26 35.63
N GLY B 36 -25.95 -35.33 36.54
CA GLY B 36 -24.91 -34.70 37.33
C GLY B 36 -24.03 -33.73 36.58
N ILE B 37 -24.46 -33.25 35.42
CA ILE B 37 -23.72 -32.26 34.65
C ILE B 37 -24.00 -30.87 35.21
N PRO B 38 -23.04 -30.22 35.83
CA PRO B 38 -23.29 -28.91 36.45
C PRO B 38 -23.22 -27.78 35.42
N SER B 39 -23.66 -26.61 35.86
CA SER B 39 -23.61 -25.40 35.03
C SER B 39 -22.39 -24.59 35.42
N ILE B 40 -21.60 -24.17 34.43
CA ILE B 40 -20.41 -23.36 34.66
C ILE B 40 -20.62 -21.97 34.08
N MET B 41 -19.92 -21.00 34.64
CA MET B 41 -20.06 -19.61 34.27
C MET B 41 -18.78 -19.09 33.59
N MET B 42 -18.96 -18.28 32.55
CA MET B 42 -17.87 -17.60 31.87
C MET B 42 -18.15 -16.11 31.87
N THR B 43 -17.11 -15.31 32.04
CA THR B 43 -17.28 -13.86 31.98
C THR B 43 -15.95 -13.17 31.70
N ASP B 44 -16.05 -11.89 31.37
CA ASP B 44 -14.92 -11.03 31.06
C ASP B 44 -14.13 -10.72 32.33
N GLY B 45 -12.86 -10.34 32.18
CA GLY B 45 -12.20 -10.18 30.89
C GLY B 45 -10.69 -10.22 30.90
N PRO B 46 -10.07 -9.66 29.86
CA PRO B 46 -8.64 -9.93 29.63
C PRO B 46 -7.71 -9.39 30.70
N HIS B 47 -8.00 -8.21 31.26
CA HIS B 47 -7.09 -7.56 32.20
C HIS B 47 -7.72 -7.36 33.57
N GLY B 48 -8.78 -8.10 33.87
CA GLY B 48 -9.47 -7.99 35.14
C GLY B 48 -10.79 -8.72 35.08
N LEU B 49 -11.29 -9.15 36.23
CA LEU B 49 -12.54 -9.90 36.28
C LEU B 49 -13.71 -8.93 36.30
N ARG B 50 -14.70 -9.15 35.43
CA ARG B 50 -15.94 -8.38 35.41
C ARG B 50 -17.08 -9.38 35.50
N LYS B 51 -17.42 -9.78 36.73
CA LYS B 51 -18.56 -10.65 36.99
C LYS B 51 -19.74 -9.78 37.40
N GLN B 52 -20.82 -9.84 36.61
CA GLN B 52 -21.97 -9.01 36.90
C GLN B 52 -22.63 -9.45 38.21
N ARG B 53 -23.09 -8.47 38.98
CA ARG B 53 -23.65 -8.72 40.30
C ARG B 53 -25.04 -9.34 40.20
N GLU B 54 -25.47 -9.95 41.29
CA GLU B 54 -26.78 -10.60 41.32
C GLU B 54 -27.89 -9.57 41.26
N ASP B 55 -27.78 -8.51 42.07
CA ASP B 55 -28.78 -7.45 42.12
C ASP B 55 -28.35 -6.30 41.20
N ALA B 56 -28.30 -6.61 39.90
CA ALA B 56 -27.86 -5.68 38.87
C ALA B 56 -28.76 -5.84 37.65
N GLU B 57 -29.06 -4.72 37.00
CA GLU B 57 -29.85 -4.78 35.78
C GLU B 57 -29.08 -5.51 34.68
N ILE B 58 -29.82 -6.12 33.76
CA ILE B 58 -29.19 -6.97 32.76
C ILE B 58 -28.33 -6.14 31.81
N ALA B 59 -28.73 -4.92 31.51
CA ALA B 59 -27.98 -4.03 30.63
C ALA B 59 -26.88 -3.25 31.35
N ASP B 60 -26.81 -3.34 32.68
CA ASP B 60 -25.83 -2.60 33.46
C ASP B 60 -24.47 -3.27 33.31
N ILE B 61 -23.73 -2.83 32.29
CA ILE B 61 -22.48 -3.50 31.91
C ILE B 61 -21.42 -3.30 32.98
N ASN B 62 -21.33 -2.11 33.57
CA ASN B 62 -20.23 -1.78 34.46
C ASN B 62 -20.51 -2.15 35.92
N ASN B 63 -21.74 -2.44 36.28
CA ASN B 63 -22.11 -2.77 37.66
C ASN B 63 -21.71 -4.21 37.95
N SER B 64 -20.48 -4.39 38.42
CA SER B 64 -19.89 -5.72 38.57
C SER B 64 -19.26 -5.86 39.95
N VAL B 65 -18.92 -7.09 40.30
CA VAL B 65 -18.23 -7.38 41.56
C VAL B 65 -16.84 -6.76 41.51
N PRO B 66 -16.40 -6.04 42.55
CA PRO B 66 -15.07 -5.44 42.52
C PRO B 66 -13.98 -6.48 42.35
N ALA B 67 -13.02 -6.16 41.48
CA ALA B 67 -11.89 -7.04 41.22
C ALA B 67 -10.71 -6.17 40.80
N THR B 68 -9.52 -6.77 40.81
CA THR B 68 -8.32 -6.01 40.48
C THR B 68 -8.33 -5.65 39.01
N CYS B 69 -8.13 -4.37 38.72
CA CYS B 69 -8.01 -3.87 37.35
C CYS B 69 -6.51 -3.76 37.02
N PHE B 70 -6.02 -4.73 36.26
CA PHE B 70 -4.62 -4.74 35.85
C PHE B 70 -4.43 -3.84 34.63
N PRO B 71 -3.19 -3.52 34.30
CA PRO B 71 -2.92 -2.84 33.03
C PRO B 71 -3.49 -3.64 31.86
N SER B 72 -4.14 -2.94 30.94
CA SER B 72 -4.67 -3.58 29.76
C SER B 72 -3.52 -4.15 28.91
N ALA B 73 -3.90 -4.97 27.93
CA ALA B 73 -2.90 -5.70 27.14
C ALA B 73 -1.95 -4.75 26.41
N ALA B 74 -2.47 -3.63 25.91
CA ALA B 74 -1.65 -2.73 25.10
C ALA B 74 -0.46 -2.20 25.88
N GLY B 75 -0.67 -1.88 27.16
CA GLY B 75 0.44 -1.43 27.99
C GLY B 75 1.22 -2.58 28.56
N LEU B 76 0.50 -3.61 29.04
CA LEU B 76 1.15 -4.77 29.62
C LEU B 76 2.09 -5.45 28.63
N ALA B 77 1.74 -5.46 27.34
CA ALA B 77 2.60 -6.07 26.34
C ALA B 77 3.95 -5.38 26.25
N CYS B 78 4.01 -4.09 26.58
CA CYS B 78 5.28 -3.36 26.54
C CYS B 78 6.27 -3.84 27.59
N SER B 79 5.84 -4.69 28.52
CA SER B 79 6.79 -5.32 29.43
C SER B 79 7.70 -6.29 28.70
N TRP B 80 7.20 -6.90 27.63
CA TRP B 80 7.90 -7.98 26.92
C TRP B 80 8.35 -9.08 27.89
N ASP B 81 7.61 -9.25 29.00
CA ASP B 81 8.00 -10.13 30.09
C ASP B 81 6.98 -11.25 30.20
N ARG B 82 7.31 -12.42 29.63
CA ARG B 82 6.42 -13.56 29.69
C ARG B 82 6.09 -13.94 31.14
N GLU B 83 7.07 -13.84 32.04
CA GLU B 83 6.81 -14.18 33.43
C GLU B 83 5.82 -13.22 34.06
N LEU B 84 6.01 -11.92 33.86
CA LEU B 84 5.11 -10.92 34.45
C LEU B 84 3.68 -11.13 33.94
N VAL B 85 3.53 -11.41 32.64
CA VAL B 85 2.19 -11.60 32.09
C VAL B 85 1.57 -12.88 32.63
N GLU B 86 2.36 -13.93 32.83
CA GLU B 86 1.81 -15.16 33.38
C GLU B 86 1.36 -14.95 34.82
N ARG B 87 2.12 -14.16 35.60
CA ARG B 87 1.72 -13.88 36.97
C ARG B 87 0.41 -13.11 37.02
N VAL B 88 0.22 -12.15 36.11
CA VAL B 88 -1.05 -11.44 36.02
C VAL B 88 -2.16 -12.42 35.65
N GLY B 89 -1.86 -13.36 34.74
CA GLY B 89 -2.83 -14.40 34.44
C GLY B 89 -3.18 -15.24 35.65
N ALA B 90 -2.18 -15.60 36.46
CA ALA B 90 -2.44 -16.38 37.66
C ALA B 90 -3.24 -15.59 38.68
N ALA B 91 -2.98 -14.28 38.78
CA ALA B 91 -3.80 -13.43 39.66
C ALA B 91 -5.23 -13.38 39.17
N LEU B 92 -5.43 -13.36 37.85
CA LEU B 92 -6.77 -13.43 37.29
C LEU B 92 -7.44 -14.75 37.63
N GLY B 93 -6.68 -15.85 37.56
CA GLY B 93 -7.26 -17.15 37.86
C GLY B 93 -7.72 -17.27 39.30
N GLU B 94 -6.92 -16.77 40.25
CA GLU B 94 -7.31 -16.80 41.65
C GLU B 94 -8.60 -16.02 41.88
N GLU B 95 -8.75 -14.87 41.22
CA GLU B 95 -9.97 -14.08 41.41
C GLU B 95 -11.18 -14.77 40.80
N CYS B 96 -10.99 -15.49 39.68
CA CYS B 96 -12.07 -16.30 39.14
C CYS B 96 -12.48 -17.40 40.13
N GLN B 97 -11.50 -18.07 40.72
CA GLN B 97 -11.81 -19.12 41.69
C GLN B 97 -12.56 -18.54 42.88
N ALA B 98 -12.19 -17.34 43.32
CA ALA B 98 -12.86 -16.72 44.46
C ALA B 98 -14.31 -16.37 44.16
N GLU B 99 -14.61 -16.00 42.92
CA GLU B 99 -15.96 -15.61 42.52
C GLU B 99 -16.69 -16.72 41.75
N ASN B 100 -16.17 -17.94 41.78
CA ASN B 100 -16.82 -19.11 41.16
C ASN B 100 -17.01 -18.93 39.67
N VAL B 101 -16.00 -18.40 38.99
CA VAL B 101 -15.97 -18.30 37.53
C VAL B 101 -15.07 -19.40 37.00
N SER B 102 -15.58 -20.18 36.04
CA SER B 102 -14.84 -21.32 35.52
C SER B 102 -14.03 -20.98 34.27
N ILE B 103 -14.45 -19.99 33.50
CA ILE B 103 -13.79 -19.63 32.26
C ILE B 103 -13.70 -18.11 32.19
N LEU B 104 -12.50 -17.58 32.01
CA LEU B 104 -12.31 -16.16 31.80
C LEU B 104 -12.26 -15.88 30.30
N LEU B 105 -13.06 -14.91 29.86
CA LEU B 105 -13.13 -14.54 28.44
C LEU B 105 -11.91 -13.68 28.09
N GLY B 106 -10.75 -14.33 28.12
CA GLY B 106 -9.50 -13.71 27.77
C GLY B 106 -8.40 -14.73 27.62
N PRO B 107 -7.26 -14.32 27.02
CA PRO B 107 -6.97 -12.95 26.60
C PRO B 107 -7.41 -12.63 25.18
N GLY B 108 -7.46 -11.35 24.85
CA GLY B 108 -7.63 -10.91 23.47
C GLY B 108 -6.26 -10.84 22.80
N ALA B 109 -6.19 -11.37 21.57
CA ALA B 109 -4.90 -11.47 20.91
C ALA B 109 -4.95 -11.08 19.44
N ASN B 110 -5.94 -10.29 19.01
CA ASN B 110 -6.01 -9.88 17.62
C ASN B 110 -4.85 -8.94 17.29
N ILE B 111 -4.41 -9.00 16.03
CA ILE B 111 -3.30 -8.18 15.57
C ILE B 111 -3.75 -6.73 15.44
N LYS B 112 -2.87 -5.80 15.81
CA LYS B 112 -3.12 -4.38 15.64
C LYS B 112 -2.76 -4.01 14.21
N ARG B 113 -3.75 -4.08 13.31
CA ARG B 113 -3.56 -3.70 11.93
C ARG B 113 -3.54 -2.19 11.76
N SER B 114 -4.50 -1.51 12.38
CA SER B 114 -4.62 -0.07 12.35
C SER B 114 -4.53 0.48 13.78
N PRO B 115 -3.90 1.65 13.95
CA PRO B 115 -3.92 2.29 15.28
C PRO B 115 -5.32 2.74 15.70
N LEU B 116 -6.27 2.84 14.77
CA LEU B 116 -7.59 3.35 15.08
C LEU B 116 -8.54 2.31 15.67
N CYS B 117 -8.19 1.02 15.60
CA CYS B 117 -9.09 -0.02 16.10
C CYS B 117 -9.47 0.25 17.54
N GLY B 118 -10.78 0.19 17.81
CA GLY B 118 -11.28 0.60 19.12
C GLY B 118 -10.76 -0.25 20.26
N ARG B 119 -10.54 -1.54 20.02
CA ARG B 119 -10.15 -2.47 21.07
C ARG B 119 -8.65 -2.69 21.13
N ASN B 120 -7.84 -1.84 20.48
CA ASN B 120 -6.40 -1.97 20.55
C ASN B 120 -5.90 -1.95 21.99
N PHE B 121 -6.62 -1.28 22.89
CA PHE B 121 -6.14 -1.16 24.27
C PHE B 121 -6.10 -2.52 24.96
N GLU B 122 -6.98 -3.45 24.56
CA GLU B 122 -7.01 -4.78 25.16
C GLU B 122 -6.41 -5.85 24.24
N TYR B 123 -5.58 -5.46 23.28
CA TYR B 123 -4.81 -6.38 22.46
C TYR B 123 -3.32 -6.19 22.73
N PHE B 124 -2.53 -7.17 22.32
CA PHE B 124 -1.13 -7.22 22.72
C PHE B 124 -0.21 -6.44 21.78
N SER B 125 -0.14 -6.82 20.52
CA SER B 125 0.87 -6.23 19.65
C SER B 125 0.43 -6.30 18.19
N GLU B 126 1.17 -5.54 17.36
CA GLU B 126 1.07 -5.65 15.90
C GLU B 126 1.91 -6.78 15.35
N ASP B 127 2.69 -7.46 16.19
CA ASP B 127 3.59 -8.51 15.76
C ASP B 127 3.07 -9.86 16.24
N PRO B 128 2.94 -10.84 15.35
CA PRO B 128 2.35 -12.13 15.77
C PRO B 128 3.21 -12.91 16.74
N TYR B 129 4.53 -12.73 16.72
CA TYR B 129 5.38 -13.47 17.65
C TYR B 129 5.25 -12.92 19.07
N LEU B 130 5.35 -11.59 19.21
CA LEU B 130 5.17 -10.99 20.52
C LEU B 130 3.75 -11.22 21.03
N SER B 131 2.76 -11.17 20.15
CA SER B 131 1.39 -11.39 20.55
C SER B 131 1.16 -12.83 21.00
N SER B 132 1.64 -13.80 20.22
CA SER B 132 1.40 -15.20 20.56
C SER B 132 2.12 -15.59 21.84
N GLU B 133 3.35 -15.10 22.03
CA GLU B 133 4.12 -15.45 23.22
C GLU B 133 3.45 -14.94 24.48
N LEU B 134 3.03 -13.66 24.49
CA LEU B 134 2.43 -13.09 25.68
C LEU B 134 1.02 -13.62 25.91
N ALA B 135 0.30 -13.92 24.84
CA ALA B 135 -1.00 -14.56 24.99
C ALA B 135 -0.85 -15.95 25.62
N ALA B 136 0.18 -16.70 25.20
CA ALA B 136 0.44 -17.99 25.80
C ALA B 136 0.77 -17.85 27.28
N SER B 137 1.55 -16.84 27.63
CA SER B 137 1.85 -16.59 29.05
C SER B 137 0.59 -16.28 29.83
N HIS B 138 -0.28 -15.43 29.27
CA HIS B 138 -1.54 -15.08 29.93
C HIS B 138 -2.40 -16.31 30.14
N ILE B 139 -2.50 -17.18 29.15
CA ILE B 139 -3.33 -18.38 29.27
C ILE B 139 -2.74 -19.33 30.31
N LYS B 140 -1.43 -19.57 30.25
CA LYS B 140 -0.78 -20.42 31.24
C LYS B 140 -1.07 -19.95 32.65
N GLY B 141 -1.02 -18.63 32.88
CA GLY B 141 -1.27 -18.11 34.21
C GLY B 141 -2.70 -18.38 34.67
N VAL B 142 -3.67 -18.05 33.82
CA VAL B 142 -5.08 -18.26 34.18
C VAL B 142 -5.34 -19.73 34.49
N GLN B 143 -4.87 -20.61 33.61
CA GLN B 143 -5.16 -22.03 33.74
C GLN B 143 -4.31 -22.73 34.78
N SER B 144 -3.23 -22.11 35.25
CA SER B 144 -2.48 -22.68 36.38
C SER B 144 -3.31 -22.70 37.65
N GLN B 145 -4.36 -21.88 37.73
CA GLN B 145 -5.21 -21.80 38.90
C GLN B 145 -6.44 -22.70 38.83
N GLY B 146 -6.53 -23.54 37.79
CA GLY B 146 -7.63 -24.47 37.68
C GLY B 146 -8.86 -23.94 36.99
N VAL B 147 -8.76 -22.80 36.29
CA VAL B 147 -9.86 -22.26 35.52
C VAL B 147 -9.40 -22.10 34.07
N GLY B 148 -10.36 -21.99 33.18
CA GLY B 148 -10.06 -21.93 31.76
C GLY B 148 -9.89 -20.50 31.25
N ALA B 149 -9.08 -20.38 30.21
CA ALA B 149 -8.96 -19.13 29.46
C ALA B 149 -9.69 -19.28 28.13
N CYS B 150 -10.16 -18.16 27.60
CA CYS B 150 -10.87 -18.14 26.32
C CYS B 150 -10.15 -17.17 25.39
N LEU B 151 -9.38 -17.73 24.46
CA LEU B 151 -8.66 -16.92 23.48
C LEU B 151 -9.64 -16.31 22.49
N LYS B 152 -9.43 -15.02 22.17
CA LYS B 152 -10.34 -14.27 21.32
C LYS B 152 -9.56 -13.16 20.64
N HIS B 153 -10.04 -12.67 19.49
CA HIS B 153 -11.21 -13.20 18.78
C HIS B 153 -10.77 -13.80 17.45
N PHE B 154 -11.13 -15.06 17.21
CA PHE B 154 -10.62 -15.86 16.10
C PHE B 154 -11.59 -15.76 14.93
N ALA B 155 -11.19 -15.10 13.84
CA ALA B 155 -9.91 -14.41 13.69
C ALA B 155 -10.07 -13.19 12.78
N ALA B 156 -9.02 -12.37 12.70
CA ALA B 156 -8.99 -11.19 11.83
C ALA B 156 -10.09 -10.19 12.21
N ASN B 157 -10.35 -10.07 13.51
CA ASN B 157 -11.28 -9.06 14.04
C ASN B 157 -10.47 -7.81 14.40
N ASN B 158 -10.05 -7.10 13.35
CA ASN B 158 -9.08 -6.01 13.48
C ASN B 158 -9.72 -4.63 13.33
N GLN B 159 -11.05 -4.54 13.41
CA GLN B 159 -11.72 -3.25 13.40
C GLN B 159 -13.10 -3.43 14.02
N GLU B 160 -13.55 -2.38 14.71
CA GLU B 160 -14.86 -2.41 15.33
C GLU B 160 -15.98 -1.93 14.41
N HIS B 161 -15.66 -1.12 13.40
CA HIS B 161 -16.68 -0.63 12.48
C HIS B 161 -17.23 -1.79 11.66
N ARG B 162 -18.55 -1.99 11.74
CA ARG B 162 -19.24 -3.06 11.01
C ARG B 162 -18.67 -4.43 11.33
N ARG B 163 -18.17 -4.62 12.56
CA ARG B 163 -17.52 -5.88 12.91
C ARG B 163 -18.48 -7.06 12.88
N MET B 164 -19.79 -6.82 12.87
CA MET B 164 -20.77 -7.90 12.87
C MET B 164 -21.27 -8.26 11.48
N THR B 165 -20.87 -7.51 10.46
CA THR B 165 -21.30 -7.79 9.09
C THR B 165 -20.19 -7.65 8.06
N VAL B 166 -19.01 -7.12 8.40
CA VAL B 166 -18.01 -6.82 7.37
C VAL B 166 -17.42 -8.12 6.83
N ASP B 167 -17.20 -8.15 5.53
CA ASP B 167 -16.50 -9.25 4.88
C ASP B 167 -15.03 -8.89 4.81
N THR B 168 -14.21 -9.56 5.62
CA THR B 168 -12.78 -9.29 5.68
C THR B 168 -12.08 -10.14 4.64
N ILE B 169 -11.41 -9.48 3.69
CA ILE B 169 -10.78 -10.14 2.56
C ILE B 169 -9.27 -10.17 2.83
N VAL B 170 -8.74 -11.35 3.14
CA VAL B 170 -7.33 -11.52 3.47
C VAL B 170 -6.81 -12.71 2.69
N ASP B 171 -5.67 -12.54 2.02
CA ASP B 171 -5.06 -13.64 1.30
C ASP B 171 -4.53 -14.69 2.27
N GLU B 172 -4.34 -15.90 1.75
CA GLU B 172 -3.98 -17.03 2.61
C GLU B 172 -2.66 -16.81 3.31
N ARG B 173 -1.63 -16.35 2.59
CA ARG B 173 -0.32 -16.19 3.19
C ARG B 173 -0.33 -15.14 4.30
N THR B 174 -1.03 -14.03 4.08
CA THR B 174 -1.12 -13.00 5.12
C THR B 174 -1.78 -13.56 6.38
N LEU B 175 -2.84 -14.36 6.20
CA LEU B 175 -3.47 -14.99 7.36
C LEU B 175 -2.48 -15.88 8.10
N ARG B 176 -1.79 -16.77 7.38
CA ARG B 176 -0.89 -17.72 8.03
C ARG B 176 0.27 -17.02 8.74
N GLU B 177 0.78 -15.94 8.16
CA GLU B 177 1.98 -15.31 8.71
C GLU B 177 1.68 -14.23 9.74
N ILE B 178 0.50 -13.62 9.70
CA ILE B 178 0.22 -12.48 10.57
C ILE B 178 -0.93 -12.77 11.51
N TYR B 179 -2.12 -12.98 10.96
CA TYR B 179 -3.32 -12.99 11.80
C TYR B 179 -3.55 -14.34 12.44
N PHE B 180 -3.46 -15.44 11.68
CA PHE B 180 -3.48 -16.77 12.30
C PHE B 180 -2.28 -16.94 13.21
N ALA B 181 -1.12 -16.39 12.82
CA ALA B 181 0.11 -16.59 13.58
C ALA B 181 0.01 -16.01 14.98
N SER B 182 -0.78 -14.94 15.15
CA SER B 182 -0.94 -14.37 16.49
C SER B 182 -1.59 -15.35 17.45
N PHE B 183 -2.46 -16.22 16.94
CA PHE B 183 -3.15 -17.20 17.75
C PHE B 183 -2.45 -18.55 17.80
N GLU B 184 -1.60 -18.85 16.80
CA GLU B 184 -1.11 -20.21 16.60
C GLU B 184 -0.40 -20.75 17.84
N ASN B 185 0.71 -20.10 18.24
CA ASN B 185 1.48 -20.63 19.35
C ASN B 185 0.81 -20.43 20.70
N ALA B 186 -0.13 -19.47 20.80
CA ALA B 186 -0.92 -19.37 22.02
C ALA B 186 -1.77 -20.63 22.21
N VAL B 187 -2.32 -21.16 21.11
CA VAL B 187 -3.05 -22.42 21.19
C VAL B 187 -2.10 -23.58 21.45
N LYS B 188 -0.96 -23.60 20.75
CA LYS B 188 -0.07 -24.76 20.79
C LYS B 188 0.70 -24.82 22.11
N LYS B 189 1.17 -23.68 22.61
CA LYS B 189 2.00 -23.66 23.80
C LYS B 189 1.22 -23.57 25.10
N ALA B 190 0.00 -23.00 25.06
CA ALA B 190 -0.77 -22.79 26.27
C ALA B 190 -2.03 -23.63 26.35
N ARG B 191 -2.51 -24.15 25.22
CA ARG B 191 -3.68 -25.04 25.16
C ARG B 191 -4.86 -24.46 25.94
N PRO B 192 -5.43 -23.33 25.50
CA PRO B 192 -6.55 -22.76 26.24
C PRO B 192 -7.79 -23.64 26.12
N TRP B 193 -8.58 -23.66 27.20
CA TRP B 193 -9.76 -24.51 27.22
C TRP B 193 -10.79 -24.08 26.18
N VAL B 194 -10.85 -22.78 25.88
CA VAL B 194 -11.86 -22.26 24.95
C VAL B 194 -11.19 -21.27 24.00
N VAL B 195 -11.71 -21.22 22.78
CA VAL B 195 -11.40 -20.19 21.80
C VAL B 195 -12.70 -19.56 21.35
N MET B 196 -12.72 -18.24 21.27
CA MET B 196 -13.92 -17.49 20.87
C MET B 196 -13.79 -17.04 19.43
N CYS B 197 -14.81 -17.34 18.62
CA CYS B 197 -14.82 -16.87 17.24
C CYS B 197 -15.21 -15.39 17.20
N ALA B 198 -14.88 -14.75 16.08
CA ALA B 198 -15.11 -13.33 15.91
C ALA B 198 -16.49 -13.06 15.28
N TYR B 199 -16.91 -11.79 15.37
CA TYR B 199 -18.19 -11.39 14.78
C TYR B 199 -18.13 -11.33 13.26
N ASN B 200 -16.96 -11.00 12.70
CA ASN B 200 -16.87 -10.63 11.31
C ASN B 200 -16.85 -11.86 10.40
N LYS B 201 -17.00 -11.60 9.10
CA LYS B 201 -16.78 -12.60 8.07
C LYS B 201 -15.31 -12.63 7.70
N LEU B 202 -14.82 -13.81 7.34
CA LEU B 202 -13.47 -13.99 6.83
C LEU B 202 -13.59 -14.64 5.46
N ASN B 203 -13.37 -13.86 4.42
CA ASN B 203 -13.42 -14.33 3.03
C ASN B 203 -14.76 -15.00 2.73
N GLY B 204 -15.85 -14.29 3.02
CA GLY B 204 -17.18 -14.69 2.62
C GLY B 204 -17.99 -15.44 3.65
N GLU B 205 -17.36 -15.94 4.71
CA GLU B 205 -18.05 -16.75 5.72
C GLU B 205 -17.86 -16.12 7.09
N TYR B 206 -18.95 -16.02 7.85
CA TYR B 206 -18.84 -15.66 9.26
C TYR B 206 -17.89 -16.61 9.96
N CYS B 207 -17.09 -16.07 10.88
CA CYS B 207 -16.16 -16.90 11.64
C CYS B 207 -16.90 -17.96 12.45
N SER B 208 -18.15 -17.67 12.83
CA SER B 208 -18.92 -18.62 13.64
C SER B 208 -19.36 -19.85 12.84
N GLU B 209 -19.30 -19.78 11.51
CA GLU B 209 -19.62 -20.93 10.66
C GLU B 209 -18.58 -21.08 9.56
N ASN B 210 -17.33 -20.78 9.87
CA ASN B 210 -16.23 -20.86 8.92
C ASN B 210 -15.48 -22.17 9.22
N ARG B 211 -15.83 -23.22 8.47
CA ARG B 211 -15.29 -24.55 8.78
C ARG B 211 -13.79 -24.62 8.55
N TYR B 212 -13.29 -23.92 7.53
CA TYR B 212 -11.84 -23.84 7.35
C TYR B 212 -11.18 -23.22 8.58
N LEU B 213 -11.82 -22.21 9.16
CA LEU B 213 -11.23 -21.51 10.29
C LEU B 213 -11.28 -22.36 11.56
N LEU B 214 -12.48 -22.84 11.91
CA LEU B 214 -12.66 -23.50 13.21
C LEU B 214 -12.20 -24.95 13.19
N THR B 215 -12.49 -25.68 12.12
CA THR B 215 -12.18 -27.10 12.07
C THR B 215 -10.83 -27.39 11.42
N GLU B 216 -10.59 -26.86 10.23
CA GLU B 216 -9.39 -27.21 9.47
C GLU B 216 -8.14 -26.64 10.12
N VAL B 217 -8.18 -25.38 10.57
CA VAL B 217 -7.00 -24.75 11.13
C VAL B 217 -6.92 -24.98 12.64
N LEU B 218 -7.97 -24.59 13.35
CA LEU B 218 -7.91 -24.58 14.81
C LEU B 218 -7.95 -25.99 15.38
N LYS B 219 -8.95 -26.78 15.00
CA LYS B 219 -9.17 -28.07 15.64
C LYS B 219 -8.30 -29.17 15.04
N ASN B 220 -8.11 -29.17 13.72
CA ASN B 220 -7.37 -30.24 13.07
C ASN B 220 -5.87 -29.98 13.00
N GLU B 221 -5.48 -28.83 12.45
CA GLU B 221 -4.06 -28.54 12.27
C GLU B 221 -3.39 -28.22 13.60
N TRP B 222 -3.96 -27.28 14.36
CA TRP B 222 -3.39 -26.87 15.63
C TRP B 222 -3.76 -27.81 16.78
N MET B 223 -4.74 -28.70 16.56
CA MET B 223 -5.13 -29.71 17.55
C MET B 223 -5.67 -29.06 18.83
N HIS B 224 -6.67 -28.20 18.66
CA HIS B 224 -7.36 -27.59 19.79
C HIS B 224 -8.31 -28.62 20.39
N ASP B 225 -8.04 -29.03 21.63
CA ASP B 225 -8.83 -30.07 22.28
C ASP B 225 -9.99 -29.53 23.10
N GLY B 226 -9.98 -28.24 23.43
CA GLY B 226 -11.12 -27.63 24.09
C GLY B 226 -12.27 -27.44 23.12
N PHE B 227 -13.21 -26.55 23.45
CA PHE B 227 -14.30 -26.25 22.54
C PHE B 227 -14.19 -24.82 22.04
N VAL B 228 -15.02 -24.50 21.05
CA VAL B 228 -15.07 -23.17 20.46
C VAL B 228 -16.41 -22.54 20.83
N VAL B 229 -16.35 -21.32 21.35
CA VAL B 229 -17.54 -20.57 21.73
C VAL B 229 -17.70 -19.42 20.75
N SER B 230 -18.95 -19.05 20.48
CA SER B 230 -19.20 -17.91 19.63
C SER B 230 -19.05 -16.62 20.42
N ASP B 231 -18.82 -15.53 19.70
CA ASP B 231 -18.99 -14.22 20.31
C ASP B 231 -20.48 -13.99 20.56
N TRP B 232 -20.78 -13.02 21.41
CA TRP B 232 -22.14 -12.86 21.93
C TRP B 232 -23.06 -12.41 20.81
N GLY B 233 -23.88 -13.34 20.31
CA GLY B 233 -24.76 -13.08 19.19
C GLY B 233 -24.12 -13.23 17.82
N ALA B 234 -22.93 -13.82 17.74
CA ALA B 234 -22.24 -13.94 16.45
C ALA B 234 -22.69 -15.14 15.63
N VAL B 235 -23.53 -16.02 16.19
CA VAL B 235 -23.99 -17.17 15.43
C VAL B 235 -25.00 -16.71 14.39
N ASN B 236 -24.88 -17.27 13.18
CA ASN B 236 -25.83 -16.99 12.11
C ASN B 236 -26.71 -18.22 11.87
N ASP B 237 -26.21 -19.18 11.11
CA ASP B 237 -26.87 -20.47 10.92
C ASP B 237 -26.27 -21.44 11.92
N ARG B 238 -27.04 -21.79 12.95
CA ARG B 238 -26.51 -22.61 14.03
C ARG B 238 -26.06 -23.97 13.53
N VAL B 239 -26.86 -24.60 12.66
CA VAL B 239 -26.51 -25.93 12.16
C VAL B 239 -25.23 -25.85 11.33
N SER B 240 -25.14 -24.85 10.45
CA SER B 240 -23.90 -24.64 9.70
C SER B 240 -22.72 -24.43 10.63
N GLY B 241 -22.92 -23.67 11.71
CA GLY B 241 -21.84 -23.44 12.66
C GLY B 241 -21.42 -24.71 13.36
N LEU B 242 -22.39 -25.52 13.79
CA LEU B 242 -22.06 -26.78 14.46
C LEU B 242 -21.27 -27.68 13.53
N ASP B 243 -21.66 -27.76 12.26
CA ASP B 243 -20.89 -28.53 11.30
C ASP B 243 -19.54 -27.89 11.04
N ALA B 244 -19.45 -26.56 11.15
CA ALA B 244 -18.20 -25.86 10.92
C ALA B 244 -17.24 -25.99 12.10
N GLY B 245 -17.76 -26.19 13.31
CA GLY B 245 -16.88 -26.36 14.46
C GLY B 245 -17.23 -25.47 15.64
N LEU B 246 -18.33 -24.73 15.55
CA LEU B 246 -18.78 -23.88 16.64
C LEU B 246 -19.54 -24.71 17.64
N ASP B 247 -18.95 -24.93 18.81
CA ASP B 247 -19.51 -25.87 19.79
C ASP B 247 -20.58 -25.21 20.65
N LEU B 248 -20.28 -24.04 21.22
CA LEU B 248 -21.16 -23.39 22.18
C LEU B 248 -21.59 -22.03 21.65
N GLU B 249 -22.90 -21.84 21.51
CA GLU B 249 -23.47 -20.54 21.16
C GLU B 249 -23.76 -19.75 22.43
N MET B 250 -23.22 -18.52 22.48
CA MET B 250 -23.51 -17.61 23.58
C MET B 250 -23.92 -16.25 23.03
N PRO B 251 -24.85 -15.55 23.68
CA PRO B 251 -25.57 -16.03 24.87
C PRO B 251 -26.71 -16.97 24.50
N THR B 252 -27.60 -17.24 25.44
CA THR B 252 -28.74 -18.10 25.15
C THR B 252 -29.63 -17.47 24.07
N SER B 253 -30.25 -18.33 23.27
CA SER B 253 -31.28 -17.92 22.34
C SER B 253 -32.65 -18.42 22.75
N HIS B 254 -32.77 -18.92 23.99
CA HIS B 254 -34.05 -19.38 24.54
C HIS B 254 -34.63 -20.53 23.73
N GLY B 255 -33.75 -21.42 23.26
CA GLY B 255 -34.17 -22.64 22.59
C GLY B 255 -34.46 -22.51 21.12
N ILE B 256 -34.38 -21.31 20.55
CA ILE B 256 -34.66 -21.14 19.12
C ILE B 256 -33.67 -21.94 18.28
N THR B 257 -32.37 -21.77 18.53
CA THR B 257 -31.37 -22.52 17.79
C THR B 257 -31.31 -23.97 18.24
N ASP B 258 -31.68 -24.23 19.50
CA ASP B 258 -31.76 -25.61 19.98
C ASP B 258 -32.80 -26.39 19.18
N LYS B 259 -33.93 -25.76 18.88
CA LYS B 259 -34.96 -26.41 18.08
C LYS B 259 -34.47 -26.67 16.65
N LYS B 260 -33.59 -25.81 16.12
CA LYS B 260 -33.05 -26.06 14.79
C LYS B 260 -32.09 -27.25 14.79
N ILE B 261 -31.36 -27.46 15.88
CA ILE B 261 -30.41 -28.58 15.94
C ILE B 261 -31.16 -29.91 16.00
N VAL B 262 -32.18 -30.00 16.86
CA VAL B 262 -32.92 -31.24 16.97
C VAL B 262 -33.65 -31.56 15.67
N GLU B 263 -34.24 -30.53 15.03
CA GLU B 263 -34.94 -30.76 13.78
C GLU B 263 -33.97 -31.16 12.68
N ALA B 264 -32.76 -30.60 12.68
CA ALA B 264 -31.79 -30.95 11.65
C ALA B 264 -31.25 -32.37 11.84
N VAL B 265 -31.16 -32.84 13.08
CA VAL B 265 -30.69 -34.19 13.34
C VAL B 265 -31.75 -35.21 12.94
N LYS B 266 -33.01 -34.97 13.32
CA LYS B 266 -34.07 -35.91 13.00
C LYS B 266 -34.38 -35.92 11.50
N SER B 267 -34.14 -34.81 10.81
CA SER B 267 -34.33 -34.79 9.37
C SER B 267 -33.25 -35.55 8.63
N GLY B 268 -32.08 -35.71 9.23
CA GLY B 268 -30.96 -36.36 8.59
C GLY B 268 -29.98 -35.41 7.92
N LYS B 269 -30.23 -34.10 7.97
CA LYS B 269 -29.30 -33.16 7.36
C LYS B 269 -28.02 -33.01 8.18
N LEU B 270 -28.11 -33.19 9.49
CA LEU B 270 -26.97 -33.06 10.39
C LEU B 270 -26.73 -34.40 11.07
N SER B 271 -25.52 -34.93 10.92
CA SER B 271 -25.18 -36.19 11.57
C SER B 271 -25.10 -36.02 13.08
N GLU B 272 -25.56 -37.04 13.81
CA GLU B 272 -25.47 -37.00 15.26
C GLU B 272 -24.04 -37.14 15.75
N ASN B 273 -23.16 -37.74 14.95
CA ASN B 273 -21.76 -37.83 15.34
C ASN B 273 -21.11 -36.45 15.41
N ILE B 274 -21.54 -35.53 14.54
CA ILE B 274 -21.07 -34.15 14.62
C ILE B 274 -21.52 -33.52 15.94
N LEU B 275 -22.77 -33.76 16.32
CA LEU B 275 -23.28 -33.20 17.58
C LEU B 275 -22.60 -33.82 18.79
N ASN B 276 -22.43 -35.14 18.78
CA ASN B 276 -21.79 -35.80 19.93
C ASN B 276 -20.35 -35.33 20.10
N ARG B 277 -19.65 -35.06 19.00
CA ARG B 277 -18.27 -34.61 19.09
C ARG B 277 -18.19 -33.22 19.72
N ALA B 278 -19.16 -32.35 19.40
CA ALA B 278 -19.19 -31.02 20.01
C ALA B 278 -19.57 -31.10 21.47
N VAL B 279 -20.57 -31.93 21.81
CA VAL B 279 -20.96 -32.13 23.20
C VAL B 279 -19.79 -32.65 24.01
N GLU B 280 -19.00 -33.56 23.44
CA GLU B 280 -17.86 -34.12 24.16
C GLU B 280 -16.81 -33.05 24.45
N ARG B 281 -16.60 -32.12 23.49
CA ARG B 281 -15.67 -31.03 23.73
C ARG B 281 -16.15 -30.12 24.85
N ILE B 282 -17.45 -29.85 24.91
CA ILE B 282 -17.98 -28.99 25.96
C ILE B 282 -17.93 -29.70 27.31
N LEU B 283 -18.34 -30.97 27.34
CA LEU B 283 -18.36 -31.71 28.60
C LEU B 283 -16.96 -31.92 29.16
N LYS B 284 -15.97 -32.16 28.27
CA LYS B 284 -14.60 -32.33 28.75
C LYS B 284 -14.13 -31.13 29.53
N VAL B 285 -14.46 -29.92 29.06
CA VAL B 285 -14.06 -28.70 29.77
C VAL B 285 -14.89 -28.52 31.03
N ILE B 286 -16.19 -28.84 30.97
CA ILE B 286 -17.06 -28.67 32.13
C ILE B 286 -16.53 -29.49 33.31
N PHE B 287 -16.25 -30.77 33.07
CA PHE B 287 -15.77 -31.63 34.15
C PHE B 287 -14.32 -31.36 34.53
N MET B 288 -13.52 -30.81 33.61
CA MET B 288 -12.18 -30.38 33.97
C MET B 288 -12.21 -29.17 34.89
N ALA B 289 -13.20 -28.31 34.73
CA ALA B 289 -13.38 -27.20 35.66
C ALA B 289 -13.88 -27.70 37.01
N LEU B 290 -14.81 -28.66 36.99
CA LEU B 290 -15.34 -29.20 38.24
C LEU B 290 -14.26 -29.88 39.07
N GLU B 291 -13.35 -30.60 38.42
CA GLU B 291 -12.28 -31.26 39.15
C GLU B 291 -11.34 -30.26 39.83
N ASN B 292 -11.13 -29.10 39.20
CA ASN B 292 -10.20 -28.12 39.72
C ASN B 292 -10.89 -26.98 40.47
N LYS B 293 -12.18 -27.11 40.74
CA LYS B 293 -12.89 -26.09 41.50
C LYS B 293 -12.36 -26.02 42.93
N LYS B 294 -12.01 -24.82 43.36
CA LYS B 294 -11.57 -24.57 44.73
C LYS B 294 -12.71 -23.90 45.47
N GLU B 295 -13.26 -24.58 46.47
CA GLU B 295 -14.42 -24.06 47.19
C GLU B 295 -14.02 -22.98 48.18
N ASN B 296 -14.79 -21.89 48.19
CA ASN B 296 -14.61 -20.79 49.13
C ASN B 296 -13.18 -20.24 49.09
N ALA B 297 -12.64 -20.13 47.88
CA ALA B 297 -11.31 -19.59 47.73
C ALA B 297 -11.32 -18.10 47.97
N GLN B 298 -10.25 -17.59 48.58
CA GLN B 298 -10.06 -16.16 48.75
C GLN B 298 -8.68 -15.81 48.23
N TYR B 299 -8.54 -14.56 47.79
CA TYR B 299 -7.26 -14.06 47.32
C TYR B 299 -6.88 -12.81 48.09
N ASP B 300 -5.60 -12.49 48.03
CA ASP B 300 -5.05 -11.35 48.74
C ASP B 300 -5.27 -10.11 47.89
N LYS B 301 -6.26 -9.30 48.27
CA LYS B 301 -6.58 -8.10 47.49
C LYS B 301 -5.43 -7.10 47.52
N ASP B 302 -4.64 -7.07 48.59
CA ASP B 302 -3.52 -6.15 48.66
C ASP B 302 -2.35 -6.63 47.79
N ALA B 303 -2.10 -7.93 47.75
CA ALA B 303 -1.01 -8.45 46.94
C ALA B 303 -1.29 -8.31 45.45
N HIS B 304 -2.55 -8.47 45.05
CA HIS B 304 -2.91 -8.24 43.65
C HIS B 304 -2.83 -6.77 43.29
N HIS B 305 -3.05 -5.87 44.26
CA HIS B 305 -2.86 -4.45 44.02
C HIS B 305 -1.39 -4.13 43.80
N ARG B 306 -0.50 -4.72 44.60
CA ARG B 306 0.93 -4.51 44.40
C ARG B 306 1.39 -5.10 43.07
N LEU B 307 0.81 -6.24 42.66
CA LEU B 307 1.16 -6.80 41.36
C LEU B 307 0.73 -5.89 40.24
N ALA B 308 -0.49 -5.36 40.32
CA ALA B 308 -0.94 -4.39 39.32
C ALA B 308 -0.05 -3.16 39.30
N ARG B 309 0.49 -2.76 40.46
CA ARG B 309 1.44 -1.67 40.50
C ARG B 309 2.77 -2.06 39.86
N GLN B 310 3.24 -3.29 40.12
CA GLN B 310 4.47 -3.76 39.49
C GLN B 310 4.30 -3.93 37.99
N ALA B 311 3.15 -4.49 37.56
CA ALA B 311 2.92 -4.70 36.15
C ALA B 311 2.93 -3.38 35.37
N ALA B 312 2.35 -2.33 35.95
CA ALA B 312 2.36 -1.03 35.29
C ALA B 312 3.74 -0.41 35.30
N ALA B 313 4.45 -0.49 36.42
CA ALA B 313 5.76 0.14 36.53
C ALA B 313 6.79 -0.52 35.63
N GLU B 314 6.63 -1.81 35.36
CA GLU B 314 7.57 -2.53 34.50
C GLU B 314 7.12 -2.58 33.05
N SER B 315 6.01 -1.94 32.70
CA SER B 315 5.56 -1.88 31.32
C SER B 315 5.39 -0.46 30.80
N MET B 316 5.59 0.56 31.63
CA MET B 316 5.61 1.93 31.12
C MET B 316 6.83 2.12 30.21
N VAL B 317 6.63 2.87 29.14
CA VAL B 317 7.65 3.07 28.12
C VAL B 317 8.14 4.51 28.22
N LEU B 318 9.43 4.67 28.52
CA LEU B 318 10.08 5.97 28.46
C LEU B 318 10.43 6.25 27.01
N LEU B 319 9.55 6.98 26.31
CA LEU B 319 9.75 7.22 24.88
C LEU B 319 10.87 8.23 24.64
N LYS B 320 10.95 9.25 25.47
CA LYS B 320 11.94 10.30 25.32
C LYS B 320 12.38 10.75 26.70
N ASN B 321 13.66 11.12 26.83
CA ASN B 321 14.18 11.56 28.12
C ASN B 321 15.39 12.45 27.87
N GLU B 322 15.14 13.60 27.25
CA GLU B 322 16.20 14.54 26.92
C GLU B 322 16.76 15.19 28.18
N ASP B 323 18.09 15.26 28.25
CA ASP B 323 18.82 15.87 29.36
C ASP B 323 18.55 15.18 30.69
N ASP B 324 18.05 13.95 30.66
CA ASP B 324 17.83 13.14 31.87
C ASP B 324 16.97 13.89 32.88
N VAL B 325 15.90 14.52 32.41
CA VAL B 325 14.96 15.16 33.32
C VAL B 325 14.33 14.13 34.24
N LEU B 326 14.05 12.95 33.72
CA LEU B 326 13.66 11.82 34.55
C LEU B 326 14.89 10.97 34.87
N PRO B 327 15.01 10.45 36.10
CA PRO B 327 14.04 10.57 37.20
C PRO B 327 14.06 11.94 37.87
N LEU B 328 12.89 12.37 38.36
CA LEU B 328 12.80 13.65 39.03
C LEU B 328 13.62 13.63 40.31
N LYS B 329 14.23 14.78 40.62
CA LYS B 329 14.96 14.92 41.88
C LYS B 329 13.99 15.07 43.04
N LYS B 330 14.38 14.52 44.19
CA LYS B 330 13.58 14.64 45.40
C LYS B 330 13.91 15.95 46.12
N SER B 331 13.72 17.05 45.40
CA SER B 331 14.00 18.39 45.89
C SER B 331 13.32 19.39 44.97
N GLY B 332 13.37 20.66 45.37
CA GLY B 332 12.80 21.72 44.57
C GLY B 332 11.28 21.67 44.50
N THR B 333 10.73 22.24 43.43
CA THR B 333 9.30 22.32 43.21
C THR B 333 8.92 21.56 41.94
N ILE B 334 7.87 20.75 42.04
CA ILE B 334 7.37 19.97 40.91
C ILE B 334 5.90 20.33 40.70
N ALA B 335 5.53 20.61 39.46
CA ALA B 335 4.16 21.00 39.11
C ALA B 335 3.50 19.86 38.36
N LEU B 336 2.34 19.41 38.88
CA LEU B 336 1.52 18.41 38.21
C LEU B 336 0.36 19.13 37.56
N ILE B 337 0.25 19.01 36.24
CA ILE B 337 -0.75 19.73 35.47
C ILE B 337 -1.55 18.73 34.65
N GLY B 338 -2.87 18.93 34.59
CA GLY B 338 -3.72 18.11 33.76
C GLY B 338 -4.95 17.60 34.46
N ALA B 339 -6.06 17.50 33.74
CA ALA B 339 -7.27 16.91 34.32
C ALA B 339 -7.05 15.46 34.70
N PHE B 340 -6.11 14.79 34.02
CA PHE B 340 -5.81 13.40 34.34
C PHE B 340 -5.08 13.24 35.67
N VAL B 341 -4.72 14.33 36.34
CA VAL B 341 -4.16 14.20 37.68
C VAL B 341 -5.23 13.70 38.64
N LYS B 342 -6.42 14.31 38.60
CA LYS B 342 -7.52 13.93 39.49
C LYS B 342 -8.38 12.83 38.89
N LYS B 343 -8.64 12.87 37.58
CA LYS B 343 -9.43 11.87 36.88
C LYS B 343 -8.56 11.18 35.83
N PRO B 344 -7.63 10.31 36.26
CA PRO B 344 -6.72 9.70 35.31
C PRO B 344 -7.40 8.65 34.46
N ARG B 345 -6.83 8.42 33.28
CA ARG B 345 -7.25 7.35 32.40
C ARG B 345 -6.41 6.13 32.71
N TYR B 346 -7.06 5.06 33.18
CA TYR B 346 -6.34 3.87 33.61
C TYR B 346 -6.89 2.57 33.04
N GLN B 347 -8.05 2.59 32.39
CA GLN B 347 -8.57 1.40 31.73
C GLN B 347 -9.45 1.86 30.57
N GLY B 348 -9.91 0.89 29.79
CA GLY B 348 -10.73 1.16 28.64
C GLY B 348 -12.20 1.10 28.94
N SER B 349 -13.00 1.00 27.88
CA SER B 349 -14.45 0.91 27.99
C SER B 349 -14.92 -0.29 27.18
N GLY B 350 -16.04 -0.87 27.61
CA GLY B 350 -16.61 -2.03 26.96
C GLY B 350 -16.80 -3.14 27.95
N SER B 351 -16.95 -4.36 27.42
CA SER B 351 -17.18 -5.53 28.25
C SER B 351 -16.02 -5.86 29.17
N SER B 352 -14.84 -5.27 28.96
CA SER B 352 -13.69 -5.51 29.81
C SER B 352 -13.55 -4.49 30.94
N HIS B 353 -14.51 -3.58 31.10
CA HIS B 353 -14.41 -2.55 32.12
C HIS B 353 -14.48 -3.17 33.51
N ILE B 354 -13.61 -2.72 34.40
CA ILE B 354 -13.46 -3.33 35.72
C ILE B 354 -13.91 -2.36 36.80
N THR B 355 -14.62 -2.89 37.79
CA THR B 355 -14.90 -2.16 39.02
C THR B 355 -13.72 -2.42 39.97
N PRO B 356 -12.83 -1.44 40.15
CA PRO B 356 -11.60 -1.74 40.90
C PRO B 356 -11.86 -1.86 42.39
N THR B 357 -11.11 -2.78 43.02
CA THR B 357 -11.16 -2.92 44.47
C THR B 357 -10.51 -1.75 45.18
N ARG B 358 -9.60 -1.05 44.51
CA ARG B 358 -8.86 0.07 45.07
C ARG B 358 -8.52 0.99 43.92
N LEU B 359 -8.01 2.17 44.23
CA LEU B 359 -7.57 3.07 43.16
C LEU B 359 -6.55 4.05 43.72
N ASP B 360 -5.33 4.02 43.19
CA ASP B 360 -4.29 4.93 43.63
C ASP B 360 -4.61 6.35 43.18
N ASP B 361 -4.26 7.32 44.01
CA ASP B 361 -4.36 8.74 43.67
C ASP B 361 -3.01 9.23 43.21
N ILE B 362 -2.97 9.80 42.00
CA ILE B 362 -1.70 10.22 41.41
C ILE B 362 -1.00 11.24 42.31
N TYR B 363 -1.75 12.23 42.78
CA TYR B 363 -1.15 13.29 43.60
C TYR B 363 -0.59 12.74 44.90
N GLU B 364 -1.36 11.88 45.59
CA GLU B 364 -0.92 11.38 46.89
C GLU B 364 0.26 10.45 46.76
N GLU B 365 0.26 9.57 45.76
CA GLU B 365 1.38 8.65 45.57
C GLU B 365 2.65 9.39 45.22
N ILE B 366 2.55 10.45 44.40
CA ILE B 366 3.73 11.23 44.05
C ILE B 366 4.21 12.03 45.25
N LYS B 367 3.29 12.67 45.98
CA LYS B 367 3.66 13.37 47.21
C LYS B 367 4.31 12.41 48.20
N LYS B 368 3.77 11.19 48.30
CA LYS B 368 4.33 10.20 49.21
C LYS B 368 5.75 9.82 48.79
N ALA B 369 5.96 9.60 47.49
CA ALA B 369 7.30 9.26 46.99
C ALA B 369 8.22 10.47 46.97
N GLY B 370 7.68 11.68 46.90
CA GLY B 370 8.52 12.86 46.83
C GLY B 370 9.22 13.17 48.14
N GLY B 371 8.45 13.24 49.23
CA GLY B 371 9.01 13.48 50.55
C GLY B 371 8.90 14.92 50.99
N ASP B 372 9.64 15.22 52.06
CA ASP B 372 9.59 16.55 52.66
C ASP B 372 10.28 17.60 51.79
N LYS B 373 11.36 17.21 51.10
CA LYS B 373 12.16 18.17 50.35
C LYS B 373 11.51 18.63 49.04
N VAL B 374 10.40 18.03 48.64
CA VAL B 374 9.73 18.37 47.39
C VAL B 374 8.54 19.27 47.68
N ASN B 375 8.43 20.36 46.92
CA ASN B 375 7.25 21.21 46.94
C ASN B 375 6.36 20.80 45.77
N LEU B 376 5.17 20.31 46.07
CA LEU B 376 4.26 19.78 45.06
C LEU B 376 3.14 20.79 44.83
N VAL B 377 2.99 21.23 43.59
CA VAL B 377 1.97 22.20 43.19
C VAL B 377 1.13 21.58 42.08
N TYR B 378 -0.17 21.83 42.12
CA TYR B 378 -1.12 21.31 41.14
C TYR B 378 -1.82 22.45 40.42
N SER B 379 -2.07 22.25 39.11
CA SER B 379 -2.85 23.17 38.31
C SER B 379 -3.67 22.34 37.32
N GLU B 380 -4.95 22.69 37.16
CA GLU B 380 -5.87 21.86 36.38
C GLU B 380 -5.46 21.81 34.91
N GLY B 381 -5.20 22.98 34.32
CA GLY B 381 -4.70 23.04 32.96
C GLY B 381 -5.75 22.93 31.87
N TYR B 382 -6.51 21.85 31.85
CA TYR B 382 -7.56 21.67 30.87
C TYR B 382 -8.72 20.90 31.49
N ARG B 383 -9.88 21.00 30.86
CA ARG B 383 -11.09 20.33 31.31
C ARG B 383 -11.54 19.33 30.25
N LEU B 384 -11.89 18.12 30.69
CA LEU B 384 -12.41 17.12 29.78
C LEU B 384 -13.85 17.39 29.37
N GLU B 385 -14.57 18.19 30.16
CA GLU B 385 -15.98 18.46 29.87
C GLU B 385 -16.16 19.29 28.61
N ASN B 386 -15.20 20.18 28.31
CA ASN B 386 -15.28 21.03 27.13
C ASN B 386 -13.99 20.97 26.33
N ASP B 390 -10.90 28.20 26.81
CA ASP B 390 -10.64 28.57 28.19
C ASP B 390 -9.16 28.87 28.39
N GLU B 391 -8.81 30.15 28.34
CA GLU B 391 -7.42 30.58 28.50
C GLU B 391 -7.03 30.80 29.95
N GLU B 392 -8.01 30.95 30.85
CA GLU B 392 -7.68 31.13 32.26
C GLU B 392 -6.96 29.91 32.83
N LEU B 393 -7.43 28.70 32.48
CA LEU B 393 -6.75 27.49 32.93
C LEU B 393 -5.33 27.43 32.38
N ILE B 394 -5.15 27.82 31.12
CA ILE B 394 -3.83 27.80 30.51
C ILE B 394 -2.91 28.81 31.19
N ASN B 395 -3.42 30.01 31.49
CA ASN B 395 -2.59 31.03 32.10
C ASN B 395 -2.18 30.65 33.53
N GLU B 396 -3.12 30.09 34.30
CA GLU B 396 -2.76 29.64 35.64
C GLU B 396 -1.77 28.48 35.59
N ALA B 397 -1.87 27.61 34.58
CA ALA B 397 -0.95 26.50 34.45
C ALA B 397 0.45 26.96 34.04
N LYS B 398 0.54 28.02 33.24
CA LYS B 398 1.86 28.52 32.83
C LYS B 398 2.61 29.11 34.02
N LYS B 399 1.90 29.85 34.88
CA LYS B 399 2.55 30.41 36.07
C LYS B 399 3.02 29.31 37.01
N ALA B 400 2.24 28.24 37.13
CA ALA B 400 2.64 27.12 37.97
C ALA B 400 3.85 26.39 37.40
N ALA B 401 3.94 26.29 36.07
CA ALA B 401 5.08 25.60 35.47
C ALA B 401 6.34 26.44 35.57
N SER B 402 6.23 27.75 35.35
CA SER B 402 7.40 28.62 35.44
C SER B 402 7.93 28.70 36.87
N SER B 403 7.02 28.74 37.85
CA SER B 403 7.43 28.83 39.25
C SER B 403 8.14 27.55 39.69
N SER B 404 7.85 26.44 39.04
CA SER B 404 8.43 25.15 39.41
C SER B 404 9.75 24.94 38.69
N ASP B 405 10.54 24.00 39.23
CA ASP B 405 11.77 23.60 38.56
C ASP B 405 11.49 22.64 37.41
N VAL B 406 10.45 21.81 37.54
CA VAL B 406 10.05 20.88 36.50
C VAL B 406 8.53 20.81 36.48
N ALA B 407 7.96 20.65 35.30
CA ALA B 407 6.52 20.54 35.10
C ALA B 407 6.21 19.19 34.49
N VAL B 408 5.21 18.51 35.02
CA VAL B 408 4.78 17.20 34.53
C VAL B 408 3.32 17.34 34.09
N VAL B 409 3.07 17.15 32.80
CA VAL B 409 1.74 17.29 32.23
C VAL B 409 1.18 15.90 31.96
N PHE B 410 -0.04 15.66 32.46
CA PHE B 410 -0.73 14.38 32.28
C PHE B 410 -1.79 14.56 31.20
N ALA B 411 -1.56 13.95 30.04
CA ALA B 411 -2.42 14.11 28.88
C ALA B 411 -2.70 12.73 28.27
N GLY B 412 -3.52 12.71 27.24
CA GLY B 412 -3.84 11.47 26.56
C GLY B 412 -5.26 11.51 26.00
N LEU B 413 -5.83 10.31 25.83
CA LEU B 413 -7.15 10.14 25.22
C LEU B 413 -8.22 9.99 26.30
N PRO B 414 -9.28 10.80 26.23
CA PRO B 414 -10.38 10.64 27.20
C PRO B 414 -11.08 9.30 27.03
N ASP B 415 -11.94 8.99 28.00
CA ASP B 415 -12.58 7.68 28.06
C ASP B 415 -13.44 7.42 26.82
N GLU B 416 -14.10 8.46 26.29
CA GLU B 416 -15.00 8.28 25.17
C GLU B 416 -14.28 7.86 23.90
N TYR B 417 -12.98 8.09 23.82
CA TYR B 417 -12.25 7.87 22.57
C TYR B 417 -12.09 6.38 22.26
N GLU B 418 -11.85 5.57 23.28
CA GLU B 418 -11.52 4.15 23.09
C GLU B 418 -12.56 3.28 23.78
N SER B 419 -13.11 2.33 23.03
CA SER B 419 -14.10 1.41 23.59
C SER B 419 -14.29 0.26 22.62
N GLU B 420 -14.83 -0.85 23.14
CA GLU B 420 -15.40 -1.87 22.29
C GLU B 420 -16.60 -1.28 21.55
N GLY B 421 -16.77 -1.70 20.29
CA GLY B 421 -17.93 -1.34 19.49
C GLY B 421 -17.66 -0.33 18.40
N PHE B 422 -16.68 0.55 18.60
CA PHE B 422 -16.38 1.55 17.57
C PHE B 422 -14.89 1.86 17.57
N ASP B 423 -14.40 2.29 16.41
CA ASP B 423 -13.01 2.66 16.21
C ASP B 423 -12.82 4.16 16.43
N ARG B 424 -11.56 4.58 16.53
CA ARG B 424 -11.23 5.99 16.48
C ARG B 424 -11.32 6.50 15.04
N THR B 425 -11.59 7.80 14.91
CA THR B 425 -11.63 8.43 13.60
C THR B 425 -10.37 9.24 13.30
N HIS B 426 -9.66 9.70 14.33
CA HIS B 426 -8.37 10.34 14.16
C HIS B 426 -7.41 9.80 15.22
N MET B 427 -6.17 10.30 15.20
CA MET B 427 -5.10 9.73 16.00
C MET B 427 -4.43 10.77 16.91
N SER B 428 -5.12 11.85 17.25
CA SER B 428 -4.52 12.92 18.02
C SER B 428 -5.23 13.10 19.34
N ILE B 429 -4.50 13.58 20.34
CA ILE B 429 -5.06 13.88 21.66
C ILE B 429 -5.88 15.15 21.50
N PRO B 430 -6.87 15.41 22.36
CA PRO B 430 -7.67 16.63 22.24
C PRO B 430 -6.82 17.87 22.11
N GLU B 431 -7.31 18.83 21.32
CA GLU B 431 -6.54 20.04 21.02
C GLU B 431 -6.35 20.91 22.25
N ASN B 432 -7.32 20.96 23.16
CA ASN B 432 -7.14 21.77 24.36
C ASN B 432 -5.98 21.25 25.20
N GLN B 433 -5.70 19.95 25.09
CA GLN B 433 -4.51 19.40 25.73
C GLN B 433 -3.25 19.72 24.96
N ASN B 434 -3.33 19.78 23.62
CA ASN B 434 -2.14 20.15 22.84
C ASN B 434 -1.78 21.61 23.05
N ARG B 435 -2.79 22.49 23.12
CA ARG B 435 -2.51 23.91 23.38
C ARG B 435 -1.86 24.09 24.75
N LEU B 436 -2.27 23.29 25.73
CA LEU B 436 -1.71 23.42 27.08
C LEU B 436 -0.24 23.01 27.10
N ILE B 437 0.08 21.87 26.48
CA ILE B 437 1.47 21.42 26.45
C ILE B 437 2.35 22.45 25.77
N GLU B 438 1.88 23.01 24.66
CA GLU B 438 2.65 24.01 23.94
C GLU B 438 2.86 25.26 24.78
N ALA B 439 1.85 25.65 25.56
CA ALA B 439 1.97 26.84 26.40
C ALA B 439 2.93 26.60 27.56
N VAL B 440 2.86 25.43 28.19
CA VAL B 440 3.75 25.11 29.29
C VAL B 440 5.19 24.98 28.79
N ALA B 441 5.37 24.40 27.61
CA ALA B 441 6.71 24.26 27.04
C ALA B 441 7.34 25.61 26.72
N GLU B 442 6.52 26.65 26.51
CA GLU B 442 7.06 27.98 26.23
C GLU B 442 7.72 28.58 27.47
N VAL B 443 7.09 28.43 28.63
CA VAL B 443 7.57 29.08 29.85
C VAL B 443 8.36 28.14 30.76
N GLN B 444 8.32 26.82 30.51
CA GLN B 444 9.05 25.85 31.33
C GLN B 444 9.68 24.83 30.40
N SER B 445 10.99 24.98 30.18
CA SER B 445 11.69 24.10 29.23
C SER B 445 11.79 22.68 29.77
N ASN B 446 11.86 22.50 31.08
CA ASN B 446 11.95 21.16 31.67
C ASN B 446 10.54 20.63 31.91
N ILE B 447 9.98 20.05 30.86
CA ILE B 447 8.59 19.60 30.87
C ILE B 447 8.54 18.11 30.57
N VAL B 448 7.80 17.37 31.38
CA VAL B 448 7.59 15.93 31.22
C VAL B 448 6.13 15.71 30.88
N VAL B 449 5.87 14.91 29.84
CA VAL B 449 4.52 14.60 29.41
C VAL B 449 4.27 13.12 29.68
N VAL B 450 3.30 12.83 30.56
CA VAL B 450 2.85 11.48 30.82
C VAL B 450 1.60 11.23 29.98
N LEU B 451 1.61 10.18 29.18
CA LEU B 451 0.52 9.87 28.27
C LEU B 451 -0.30 8.70 28.82
N LEU B 452 -1.60 8.91 28.93
CA LEU B 452 -2.55 7.88 29.33
C LEU B 452 -3.50 7.65 28.16
N ASN B 453 -3.42 6.47 27.55
CA ASN B 453 -4.07 6.21 26.27
C ASN B 453 -3.92 4.73 25.95
N GLY B 454 -4.89 4.17 25.23
CA GLY B 454 -4.81 2.77 24.91
C GLY B 454 -4.19 2.43 23.56
N SER B 455 -3.90 3.44 22.75
CA SER B 455 -3.48 3.22 21.37
C SER B 455 -2.62 4.40 20.93
N PRO B 456 -1.88 4.26 19.82
CA PRO B 456 -0.92 5.31 19.45
C PRO B 456 -1.58 6.66 19.24
N VAL B 457 -0.81 7.72 19.51
CA VAL B 457 -1.27 9.09 19.36
C VAL B 457 -0.18 9.92 18.68
N GLU B 458 -0.61 10.95 17.95
CA GLU B 458 0.31 11.89 17.34
C GLU B 458 0.81 12.88 18.38
N MET B 459 2.09 13.27 18.26
CA MET B 459 2.73 14.18 19.21
C MET B 459 3.39 15.31 18.44
N PRO B 460 2.61 16.28 17.96
CA PRO B 460 3.20 17.40 17.22
C PRO B 460 4.15 18.24 18.05
N TRP B 461 4.04 18.17 19.38
CA TRP B 461 4.87 18.94 20.29
C TRP B 461 6.12 18.20 20.73
N ILE B 462 6.45 17.07 20.07
CA ILE B 462 7.47 16.17 20.59
C ILE B 462 8.82 16.88 20.72
N ASP B 463 9.10 17.85 19.86
CA ASP B 463 10.37 18.57 19.93
C ASP B 463 10.39 19.62 21.02
N LYS B 464 9.22 20.00 21.55
CA LYS B 464 9.13 21.02 22.59
C LYS B 464 9.26 20.43 23.99
N VAL B 465 9.21 19.11 24.14
CA VAL B 465 9.23 18.47 25.46
C VAL B 465 10.51 17.66 25.60
N LYS B 466 10.95 17.51 26.85
CA LYS B 466 12.17 16.78 27.16
C LYS B 466 11.92 15.29 27.39
N SER B 467 10.87 14.95 28.12
CA SER B 467 10.58 13.58 28.48
C SER B 467 9.13 13.24 28.15
N VAL B 468 8.93 12.06 27.59
CA VAL B 468 7.60 11.52 27.33
C VAL B 468 7.53 10.13 27.95
N LEU B 469 6.63 9.95 28.92
CA LEU B 469 6.44 8.68 29.60
C LEU B 469 5.10 8.10 29.17
N GLU B 470 5.13 6.98 28.46
CA GLU B 470 3.94 6.33 27.93
C GLU B 470 3.47 5.27 28.92
N ALA B 471 2.38 5.56 29.63
CA ALA B 471 1.84 4.65 30.62
C ALA B 471 0.69 3.80 30.12
N TYR B 472 0.20 4.07 28.90
CA TYR B 472 -0.92 3.34 28.30
C TYR B 472 -2.08 3.39 29.29
N LEU B 473 -2.76 2.28 29.57
CA LEU B 473 -3.83 2.22 30.56
C LEU B 473 -3.30 1.35 31.70
N GLY B 474 -2.76 1.99 32.74
CA GLY B 474 -1.99 1.31 33.76
C GLY B 474 -2.77 0.59 34.84
N GLY B 475 -4.08 0.61 34.82
CA GLY B 475 -4.86 -0.10 35.82
C GLY B 475 -5.08 0.70 37.09
N GLN B 476 -5.62 -0.01 38.10
CA GLN B 476 -6.06 0.66 39.32
C GLN B 476 -4.90 1.13 40.18
N ALA B 477 -3.69 0.63 39.96
CA ALA B 477 -2.50 1.08 40.68
C ALA B 477 -1.61 1.96 39.83
N LEU B 478 -2.20 2.64 38.84
CA LEU B 478 -1.43 3.53 37.98
C LEU B 478 -0.73 4.63 38.78
N GLY B 479 -1.42 5.20 39.77
CA GLY B 479 -0.86 6.32 40.52
C GLY B 479 0.43 5.96 41.21
N GLY B 480 0.45 4.83 41.92
CA GLY B 480 1.68 4.39 42.57
C GLY B 480 2.78 4.08 41.57
N ALA B 481 2.44 3.38 40.49
CA ALA B 481 3.44 3.02 39.49
C ALA B 481 4.04 4.27 38.85
N LEU B 482 3.22 5.30 38.61
CA LEU B 482 3.75 6.56 38.10
C LEU B 482 4.73 7.16 39.09
N ALA B 483 4.40 7.15 40.38
CA ALA B 483 5.33 7.67 41.38
C ALA B 483 6.61 6.84 41.43
N ASP B 484 6.50 5.52 41.26
CA ASP B 484 7.69 4.67 41.29
C ASP B 484 8.63 5.00 40.14
N VAL B 485 8.09 5.21 38.95
CA VAL B 485 8.94 5.44 37.77
C VAL B 485 9.42 6.88 37.72
N LEU B 486 8.56 7.84 38.07
CA LEU B 486 8.92 9.25 37.93
C LEU B 486 10.11 9.61 38.83
N PHE B 487 10.17 9.05 40.03
CA PHE B 487 11.25 9.33 40.96
C PHE B 487 12.36 8.29 40.93
N GLY B 488 12.25 7.28 40.07
CA GLY B 488 13.32 6.33 39.92
C GLY B 488 13.30 5.19 40.92
N GLU B 489 12.26 5.07 41.75
CA GLU B 489 12.15 3.88 42.59
C GLU B 489 12.07 2.62 41.74
N VAL B 490 11.56 2.75 40.53
CA VAL B 490 11.56 1.67 39.54
C VAL B 490 12.22 2.21 38.28
N ASN B 491 13.25 1.50 37.79
CA ASN B 491 13.91 1.90 36.56
C ASN B 491 13.04 1.43 35.39
N PRO B 492 12.49 2.35 34.60
CA PRO B 492 11.55 1.94 33.55
C PRO B 492 12.21 1.02 32.54
N SER B 493 11.47 -0.02 32.13
CA SER B 493 12.00 -1.02 31.22
C SER B 493 11.02 -1.38 30.11
N GLY B 494 9.95 -0.61 29.92
CA GLY B 494 8.98 -0.94 28.89
C GLY B 494 9.44 -0.46 27.52
N LYS B 495 9.14 -1.27 26.51
CA LYS B 495 9.43 -0.95 25.11
C LYS B 495 8.20 -1.21 24.28
N LEU B 496 7.96 -0.35 23.28
CA LEU B 496 6.72 -0.37 22.53
C LEU B 496 6.44 -1.72 21.90
N ALA B 497 5.19 -2.16 22.00
CA ALA B 497 4.72 -3.37 21.34
C ALA B 497 4.02 -3.05 20.02
N GLU B 498 4.03 -1.79 19.61
CA GLU B 498 3.40 -1.37 18.36
C GLU B 498 4.05 -0.08 17.89
N THR B 499 3.98 0.15 16.60
CA THR B 499 4.61 1.31 16.00
C THR B 499 3.78 2.57 16.21
N PHE B 500 4.45 3.66 16.61
CA PHE B 500 3.84 4.96 16.76
C PHE B 500 4.15 5.78 15.52
N PRO B 501 3.23 5.92 14.57
CA PRO B 501 3.53 6.70 13.36
C PRO B 501 3.53 8.19 13.64
N VAL B 502 4.24 8.93 12.79
CA VAL B 502 4.20 10.38 12.86
C VAL B 502 2.81 10.88 12.49
N LYS B 503 2.25 10.34 11.41
CA LYS B 503 0.93 10.70 10.92
C LYS B 503 0.08 9.45 10.79
N LEU B 504 -1.22 9.59 11.05
CA LEU B 504 -2.15 8.48 10.83
C LEU B 504 -2.07 7.99 9.39
N SER B 505 -1.99 8.91 8.43
CA SER B 505 -1.99 8.55 7.02
C SER B 505 -0.78 7.70 6.62
N HIS B 506 0.28 7.71 7.44
CA HIS B 506 1.44 6.88 7.12
C HIS B 506 1.16 5.39 7.30
N ASN B 507 0.24 5.02 8.18
CA ASN B 507 0.11 3.64 8.60
C ASN B 507 -0.40 2.77 7.45
N PRO B 508 0.00 1.50 7.42
CA PRO B 508 -0.26 0.67 6.22
C PRO B 508 -1.73 0.49 5.88
N SER B 509 -2.62 0.47 6.87
CA SER B 509 -4.03 0.21 6.61
C SER B 509 -4.80 1.44 6.15
N TYR B 510 -4.14 2.60 6.05
CA TYR B 510 -4.86 3.87 5.96
C TYR B 510 -5.79 3.91 4.76
N LEU B 511 -5.33 3.43 3.60
CA LEU B 511 -6.16 3.47 2.40
C LEU B 511 -7.23 2.39 2.39
N ASN B 512 -7.21 1.47 3.35
CA ASN B 512 -8.14 0.35 3.37
C ASN B 512 -8.62 0.09 4.80
N PHE B 513 -9.15 1.14 5.42
CA PHE B 513 -9.69 1.06 6.77
C PHE B 513 -10.72 2.17 6.95
N PRO B 514 -11.94 1.87 7.38
CA PRO B 514 -12.43 0.53 7.70
C PRO B 514 -13.17 -0.14 6.56
N GLY B 515 -12.80 0.21 5.32
CA GLY B 515 -13.42 -0.40 4.16
C GLY B 515 -14.73 0.28 3.76
N GLU B 516 -15.41 -0.36 2.81
CA GLU B 516 -16.65 0.16 2.26
C GLU B 516 -17.61 -0.99 2.00
N ASP B 517 -18.91 -0.72 2.20
CA ASP B 517 -20.00 -1.60 1.78
C ASP B 517 -19.85 -3.02 2.34
N ASP B 518 -19.71 -3.10 3.67
CA ASP B 518 -19.54 -4.38 4.36
C ASP B 518 -18.37 -5.19 3.79
N ARG B 519 -17.28 -4.50 3.49
CA ARG B 519 -16.13 -5.16 2.89
C ARG B 519 -14.88 -4.36 3.20
N VAL B 520 -13.84 -5.04 3.68
CA VAL B 520 -12.53 -4.43 3.88
C VAL B 520 -11.49 -5.42 3.38
N GLU B 521 -10.50 -4.93 2.63
CA GLU B 521 -9.49 -5.78 2.02
C GLU B 521 -8.13 -5.38 2.57
N TYR B 522 -7.42 -6.37 3.14
CA TYR B 522 -6.09 -6.14 3.69
C TYR B 522 -5.07 -6.12 2.54
N LYS B 523 -5.15 -5.05 1.76
CA LYS B 523 -4.30 -4.96 0.57
C LYS B 523 -2.83 -4.72 0.90
N GLU B 524 -2.51 -4.35 2.14
CA GLU B 524 -1.12 -4.25 2.56
C GLU B 524 -0.49 -5.62 2.81
N GLY B 525 -1.31 -6.66 2.97
CA GLY B 525 -0.78 -8.01 3.09
C GLY B 525 0.04 -8.20 4.34
N LEU B 526 1.23 -8.79 4.17
CA LEU B 526 2.14 -9.03 5.30
C LEU B 526 2.56 -7.74 5.98
N PHE B 527 2.61 -6.64 5.24
CA PHE B 527 3.31 -5.43 5.67
C PHE B 527 2.42 -4.64 6.64
N VAL B 528 2.30 -5.20 7.84
CA VAL B 528 1.57 -4.59 8.95
C VAL B 528 2.59 -4.15 9.99
N GLY B 529 2.34 -3.00 10.61
CA GLY B 529 3.23 -2.55 11.66
C GLY B 529 4.62 -2.25 11.13
N TYR B 530 5.63 -2.57 11.94
CA TYR B 530 7.00 -2.27 11.57
C TYR B 530 7.44 -2.98 10.29
N ARG B 531 6.80 -4.10 9.94
CA ARG B 531 7.07 -4.73 8.66
C ARG B 531 6.85 -3.75 7.51
N TYR B 532 5.86 -2.87 7.64
CA TYR B 532 5.58 -1.86 6.63
C TYR B 532 6.61 -0.73 6.68
N TYR B 533 6.82 -0.14 7.86
CA TYR B 533 7.68 1.03 7.97
C TYR B 533 9.13 0.69 7.62
N ASP B 534 9.59 -0.50 7.98
CA ASP B 534 10.96 -0.89 7.66
C ASP B 534 11.16 -1.06 6.16
N THR B 535 10.27 -1.81 5.51
CA THR B 535 10.43 -2.09 4.09
C THR B 535 10.16 -0.86 3.24
N LYS B 536 9.20 -0.02 3.66
CA LYS B 536 8.88 1.20 2.92
C LYS B 536 9.85 2.33 3.19
N GLY B 537 10.67 2.23 4.23
CA GLY B 537 11.56 3.32 4.56
C GLY B 537 10.85 4.54 5.11
N ILE B 538 9.74 4.34 5.84
CA ILE B 538 8.97 5.43 6.43
C ILE B 538 9.32 5.50 7.91
N GLU B 539 9.73 6.67 8.35
CA GLU B 539 10.20 6.85 9.72
C GLU B 539 9.03 7.01 10.68
N PRO B 540 8.84 6.10 11.63
CA PRO B 540 7.79 6.29 12.63
C PRO B 540 8.19 7.36 13.62
N LEU B 541 7.20 7.82 14.39
CA LEU B 541 7.50 8.72 15.50
C LEU B 541 8.33 8.00 16.55
N PHE B 542 7.90 6.81 16.96
CA PHE B 542 8.66 5.93 17.83
C PHE B 542 8.46 4.52 17.28
N PRO B 543 9.53 3.79 16.99
CA PRO B 543 9.40 2.50 16.30
C PRO B 543 8.98 1.39 17.24
N PHE B 544 8.61 0.27 16.63
CA PHE B 544 8.33 -0.95 17.36
C PHE B 544 9.55 -1.37 18.18
N GLY B 545 9.32 -1.72 19.44
CA GLY B 545 10.39 -2.15 20.32
C GLY B 545 11.22 -1.05 20.93
N HIS B 546 10.79 0.20 20.83
CA HIS B 546 11.55 1.33 21.36
C HIS B 546 11.20 1.57 22.83
N GLY B 547 12.23 1.80 23.64
CA GLY B 547 12.04 2.12 25.05
C GLY B 547 13.35 2.49 25.72
N LEU B 548 13.34 3.55 26.53
CA LEU B 548 14.55 4.04 27.15
C LEU B 548 14.65 3.54 28.59
N SER B 549 15.78 3.85 29.22
CA SER B 549 16.03 3.44 30.60
C SER B 549 16.88 4.51 31.28
N TYR B 550 16.82 4.53 32.62
CA TYR B 550 17.70 5.42 33.38
C TYR B 550 19.14 4.94 33.39
N THR B 551 19.43 3.79 32.79
CA THR B 551 20.77 3.26 32.65
C THR B 551 20.99 2.85 31.19
N LYS B 552 22.22 2.47 30.87
CA LYS B 552 22.60 2.09 29.52
C LYS B 552 23.10 0.66 29.50
N PHE B 553 22.76 -0.06 28.43
CA PHE B 553 23.15 -1.46 28.27
C PHE B 553 23.98 -1.60 26.99
N GLU B 554 25.16 -2.22 27.13
CA GLU B 554 26.08 -2.40 26.02
C GLU B 554 26.06 -3.86 25.59
N TYR B 555 25.77 -4.10 24.32
CA TYR B 555 25.75 -5.45 23.76
C TYR B 555 27.11 -5.81 23.20
N SER B 556 27.48 -7.08 23.32
CA SER B 556 28.79 -7.52 22.86
C SER B 556 28.77 -9.04 22.69
N ASP B 557 29.71 -9.52 21.90
CA ASP B 557 29.99 -10.94 21.72
C ASP B 557 28.74 -11.72 21.31
N ILE B 558 28.23 -11.41 20.12
CA ILE B 558 27.14 -12.21 19.57
C ILE B 558 27.72 -13.52 19.06
N SER B 559 27.16 -14.63 19.55
CA SER B 559 27.60 -15.96 19.18
C SER B 559 26.46 -16.68 18.46
N VAL B 560 26.82 -17.64 17.63
CA VAL B 560 25.84 -18.46 16.94
C VAL B 560 26.28 -19.92 17.02
N ASP B 561 25.31 -20.81 17.22
CA ASP B 561 25.58 -22.23 17.32
C ASP B 561 26.17 -22.78 16.03
N LYS B 562 25.43 -22.60 14.92
CA LYS B 562 25.83 -23.15 13.64
C LYS B 562 25.81 -22.03 12.60
N LYS B 563 26.48 -22.28 11.47
CA LYS B 563 26.48 -21.38 10.34
C LYS B 563 25.84 -21.96 9.10
N ASP B 564 25.84 -23.28 8.94
CA ASP B 564 25.14 -23.96 7.86
C ASP B 564 24.17 -24.95 8.49
N VAL B 565 22.88 -24.75 8.23
CA VAL B 565 21.82 -25.50 8.90
C VAL B 565 20.81 -25.94 7.86
N SER B 566 20.08 -27.01 8.19
CA SER B 566 19.09 -27.56 7.29
C SER B 566 17.70 -27.07 7.69
N ASP B 567 16.69 -27.51 6.93
CA ASP B 567 15.32 -27.12 7.19
C ASP B 567 14.85 -27.62 8.55
N ASN B 568 15.14 -28.88 8.87
CA ASN B 568 14.71 -29.50 10.11
C ASN B 568 15.68 -29.28 11.27
N SER B 569 16.64 -28.37 11.12
CA SER B 569 17.64 -28.14 12.15
C SER B 569 17.22 -26.99 13.08
N ILE B 570 18.06 -26.72 14.08
CA ILE B 570 17.81 -25.70 15.09
C ILE B 570 19.13 -25.01 15.41
N ILE B 571 19.09 -23.67 15.50
CA ILE B 571 20.27 -22.86 15.78
C ILE B 571 20.10 -22.22 17.16
N ASN B 572 21.21 -22.08 17.88
CA ASN B 572 21.24 -21.45 19.19
C ASN B 572 22.07 -20.18 19.11
N VAL B 573 21.46 -19.06 19.51
CA VAL B 573 22.09 -17.75 19.43
C VAL B 573 22.39 -17.25 20.84
N SER B 574 23.55 -16.63 21.01
CA SER B 574 23.99 -16.11 22.30
C SER B 574 24.47 -14.69 22.14
N VAL B 575 24.21 -13.87 23.16
CA VAL B 575 24.68 -12.49 23.19
C VAL B 575 24.91 -12.08 24.64
N LYS B 576 25.91 -11.22 24.85
CA LYS B 576 26.25 -10.72 26.17
C LYS B 576 25.76 -9.29 26.33
N VAL B 577 25.01 -9.03 27.40
CA VAL B 577 24.50 -7.71 27.73
C VAL B 577 25.11 -7.26 29.05
N LYS B 578 25.63 -6.04 29.09
CA LYS B 578 26.29 -5.49 30.27
C LYS B 578 25.67 -4.15 30.60
N ASN B 579 25.27 -3.98 31.86
CA ASN B 579 24.76 -2.69 32.33
C ASN B 579 25.95 -1.78 32.59
N VAL B 580 26.15 -0.80 31.71
CA VAL B 580 27.28 0.11 31.81
C VAL B 580 26.92 1.41 32.51
N GLY B 581 25.76 1.47 33.17
CA GLY B 581 25.34 2.66 33.87
C GLY B 581 25.56 2.54 35.37
N LYS B 582 24.96 3.48 36.10
CA LYS B 582 25.11 3.54 37.54
C LYS B 582 23.90 3.01 38.30
N MET B 583 22.81 2.72 37.60
CA MET B 583 21.57 2.27 38.21
C MET B 583 21.15 0.94 37.63
N ALA B 584 20.66 0.05 38.50
CA ALA B 584 20.19 -1.26 38.05
C ALA B 584 18.92 -1.12 37.22
N GLY B 585 18.70 -2.09 36.34
CA GLY B 585 17.53 -2.05 35.48
C GLY B 585 17.41 -3.30 34.64
N LYS B 586 16.25 -3.42 33.99
CA LYS B 586 15.94 -4.53 33.11
C LYS B 586 16.03 -4.08 31.66
N GLU B 587 16.62 -4.93 30.81
CA GLU B 587 16.75 -4.65 29.39
C GLU B 587 16.02 -5.71 28.59
N ILE B 588 15.23 -5.26 27.61
CA ILE B 588 14.52 -6.17 26.71
C ILE B 588 15.41 -6.38 25.49
N VAL B 589 15.96 -7.58 25.36
CA VAL B 589 16.77 -7.95 24.21
C VAL B 589 15.85 -8.47 23.13
N GLN B 590 16.02 -7.97 21.90
CA GLN B 590 15.14 -8.30 20.78
C GLN B 590 15.97 -8.94 19.66
N LEU B 591 15.45 -10.04 19.11
CA LEU B 591 16.09 -10.76 18.02
C LEU B 591 15.21 -10.73 16.79
N TYR B 592 15.78 -10.29 15.66
CA TYR B 592 15.08 -10.26 14.38
C TYR B 592 15.81 -11.14 13.38
N VAL B 593 15.06 -11.68 12.42
CA VAL B 593 15.61 -12.50 11.35
C VAL B 593 15.33 -11.80 10.02
N LYS B 594 16.37 -11.65 9.21
CA LYS B 594 16.26 -11.02 7.90
C LYS B 594 16.61 -12.01 6.81
N ASP B 595 15.77 -12.10 5.79
CA ASP B 595 16.02 -12.92 4.61
C ASP B 595 16.60 -12.01 3.53
N VAL B 596 17.91 -12.14 3.27
CA VAL B 596 18.58 -11.17 2.42
C VAL B 596 18.12 -11.29 0.97
N LYS B 597 17.71 -12.48 0.54
CA LYS B 597 17.28 -12.70 -0.83
C LYS B 597 16.26 -13.83 -0.84
N SER B 598 15.10 -13.58 -1.44
CA SER B 598 14.05 -14.58 -1.54
C SER B 598 13.17 -14.25 -2.74
N SER B 599 12.64 -15.31 -3.36
CA SER B 599 11.77 -15.12 -4.52
C SER B 599 10.47 -14.43 -4.15
N VAL B 600 9.94 -14.69 -2.97
CA VAL B 600 8.70 -14.06 -2.52
C VAL B 600 9.03 -12.76 -1.79
N ARG B 601 8.10 -11.81 -1.85
CA ARG B 601 8.26 -10.57 -1.11
C ARG B 601 7.94 -10.83 0.35
N ARG B 602 8.91 -10.56 1.22
CA ARG B 602 8.74 -10.66 2.66
C ARG B 602 9.35 -9.43 3.28
N PRO B 603 8.94 -9.07 4.51
CA PRO B 603 9.44 -7.84 5.14
C PRO B 603 10.95 -7.81 5.30
N GLU B 604 11.44 -6.61 5.60
CA GLU B 604 12.87 -6.38 5.81
C GLU B 604 13.40 -7.30 6.91
N LYS B 605 12.67 -7.38 8.03
CA LYS B 605 13.03 -8.29 9.11
C LYS B 605 11.78 -8.55 9.93
N GLU B 606 11.80 -9.67 10.66
CA GLU B 606 10.68 -10.09 11.48
C GLU B 606 11.19 -10.55 12.84
N LEU B 607 10.51 -10.12 13.90
CA LEU B 607 10.89 -10.52 15.26
C LEU B 607 10.68 -12.02 15.44
N LYS B 608 11.71 -12.68 15.96
CA LYS B 608 11.65 -14.13 16.20
C LYS B 608 12.12 -14.51 17.59
N GLY B 609 12.39 -13.54 18.47
CA GLY B 609 12.82 -13.85 19.82
C GLY B 609 13.05 -12.63 20.69
N PHE B 610 12.74 -12.74 21.98
CA PHE B 610 12.95 -11.65 22.90
C PHE B 610 13.11 -12.20 24.31
N GLU B 611 14.01 -11.61 25.08
CA GLU B 611 14.20 -11.95 26.48
C GLU B 611 14.46 -10.68 27.26
N LYS B 612 14.13 -10.73 28.56
CA LYS B 612 14.32 -9.60 29.46
C LYS B 612 15.24 -10.04 30.59
N VAL B 613 16.34 -9.32 30.77
CA VAL B 613 17.34 -9.66 31.78
C VAL B 613 17.49 -8.49 32.74
N PHE B 614 17.67 -8.80 34.02
CA PHE B 614 17.93 -7.80 35.04
C PHE B 614 19.43 -7.71 35.30
N LEU B 615 19.94 -6.49 35.33
CA LEU B 615 21.38 -6.27 35.46
C LEU B 615 21.65 -5.17 36.49
N ASN B 616 22.38 -5.51 37.54
CA ASN B 616 22.88 -4.51 38.46
C ASN B 616 23.98 -3.69 37.78
N PRO B 617 24.33 -2.53 38.34
CA PRO B 617 25.38 -1.70 37.73
C PRO B 617 26.68 -2.47 37.53
N GLY B 618 27.18 -2.44 36.29
CA GLY B 618 28.38 -3.17 35.93
C GLY B 618 28.18 -4.65 35.65
N GLU B 619 26.99 -5.18 35.89
CA GLU B 619 26.76 -6.61 35.74
C GLU B 619 26.56 -6.97 34.27
N GLU B 620 27.04 -8.16 33.90
CA GLU B 620 26.91 -8.67 32.55
C GLU B 620 26.35 -10.09 32.59
N LYS B 621 25.36 -10.36 31.75
CA LYS B 621 24.76 -11.67 31.64
C LYS B 621 24.64 -12.07 30.18
N THR B 622 24.61 -13.37 29.94
CA THR B 622 24.46 -13.93 28.60
C THR B 622 22.99 -14.25 28.35
N VAL B 623 22.47 -13.82 27.21
CA VAL B 623 21.10 -14.10 26.80
C VAL B 623 21.15 -15.10 25.66
N THR B 624 20.27 -16.09 25.70
CA THR B 624 20.26 -17.17 24.71
C THR B 624 18.94 -17.21 23.97
N PHE B 625 19.02 -17.56 22.69
CA PHE B 625 17.85 -17.75 21.84
C PHE B 625 18.02 -19.03 21.03
N THR B 626 16.91 -19.70 20.76
CA THR B 626 16.89 -20.84 19.86
C THR B 626 16.02 -20.50 18.66
N LEU B 627 16.50 -20.82 17.47
CA LEU B 627 15.84 -20.43 16.22
C LEU B 627 15.28 -21.67 15.53
N ASP B 628 13.97 -21.72 15.41
CA ASP B 628 13.24 -22.84 14.83
C ASP B 628 13.33 -22.80 13.31
N LYS B 629 12.75 -23.81 12.65
CA LYS B 629 12.51 -23.70 11.22
C LYS B 629 11.58 -22.53 10.92
N ARG B 630 10.58 -22.32 11.76
CA ARG B 630 9.62 -21.24 11.58
C ARG B 630 10.26 -19.87 11.69
N ALA B 631 11.46 -19.78 12.28
CA ALA B 631 12.15 -18.49 12.37
C ALA B 631 12.65 -18.01 11.02
N PHE B 632 12.77 -18.90 10.04
CA PHE B 632 13.24 -18.54 8.71
C PHE B 632 12.22 -18.81 7.62
N ALA B 633 11.11 -19.46 7.93
CA ALA B 633 10.17 -19.92 6.91
C ALA B 633 9.06 -18.92 6.67
N TYR B 634 8.67 -18.77 5.41
CA TYR B 634 7.44 -18.11 5.02
C TYR B 634 6.40 -19.17 4.68
N TYR B 635 5.14 -18.73 4.56
CA TYR B 635 4.06 -19.64 4.21
C TYR B 635 3.93 -19.72 2.69
N ASN B 636 4.10 -20.92 2.15
CA ASN B 636 4.00 -21.18 0.72
C ASN B 636 2.60 -21.72 0.41
N THR B 637 1.82 -20.96 -0.36
CA THR B 637 0.44 -21.35 -0.61
C THR B 637 0.34 -22.52 -1.58
N GLN B 638 1.32 -22.68 -2.47
CA GLN B 638 1.28 -23.79 -3.43
C GLN B 638 1.36 -25.12 -2.70
N ILE B 639 2.41 -25.31 -1.90
CA ILE B 639 2.53 -26.52 -1.10
C ILE B 639 1.72 -26.47 0.18
N LYS B 640 1.06 -25.34 0.46
CA LYS B 640 0.23 -25.17 1.65
C LYS B 640 1.01 -25.50 2.92
N ASP B 641 2.25 -25.02 2.99
CA ASP B 641 3.12 -25.36 4.10
C ASP B 641 4.19 -24.27 4.24
N TRP B 642 4.78 -24.21 5.44
CA TRP B 642 5.87 -23.29 5.67
C TRP B 642 7.10 -23.74 4.90
N HIS B 643 7.75 -22.81 4.21
CA HIS B 643 8.85 -23.13 3.32
C HIS B 643 10.05 -22.23 3.60
N VAL B 644 11.25 -22.82 3.53
CA VAL B 644 12.50 -22.11 3.69
C VAL B 644 13.25 -22.16 2.35
N GLU B 645 13.40 -21.02 1.71
CA GLU B 645 14.23 -20.93 0.52
C GLU B 645 15.70 -20.84 0.92
N SER B 646 16.52 -21.73 0.35
CA SER B 646 17.94 -21.74 0.68
C SER B 646 18.55 -20.37 0.41
N GLY B 647 19.26 -19.83 1.40
CA GLY B 647 19.86 -18.53 1.26
C GLY B 647 20.46 -18.07 2.57
N GLU B 648 20.93 -16.82 2.56
CA GLU B 648 21.56 -16.23 3.72
C GLU B 648 20.52 -15.52 4.58
N PHE B 649 20.66 -15.67 5.90
CA PHE B 649 19.77 -15.03 6.86
C PHE B 649 20.61 -14.28 7.88
N LEU B 650 20.20 -13.06 8.21
CA LEU B 650 20.89 -12.23 9.18
C LEU B 650 20.18 -12.30 10.52
N ILE B 651 20.94 -12.53 11.59
CA ILE B 651 20.43 -12.55 12.96
C ILE B 651 20.71 -11.18 13.56
N LEU B 652 19.68 -10.37 13.69
CA LEU B 652 19.80 -8.99 14.17
C LEU B 652 19.39 -8.93 15.64
N ILE B 653 20.33 -8.50 16.49
CA ILE B 653 20.10 -8.32 17.91
C ILE B 653 20.22 -6.84 18.23
N GLY B 654 19.21 -6.29 18.90
CA GLY B 654 19.24 -4.86 19.18
C GLY B 654 18.33 -4.47 20.32
N ARG B 655 18.35 -3.17 20.63
CA ARG B 655 17.51 -2.60 21.68
C ARG B 655 16.14 -2.18 21.19
N SER B 656 15.93 -2.16 19.87
CA SER B 656 14.65 -1.85 19.26
C SER B 656 14.72 -2.29 17.81
N SER B 657 13.57 -2.23 17.13
CA SER B 657 13.54 -2.59 15.72
C SER B 657 14.38 -1.64 14.87
N ARG B 658 14.77 -0.48 15.39
CA ARG B 658 15.64 0.45 14.67
C ARG B 658 16.90 0.78 15.46
N ASP B 659 17.29 -0.08 16.40
CA ASP B 659 18.54 0.07 17.15
C ASP B 659 19.24 -1.28 17.21
N ILE B 660 19.56 -1.82 16.05
CA ILE B 660 20.29 -3.09 15.95
C ILE B 660 21.75 -2.82 16.27
N VAL B 661 22.30 -3.63 17.19
CA VAL B 661 23.65 -3.42 17.66
C VAL B 661 24.61 -4.53 17.21
N LEU B 662 24.13 -5.76 17.10
CA LEU B 662 24.98 -6.87 16.70
C LEU B 662 24.27 -7.69 15.63
N LYS B 663 25.07 -8.27 14.74
CA LYS B 663 24.53 -9.05 13.63
C LYS B 663 25.40 -10.29 13.43
N GLU B 664 24.78 -11.33 12.89
CA GLU B 664 25.49 -12.55 12.55
C GLU B 664 24.82 -13.15 11.32
N SER B 665 25.62 -13.68 10.41
CA SER B 665 25.11 -14.27 9.18
C SER B 665 24.96 -15.77 9.34
N VAL B 666 23.86 -16.31 8.83
CA VAL B 666 23.60 -17.74 8.85
C VAL B 666 23.10 -18.16 7.47
N ARG B 667 23.41 -19.41 7.11
CA ARG B 667 22.96 -20.01 5.85
C ARG B 667 22.04 -21.16 6.18
N VAL B 668 20.77 -21.04 5.79
CA VAL B 668 19.77 -22.07 6.03
C VAL B 668 19.41 -22.72 4.70
N ASN B 669 19.39 -24.05 4.67
CA ASN B 669 19.13 -24.81 3.45
C ASN B 669 17.94 -25.73 3.65
N SER B 670 17.36 -26.15 2.53
CA SER B 670 16.25 -27.09 2.53
C SER B 670 16.48 -28.10 1.40
N THR B 671 16.08 -29.34 1.64
CA THR B 671 16.01 -30.33 0.57
C THR B 671 14.66 -30.34 -0.12
N VAL B 672 13.67 -29.61 0.42
CA VAL B 672 12.35 -29.52 -0.20
C VAL B 672 12.43 -28.58 -1.38
N LYS B 673 11.95 -29.05 -2.53
CA LYS B 673 11.94 -28.25 -3.76
C LYS B 673 10.55 -28.27 -4.36
N ILE B 674 10.03 -27.07 -4.67
CA ILE B 674 8.70 -26.96 -5.26
C ILE B 674 8.80 -27.17 -6.76
N ARG B 675 7.95 -28.05 -7.29
CA ARG B 675 7.95 -28.38 -8.70
C ARG B 675 6.97 -27.46 -9.43
N LYS B 676 7.48 -26.71 -10.41
CA LYS B 676 6.65 -25.83 -11.22
C LYS B 676 6.24 -26.56 -12.49
N ARG B 677 4.94 -26.48 -12.81
CA ARG B 677 4.41 -27.09 -14.02
C ARG B 677 4.40 -26.07 -15.15
N PHE B 678 5.00 -26.44 -16.28
CA PHE B 678 5.15 -25.54 -17.41
C PHE B 678 4.14 -25.87 -18.50
N THR B 679 3.74 -24.85 -19.25
CA THR B 679 2.84 -24.98 -20.39
C THR B 679 3.45 -24.27 -21.58
N VAL B 680 2.69 -24.23 -22.69
CA VAL B 680 3.14 -23.50 -23.88
C VAL B 680 3.16 -22.00 -23.67
N ASN B 681 2.54 -21.51 -22.60
CA ASN B 681 2.53 -20.09 -22.27
C ASN B 681 3.53 -19.73 -21.18
N SER B 682 4.46 -20.64 -20.86
CA SER B 682 5.44 -20.36 -19.82
C SER B 682 6.61 -19.58 -20.39
N ALA B 683 7.13 -18.65 -19.59
CA ALA B 683 8.27 -17.86 -20.03
C ALA B 683 9.51 -18.73 -20.18
N VAL B 684 10.32 -18.41 -21.20
CA VAL B 684 11.51 -19.21 -21.46
C VAL B 684 12.46 -19.20 -20.27
N GLU B 685 12.62 -18.03 -19.64
CA GLU B 685 13.53 -17.95 -18.49
C GLU B 685 13.03 -18.80 -17.32
N ASP B 686 11.71 -18.89 -17.14
CA ASP B 686 11.16 -19.70 -16.06
C ASP B 686 11.39 -21.18 -16.33
N VAL B 687 11.32 -21.61 -17.59
CA VAL B 687 11.56 -23.01 -17.91
C VAL B 687 13.04 -23.34 -17.75
N MET B 688 13.93 -22.39 -18.06
CA MET B 688 15.36 -22.61 -17.87
C MET B 688 15.77 -22.61 -16.41
N SER B 689 14.84 -22.38 -15.48
CA SER B 689 15.15 -22.43 -14.06
C SER B 689 15.18 -23.85 -13.52
N ASP B 690 14.48 -24.78 -14.16
CA ASP B 690 14.50 -26.20 -13.79
C ASP B 690 15.58 -26.89 -14.63
N SER B 691 16.66 -27.33 -13.97
CA SER B 691 17.79 -27.90 -14.69
C SER B 691 17.39 -29.13 -15.50
N SER B 692 16.41 -29.90 -15.02
CA SER B 692 15.90 -31.02 -15.80
C SER B 692 15.19 -30.54 -17.06
N ALA B 693 14.25 -29.60 -16.90
CA ALA B 693 13.52 -29.08 -18.05
C ALA B 693 14.41 -28.22 -18.94
N ALA B 694 15.38 -27.51 -18.35
CA ALA B 694 16.29 -26.70 -19.16
C ALA B 694 17.11 -27.56 -20.11
N ALA B 695 17.42 -28.80 -19.70
CA ALA B 695 18.14 -29.70 -20.60
C ALA B 695 17.31 -30.05 -21.83
N VAL B 696 15.98 -30.00 -21.71
CA VAL B 696 15.11 -30.28 -22.85
C VAL B 696 15.04 -29.08 -23.78
N LEU B 697 14.96 -27.87 -23.22
CA LEU B 697 14.73 -26.66 -24.00
C LEU B 697 16.02 -25.98 -24.45
N GLY B 698 17.13 -26.20 -23.73
CA GLY B 698 18.39 -25.55 -24.02
C GLY B 698 18.85 -25.67 -25.45
N PRO B 699 19.03 -26.90 -25.95
CA PRO B 699 19.48 -27.06 -27.34
C PRO B 699 18.60 -26.36 -28.37
N VAL B 700 17.28 -26.48 -28.25
CA VAL B 700 16.39 -25.83 -29.20
C VAL B 700 16.51 -24.32 -29.09
N LEU B 701 16.59 -23.81 -27.85
CA LEU B 701 16.76 -22.38 -27.65
C LEU B 701 18.12 -21.89 -28.11
N LYS B 702 19.16 -22.73 -27.96
CA LYS B 702 20.50 -22.33 -28.38
C LYS B 702 20.57 -22.10 -29.88
N GLU B 703 19.85 -22.92 -30.66
CA GLU B 703 19.82 -22.72 -32.10
C GLU B 703 19.20 -21.39 -32.47
N ILE B 704 18.15 -20.99 -31.75
CA ILE B 704 17.45 -19.75 -32.08
C ILE B 704 18.28 -18.54 -31.65
N THR B 705 19.00 -18.67 -30.52
CA THR B 705 19.76 -17.55 -30.00
C THR B 705 20.94 -17.21 -30.90
N ASP B 706 21.63 -18.21 -31.45
CA ASP B 706 22.75 -17.95 -32.34
C ASP B 706 22.30 -17.51 -33.73
N ALA B 707 21.18 -18.04 -34.22
CA ALA B 707 20.69 -17.63 -35.53
C ALA B 707 20.30 -16.16 -35.56
N LEU B 708 19.87 -15.61 -34.43
CA LEU B 708 19.52 -14.20 -34.33
C LEU B 708 20.66 -13.34 -33.82
N GLN B 709 21.82 -13.92 -33.52
CA GLN B 709 22.99 -13.18 -33.08
C GLN B 709 22.70 -12.39 -31.81
N ILE B 710 21.95 -13.01 -30.90
CA ILE B 710 21.55 -12.38 -29.64
C ILE B 710 22.45 -12.90 -28.53
N ASP B 711 23.03 -11.97 -27.77
CA ASP B 711 23.82 -12.33 -26.61
C ASP B 711 22.88 -12.51 -25.42
N MET B 712 22.98 -13.64 -24.73
CA MET B 712 22.09 -13.97 -23.62
C MET B 712 22.73 -13.75 -22.26
N ASP B 713 23.99 -13.33 -22.21
CA ASP B 713 24.60 -12.90 -20.97
C ASP B 713 24.60 -11.39 -20.83
N ASN B 714 24.00 -10.67 -21.78
CA ASN B 714 23.81 -9.23 -21.69
C ASN B 714 22.48 -8.99 -20.97
N ALA B 715 22.55 -8.71 -19.68
CA ALA B 715 21.36 -8.49 -18.86
C ALA B 715 20.73 -7.12 -19.07
N HIS B 716 21.31 -6.29 -19.93
CA HIS B 716 20.80 -4.95 -20.18
C HIS B 716 20.55 -4.74 -21.67
N ASP B 717 20.07 -5.78 -22.35
CA ASP B 717 19.75 -5.72 -23.77
C ASP B 717 18.30 -6.14 -23.98
N MET B 718 17.62 -5.44 -24.88
CA MET B 718 16.19 -5.68 -25.09
C MET B 718 15.92 -7.06 -25.68
N MET B 719 16.64 -7.43 -26.74
CA MET B 719 16.35 -8.69 -27.41
C MET B 719 16.65 -9.88 -26.52
N ALA B 720 17.70 -9.80 -25.70
CA ALA B 720 17.95 -10.83 -24.71
C ALA B 720 16.80 -10.91 -23.71
N ALA B 721 16.26 -9.75 -23.30
CA ALA B 721 15.14 -9.74 -22.36
C ALA B 721 13.85 -10.21 -23.03
N ASN B 722 13.73 -10.04 -24.35
CA ASN B 722 12.56 -10.58 -25.04
C ASN B 722 12.58 -12.09 -25.07
N ILE B 723 13.77 -12.70 -25.23
CA ILE B 723 13.86 -14.15 -25.22
C ILE B 723 13.51 -14.70 -23.85
N LYS B 724 13.89 -13.98 -22.79
CA LYS B 724 13.60 -14.45 -21.44
C LYS B 724 12.12 -14.38 -21.13
N ASN B 725 11.47 -13.27 -21.49
CA ASN B 725 10.04 -13.09 -21.25
C ASN B 725 9.17 -13.88 -22.22
N MET B 726 9.75 -14.36 -23.31
CA MET B 726 8.99 -14.97 -24.37
C MET B 726 8.29 -16.24 -23.89
N PRO B 727 7.03 -16.45 -24.27
CA PRO B 727 6.40 -17.76 -24.03
C PRO B 727 6.95 -18.82 -24.97
N LEU B 728 6.83 -20.07 -24.56
CA LEU B 728 7.36 -21.16 -25.39
C LEU B 728 6.69 -21.20 -26.76
N ARG B 729 5.42 -20.81 -26.83
CA ARG B 729 4.72 -20.82 -28.12
C ARG B 729 5.34 -19.83 -29.10
N SER B 730 5.88 -18.72 -28.61
CA SER B 730 6.53 -17.74 -29.48
C SER B 730 7.82 -18.28 -30.08
N LEU B 731 8.40 -19.33 -29.49
CA LEU B 731 9.62 -19.90 -30.05
C LEU B 731 9.38 -20.41 -31.47
N VAL B 732 8.19 -20.95 -31.75
CA VAL B 732 7.87 -21.35 -33.11
C VAL B 732 7.90 -20.15 -34.05
N GLY B 733 7.42 -18.99 -33.57
CA GLY B 733 7.54 -17.78 -34.36
C GLY B 733 8.98 -17.34 -34.56
N TYR B 734 9.85 -17.71 -33.63
CA TYR B 734 11.29 -17.51 -33.77
C TYR B 734 11.91 -18.77 -34.37
N SEP B 735 11.09 -19.48 -35.15
CA SEP B 735 11.45 -20.68 -35.92
CB SEP B 735 12.80 -20.49 -36.63
OG SEP B 735 12.94 -19.16 -37.16
C SEP B 735 11.48 -21.99 -35.13
O SEP B 735 12.48 -22.33 -34.50
P SEP B 735 12.23 -18.98 -38.60
O1P SEP B 735 13.01 -19.85 -39.70
O2P SEP B 735 12.32 -17.43 -39.02
O3P SEP B 735 10.68 -19.40 -38.56
N GLN B 736 10.37 -22.72 -35.20
CA GLN B 736 10.25 -24.07 -34.65
C GLN B 736 8.98 -24.74 -35.19
N GLY B 737 8.70 -25.96 -34.71
CA GLY B 737 7.50 -26.70 -35.10
C GLY B 737 6.55 -26.88 -33.93
N ARG B 738 5.28 -26.56 -34.17
CA ARG B 738 4.27 -26.63 -33.11
C ARG B 738 4.17 -28.04 -32.53
N LEU B 739 4.20 -29.06 -33.38
CA LEU B 739 4.12 -30.44 -32.87
C LEU B 739 5.36 -30.79 -32.04
N SER B 740 6.53 -30.35 -32.49
CA SER B 740 7.74 -30.55 -31.69
C SER B 740 7.63 -29.82 -30.35
N GLU B 741 6.98 -28.66 -30.35
CA GLU B 741 6.78 -27.91 -29.12
C GLU B 741 5.91 -28.68 -28.12
N GLU B 742 4.85 -29.32 -28.61
CA GLU B 742 4.00 -30.11 -27.73
C GLU B 742 4.77 -31.27 -27.13
N MET B 743 5.68 -31.88 -27.90
CA MET B 743 6.53 -32.92 -27.36
C MET B 743 7.53 -32.35 -26.35
N LEU B 744 8.06 -31.17 -26.63
CA LEU B 744 9.00 -30.53 -25.71
C LEU B 744 8.32 -30.19 -24.38
N GLU B 745 7.05 -29.77 -24.44
CA GLU B 745 6.32 -29.50 -23.21
C GLU B 745 6.06 -30.78 -22.42
N GLU B 746 5.80 -31.88 -23.13
CA GLU B 746 5.59 -33.17 -22.44
C GLU B 746 6.85 -33.61 -21.71
N LEU B 747 8.01 -33.47 -22.35
CA LEU B 747 9.26 -33.87 -21.70
C LEU B 747 9.59 -32.95 -20.52
N VAL B 748 9.24 -31.67 -20.61
CA VAL B 748 9.56 -30.74 -19.53
C VAL B 748 8.76 -31.07 -18.28
N ASP B 749 7.47 -31.37 -18.43
CA ASP B 749 6.66 -31.74 -17.27
C ASP B 749 7.06 -33.10 -16.71
N LYS B 750 7.40 -34.05 -17.59
CA LYS B 750 7.83 -35.38 -17.16
C LYS B 750 9.23 -35.32 -16.56
C1 GOL C . 8.14 -3.56 -30.87
O1 GOL C . 7.59 -3.52 -29.59
C2 GOL C . 6.98 -3.22 -31.85
O2 GOL C . 6.39 -2.01 -31.54
C3 GOL C . 7.65 -3.22 -33.27
O3 GOL C . 8.95 -2.74 -33.11
C1 GOL D . -1.05 0.11 0.61
O1 GOL D . -0.85 -0.69 -0.53
C2 GOL D . -0.04 1.28 0.53
O2 GOL D . -0.08 2.09 1.67
C3 GOL D . 1.34 0.61 0.34
O3 GOL D . 2.27 1.64 0.25
C1 GOL E . 12.49 -9.40 -17.77
O1 GOL E . 12.84 -8.39 -18.66
C2 GOL E . 13.78 -9.85 -17.04
O2 GOL E . 13.72 -11.18 -16.66
C3 GOL E . 13.92 -8.90 -15.81
O3 GOL E . 13.11 -7.77 -16.05
C1 BME F . -10.28 10.34 -19.24
C2 BME F . -10.46 11.46 -18.21
O1 BME F . -9.35 10.75 -20.23
S2 BME F . -8.82 12.04 -17.70
CL CL G . -1.80 1.87 -18.85
C1 GOL H . -19.20 -9.57 25.96
O1 GOL H . -19.57 -10.00 27.23
C2 GOL H . -18.00 -10.44 25.54
O2 GOL H . -18.41 -11.62 24.93
C3 GOL H . -17.19 -9.57 24.58
O3 GOL H . -18.01 -9.34 23.48
C1 GOL I . 11.13 -24.25 -39.07
O1 GOL I . 10.75 -22.92 -39.29
C2 GOL I . 12.00 -24.25 -37.80
O2 GOL I . 11.97 -25.47 -37.15
C3 GOL I . 13.43 -23.89 -38.29
O3 GOL I . 13.34 -22.66 -38.91
C1 BME J . 3.33 -18.66 15.22
C2 BME J . 4.80 -18.27 15.06
O1 BME J . 2.81 -18.05 16.39
S2 BME J . 4.97 -16.51 15.46
CL CL K . -6.21 -11.44 14.17
#